data_3H5N
#
_entry.id   3H5N
#
_cell.length_a   55.847
_cell.length_b   138.239
_cell.length_c   80.224
_cell.angle_alpha   90.000
_cell.angle_beta   92.620
_cell.angle_gamma   90.000
#
_symmetry.space_group_name_H-M   'P 1 21 1'
#
loop_
_entity.id
_entity.type
_entity.pdbx_description
1 polymer 'MccB protein'
2 non-polymer 'ZINC ION'
3 non-polymer 'MAGNESIUM ION'
4 non-polymer "ADENOSINE-5'-TRIPHOSPHATE"
5 non-polymer 'SULFATE ION'
6 water water
#
_entity_poly.entity_id   1
_entity_poly.type   'polypeptide(L)'
_entity_poly.pdbx_seq_one_letter_code
;GSHMDYILGRYVKIARYGSGGLVGGGGKEQYVENLVLWENIIKTAYCFITPSSYTAALETANIPEKDFSNCFRFLKENFF
IIPGEYNNSTENNRYSRNFLHYQSYGANPVLVQDKLKNAKVVILGCGGIGNHVSVILATSGIGEIILIDNDQIENTNLTR
QVLFSEDDVGKNKTEVIKRELLKRNSEISVSEIALNINDYTDLHKVPEADIWVVSADHPFNLINWVNKYCVRANQPYINA
GYVNDIAVFGPLYVPGKTGCYECQKVVADLYGSEKENIDHKIKLINSRFKPATFAPVNNVAAALCAADVIKFIGKYSEPL
SLNKRIGIWSDEIKIHSQNMGRSPVCSVCGNRM
;
_entity_poly.pdbx_strand_id   A,B,C,D
#
loop_
_chem_comp.id
_chem_comp.type
_chem_comp.name
_chem_comp.formula
ATP non-polymer ADENOSINE-5'-TRIPHOSPHATE 'C10 H16 N5 O13 P3'
MG non-polymer 'MAGNESIUM ION' 'Mg 2'
SO4 non-polymer 'SULFATE ION' 'O4 S -2'
ZN non-polymer 'ZINC ION' 'Zn 2'
#
# COMPACT_ATOMS: atom_id res chain seq x y z
N MET A 4 -21.41 2.05 -46.74
CA MET A 4 -20.96 3.45 -47.02
C MET A 4 -21.01 4.31 -45.74
N ASP A 5 -21.14 3.63 -44.60
CA ASP A 5 -21.32 4.29 -43.31
C ASP A 5 -20.03 4.91 -42.75
N TYR A 6 -20.19 6.07 -42.13
CA TYR A 6 -19.13 6.68 -41.35
C TYR A 6 -19.66 6.88 -39.93
N ILE A 7 -18.73 6.91 -38.99
CA ILE A 7 -19.10 7.07 -37.60
C ILE A 7 -18.10 8.00 -36.90
N LEU A 8 -18.60 8.87 -36.04
CA LEU A 8 -17.74 9.74 -35.27
C LEU A 8 -16.91 8.95 -34.27
N GLY A 9 -15.60 9.18 -34.33
CA GLY A 9 -14.66 8.62 -33.35
C GLY A 9 -15.00 8.96 -31.93
N ARG A 10 -14.87 7.96 -31.07
CA ARG A 10 -15.17 8.10 -29.67
C ARG A 10 -14.14 8.99 -28.98
N TYR A 11 -12.95 9.06 -29.57
CA TYR A 11 -11.83 9.86 -29.10
C TYR A 11 -11.92 11.35 -29.50
N VAL A 12 -13.02 11.72 -30.17
CA VAL A 12 -13.25 13.10 -30.58
C VAL A 12 -13.86 13.92 -29.42
N LYS A 13 -13.23 15.05 -29.12
CA LYS A 13 -13.78 16.04 -28.21
C LYS A 13 -13.75 17.42 -28.88
N ILE A 14 -14.62 18.31 -28.42
CA ILE A 14 -14.70 19.67 -28.93
C ILE A 14 -14.80 20.60 -27.74
N ALA A 15 -14.39 21.87 -27.93
CA ALA A 15 -14.52 22.86 -26.88
C ALA A 15 -14.60 24.25 -27.49
N ARG A 16 -15.47 25.09 -26.94
CA ARG A 16 -15.54 26.49 -27.35
C ARG A 16 -14.30 27.19 -26.79
N TYR A 17 -13.59 27.91 -27.66
CA TYR A 17 -12.29 28.49 -27.32
C TYR A 17 -11.96 29.63 -28.27
N GLY A 18 -11.50 30.74 -27.72
CA GLY A 18 -11.09 31.90 -28.52
C GLY A 18 -12.28 32.51 -29.26
N SER A 19 -12.05 32.87 -30.51
CA SER A 19 -13.11 33.38 -31.37
C SER A 19 -13.95 32.26 -31.98
N GLY A 20 -13.57 31.01 -31.70
CA GLY A 20 -14.22 29.85 -32.30
C GLY A 20 -14.12 28.65 -31.38
N GLY A 21 -13.35 27.66 -31.80
CA GLY A 21 -13.22 26.45 -30.99
C GLY A 21 -12.16 25.46 -31.43
N LEU A 22 -12.03 24.44 -30.60
CA LEU A 22 -11.08 23.35 -30.80
C LEU A 22 -11.86 22.13 -31.26
N VAL A 23 -11.24 21.32 -32.13
CA VAL A 23 -11.80 20.03 -32.55
C VAL A 23 -10.72 18.98 -32.44
N GLY A 24 -11.01 17.88 -31.75
CA GLY A 24 -10.05 16.81 -31.60
C GLY A 24 -9.25 16.96 -30.33
N GLY A 25 -8.63 15.87 -29.89
CA GLY A 25 -7.76 15.90 -28.72
C GLY A 25 -6.48 15.17 -29.07
N GLY A 26 -5.36 15.65 -28.53
CA GLY A 26 -4.06 15.01 -28.83
C GLY A 26 -3.35 15.70 -29.98
N GLY A 27 -2.51 14.96 -30.70
CA GLY A 27 -1.72 15.53 -31.79
C GLY A 27 -2.55 16.19 -32.88
N LYS A 28 -3.78 15.72 -33.06
CA LYS A 28 -4.65 16.20 -34.15
C LYS A 28 -5.58 17.36 -33.76
N GLU A 29 -5.52 17.82 -32.50
CA GLU A 29 -6.32 18.98 -32.08
C GLU A 29 -6.13 20.17 -33.01
N GLN A 30 -7.24 20.70 -33.51
CA GLN A 30 -7.21 21.85 -34.42
C GLN A 30 -8.00 23.02 -33.84
N TYR A 31 -7.46 24.22 -34.00
CA TYR A 31 -8.17 25.41 -33.58
C TYR A 31 -8.79 26.02 -34.81
N VAL A 32 -10.12 26.18 -34.77
CA VAL A 32 -10.84 26.83 -35.86
C VAL A 32 -11.34 28.16 -35.33
N GLU A 33 -10.72 29.22 -35.84
CA GLU A 33 -10.91 30.58 -35.33
C GLU A 33 -12.26 31.15 -35.71
N ASN A 34 -12.86 30.62 -36.76
CA ASN A 34 -14.13 31.12 -37.23
C ASN A 34 -15.32 30.45 -36.54
N LEU A 35 -16.04 31.22 -35.72
CA LEU A 35 -17.13 30.67 -34.89
C LEU A 35 -18.14 29.88 -35.72
N VAL A 36 -18.57 30.48 -36.83
CA VAL A 36 -19.58 29.87 -37.70
C VAL A 36 -19.08 28.56 -38.33
N LEU A 37 -17.82 28.55 -38.78
CA LEU A 37 -17.20 27.34 -39.31
C LEU A 37 -17.10 26.24 -38.24
N TRP A 38 -16.66 26.62 -37.03
CA TRP A 38 -16.55 25.69 -35.91
C TRP A 38 -17.92 25.09 -35.59
N GLU A 39 -18.93 25.95 -35.51
CA GLU A 39 -20.30 25.53 -35.24
C GLU A 39 -20.78 24.51 -36.26
N ASN A 40 -20.47 24.76 -37.52
CA ASN A 40 -20.84 23.85 -38.61
C ASN A 40 -20.17 22.49 -38.50
N ILE A 41 -18.91 22.48 -38.05
CA ILE A 41 -18.16 21.23 -37.86
C ILE A 41 -18.83 20.41 -36.78
N ILE A 42 -19.26 21.07 -35.71
CA ILE A 42 -20.01 20.41 -34.63
C ILE A 42 -21.30 19.81 -35.16
N LYS A 43 -22.06 20.60 -35.92
CA LYS A 43 -23.35 20.14 -36.43
C LYS A 43 -23.13 18.95 -37.34
N THR A 44 -22.08 19.00 -38.16
CA THR A 44 -21.75 17.88 -39.04
C THR A 44 -21.32 16.64 -38.24
N ALA A 45 -20.41 16.82 -37.30
CA ALA A 45 -19.93 15.73 -36.45
C ALA A 45 -21.10 15.02 -35.75
N TYR A 46 -22.07 15.81 -35.29
CA TYR A 46 -23.26 15.33 -34.59
C TYR A 46 -24.06 14.33 -35.45
N CYS A 47 -24.15 14.63 -36.74
CA CYS A 47 -24.83 13.78 -37.72
C CYS A 47 -24.21 12.41 -37.92
N PHE A 48 -22.95 12.23 -37.48
CA PHE A 48 -22.26 10.94 -37.60
C PHE A 48 -22.06 10.19 -36.27
N ILE A 49 -22.78 10.59 -35.22
CA ILE A 49 -22.70 9.88 -33.94
C ILE A 49 -23.14 8.43 -34.12
N THR A 50 -24.24 8.24 -34.85
CA THR A 50 -24.71 6.94 -35.35
C THR A 50 -24.12 6.67 -36.74
N PRO A 51 -23.84 5.40 -37.05
CA PRO A 51 -23.16 5.11 -38.32
C PRO A 51 -24.06 5.46 -39.50
N SER A 52 -23.55 6.32 -40.37
CA SER A 52 -24.39 6.99 -41.38
C SER A 52 -23.59 7.24 -42.65
N SER A 53 -24.20 6.99 -43.81
CA SER A 53 -23.63 7.45 -45.08
C SER A 53 -23.60 8.98 -45.14
N TYR A 54 -22.79 9.53 -46.05
CA TYR A 54 -22.71 10.95 -46.26
C TYR A 54 -24.12 11.51 -46.54
N THR A 55 -24.88 10.84 -47.41
CA THR A 55 -26.21 11.32 -47.78
C THR A 55 -27.19 11.23 -46.61
N ALA A 56 -27.17 10.09 -45.90
CA ALA A 56 -28.05 9.92 -44.75
C ALA A 56 -27.77 10.96 -43.70
N ALA A 57 -26.49 11.20 -43.40
CA ALA A 57 -26.15 12.24 -42.42
C ALA A 57 -26.60 13.62 -42.88
N LEU A 58 -26.35 13.93 -44.15
CA LEU A 58 -26.65 15.26 -44.70
C LEU A 58 -28.15 15.58 -44.59
N GLU A 59 -28.97 14.53 -44.70
CA GLU A 59 -30.42 14.71 -44.62
C GLU A 59 -30.93 15.14 -43.25
N THR A 60 -30.09 14.96 -42.22
CA THR A 60 -30.43 15.38 -40.86
C THR A 60 -29.71 16.67 -40.44
N ALA A 61 -28.86 17.19 -41.34
CA ALA A 61 -28.08 18.40 -41.06
C ALA A 61 -28.93 19.63 -41.42
N ASN A 62 -28.85 20.67 -40.62
CA ASN A 62 -29.63 21.87 -40.92
C ASN A 62 -28.75 22.93 -41.60
N ILE A 63 -27.76 22.49 -42.38
CA ILE A 63 -26.81 23.42 -43.01
C ILE A 63 -26.70 23.20 -44.51
N PRO A 64 -26.32 24.26 -45.27
CA PRO A 64 -26.19 24.08 -46.72
C PRO A 64 -25.19 22.95 -47.05
N GLU A 65 -25.45 22.21 -48.12
CA GLU A 65 -24.60 21.08 -48.53
C GLU A 65 -23.12 21.42 -48.74
N LYS A 66 -22.82 22.64 -49.21
CA LYS A 66 -21.42 23.05 -49.39
C LYS A 66 -20.68 23.11 -48.05
N ASP A 67 -21.34 23.65 -47.04
CA ASP A 67 -20.79 23.73 -45.70
C ASP A 67 -20.64 22.34 -45.11
N PHE A 68 -21.68 21.53 -45.28
CA PHE A 68 -21.64 20.14 -44.85
C PHE A 68 -20.50 19.37 -45.52
N SER A 69 -20.40 19.50 -46.84
CA SER A 69 -19.36 18.79 -47.60
C SER A 69 -17.94 19.09 -47.06
N ASN A 70 -17.67 20.38 -46.84
CA ASN A 70 -16.40 20.84 -46.33
C ASN A 70 -16.11 20.35 -44.92
N CYS A 71 -17.12 20.36 -44.04
CA CYS A 71 -16.96 19.83 -42.69
C CYS A 71 -16.76 18.31 -42.69
N PHE A 72 -17.48 17.59 -43.55
CA PHE A 72 -17.29 16.17 -43.72
C PHE A 72 -15.85 15.92 -44.11
N ARG A 73 -15.35 16.72 -45.05
CA ARG A 73 -14.00 16.54 -45.52
C ARG A 73 -12.96 16.76 -44.41
N PHE A 74 -13.14 17.81 -43.60
CA PHE A 74 -12.27 18.07 -42.45
C PHE A 74 -12.27 16.91 -41.44
N LEU A 75 -13.46 16.43 -41.11
CA LEU A 75 -13.61 15.31 -40.17
C LEU A 75 -12.99 14.02 -40.69
N LYS A 76 -13.18 13.74 -41.97
CA LYS A 76 -12.64 12.51 -42.56
C LYS A 76 -11.09 12.58 -42.66
N GLU A 77 -10.57 13.72 -43.08
CA GLU A 77 -9.12 13.85 -43.26
C GLU A 77 -8.39 13.61 -41.94
N ASN A 78 -8.98 14.06 -40.85
CA ASN A 78 -8.37 13.94 -39.54
C ASN A 78 -8.72 12.65 -38.80
N PHE A 79 -9.47 11.78 -39.46
CA PHE A 79 -10.00 10.53 -38.88
C PHE A 79 -10.84 10.73 -37.64
N PHE A 80 -11.54 11.87 -37.62
CA PHE A 80 -12.48 12.19 -36.54
C PHE A 80 -13.77 11.41 -36.81
N ILE A 81 -14.09 11.25 -38.09
CA ILE A 81 -15.03 10.25 -38.54
C ILE A 81 -14.28 9.17 -39.31
N ILE A 82 -14.66 7.93 -39.09
CA ILE A 82 -13.97 6.79 -39.65
C ILE A 82 -14.99 5.86 -40.30
N PRO A 83 -14.57 5.01 -41.24
CA PRO A 83 -15.48 3.99 -41.77
C PRO A 83 -16.20 3.22 -40.66
N GLY A 84 -17.53 3.09 -40.77
CA GLY A 84 -18.37 2.36 -39.82
C GLY A 84 -17.86 0.99 -39.43
N GLU A 85 -17.38 0.21 -40.40
CA GLU A 85 -16.88 -1.15 -40.12
C GLU A 85 -15.65 -1.18 -39.19
N TYR A 86 -14.97 -0.04 -39.03
CA TYR A 86 -13.77 0.04 -38.18
C TYR A 86 -14.15 0.04 -36.72
N ASN A 87 -15.44 0.19 -36.46
CA ASN A 87 -15.94 0.14 -35.12
C ASN A 87 -16.58 -1.20 -34.80
N ASN A 88 -16.44 -2.16 -35.72
CA ASN A 88 -17.07 -3.47 -35.60
C ASN A 88 -16.18 -4.48 -34.88
N SER A 89 -16.13 -4.33 -33.57
CA SER A 89 -15.56 -5.32 -32.66
C SER A 89 -16.28 -5.09 -31.34
N THR A 90 -16.15 -6.03 -30.41
CA THR A 90 -16.73 -5.89 -29.08
C THR A 90 -15.95 -4.90 -28.24
N GLU A 91 -16.70 -4.10 -27.48
CA GLU A 91 -16.15 -3.32 -26.37
C GLU A 91 -15.44 -4.26 -25.39
N ASN A 92 -15.77 -5.55 -25.50
CA ASN A 92 -15.22 -6.61 -24.68
C ASN A 92 -13.90 -7.23 -25.15
N ASN A 93 -13.46 -6.86 -26.36
CA ASN A 93 -12.17 -7.30 -26.90
C ASN A 93 -11.10 -6.81 -25.94
N ARG A 94 -10.19 -7.69 -25.54
CA ARG A 94 -9.10 -7.31 -24.64
C ARG A 94 -8.26 -6.12 -25.16
N TYR A 95 -8.20 -5.97 -26.48
CA TYR A 95 -7.38 -4.93 -27.12
C TYR A 95 -8.17 -3.67 -27.48
N SER A 96 -9.43 -3.62 -27.07
CA SER A 96 -10.35 -2.52 -27.43
C SER A 96 -9.84 -1.10 -27.15
N ARG A 97 -9.06 -0.90 -26.09
CA ARG A 97 -8.52 0.45 -25.88
C ARG A 97 -7.50 0.83 -26.95
N ASN A 98 -6.62 -0.11 -27.29
CA ASN A 98 -5.66 0.10 -28.37
C ASN A 98 -6.37 0.39 -29.70
N PHE A 99 -7.54 -0.20 -29.86
CA PHE A 99 -8.36 -0.01 -31.05
C PHE A 99 -8.73 1.44 -31.33
N LEU A 100 -9.06 2.20 -30.29
CA LEU A 100 -9.35 3.63 -30.48
C LEU A 100 -8.11 4.38 -30.93
N HIS A 101 -6.97 4.00 -30.37
CA HIS A 101 -5.68 4.54 -30.79
C HIS A 101 -5.44 4.29 -32.30
N TYR A 102 -5.55 3.04 -32.74
CA TYR A 102 -5.45 2.73 -34.18
C TYR A 102 -6.47 3.48 -35.02
N GLN A 103 -7.73 3.54 -34.58
CA GLN A 103 -8.76 4.30 -35.28
C GLN A 103 -8.35 5.75 -35.56
N SER A 104 -7.80 6.39 -34.54
CA SER A 104 -7.45 7.82 -34.60
C SER A 104 -6.35 8.14 -35.60
N TYR A 105 -5.62 7.11 -36.04
CA TYR A 105 -4.61 7.20 -37.10
C TYR A 105 -5.13 6.72 -38.45
N GLY A 106 -6.44 6.56 -38.56
CA GLY A 106 -7.07 6.08 -39.79
C GLY A 106 -6.85 4.63 -40.20
N ALA A 107 -6.44 3.79 -39.23
CA ALA A 107 -6.25 2.38 -39.49
C ALA A 107 -7.51 1.63 -39.09
N ASN A 108 -7.64 0.42 -39.63
CA ASN A 108 -8.68 -0.54 -39.29
C ASN A 108 -8.06 -1.41 -38.21
N PRO A 109 -8.58 -1.29 -36.96
CA PRO A 109 -7.90 -1.84 -35.79
C PRO A 109 -7.72 -3.36 -35.86
N VAL A 110 -8.68 -4.03 -36.51
CA VAL A 110 -8.65 -5.49 -36.67
C VAL A 110 -7.44 -5.88 -37.49
N LEU A 111 -7.12 -5.05 -38.49
CA LEU A 111 -5.97 -5.35 -39.36
C LEU A 111 -4.63 -5.09 -38.70
N VAL A 112 -4.53 -3.99 -37.96
CA VAL A 112 -3.36 -3.73 -37.10
C VAL A 112 -3.14 -4.90 -36.14
N GLN A 113 -4.19 -5.27 -35.41
CA GLN A 113 -4.14 -6.41 -34.52
C GLN A 113 -3.64 -7.69 -35.19
N ASP A 114 -4.10 -7.96 -36.41
CA ASP A 114 -3.68 -9.15 -37.18
C ASP A 114 -2.17 -9.13 -37.44
N LYS A 115 -1.63 -7.95 -37.77
CA LYS A 115 -0.19 -7.80 -37.94
C LYS A 115 0.59 -8.11 -36.65
N LEU A 116 0.09 -7.64 -35.51
CA LEU A 116 0.74 -7.88 -34.20
C LEU A 116 0.66 -9.36 -33.81
N LYS A 117 -0.51 -9.95 -33.97
CA LYS A 117 -0.73 -11.36 -33.71
C LYS A 117 0.29 -12.24 -34.44
N ASN A 118 0.66 -11.85 -35.65
CA ASN A 118 1.56 -12.69 -36.44
C ASN A 118 3.05 -12.31 -36.39
N ALA A 119 3.39 -11.36 -35.51
CA ALA A 119 4.75 -10.88 -35.37
C ALA A 119 5.55 -11.69 -34.34
N LYS A 120 6.86 -11.61 -34.46
CA LYS A 120 7.79 -12.24 -33.54
C LYS A 120 8.78 -11.17 -33.13
N VAL A 121 8.97 -11.00 -31.83
CA VAL A 121 9.89 -9.97 -31.33
C VAL A 121 10.89 -10.56 -30.35
N VAL A 122 12.16 -10.35 -30.66
CA VAL A 122 13.24 -10.73 -29.76
C VAL A 122 13.51 -9.60 -28.79
N ILE A 123 13.55 -9.96 -27.50
CA ILE A 123 13.92 -9.04 -26.43
C ILE A 123 15.35 -9.41 -26.04
N LEU A 124 16.32 -8.64 -26.55
CA LEU A 124 17.73 -8.90 -26.24
C LEU A 124 18.15 -8.03 -25.06
N GLY A 125 18.12 -8.61 -23.87
CA GLY A 125 18.29 -7.85 -22.63
C GLY A 125 16.98 -7.79 -21.87
N CYS A 126 16.96 -8.38 -20.69
CA CYS A 126 15.76 -8.53 -19.89
C CYS A 126 15.91 -7.81 -18.55
N GLY A 127 16.56 -6.64 -18.58
CA GLY A 127 16.67 -5.79 -17.42
C GLY A 127 15.53 -4.79 -17.37
N GLY A 128 15.82 -3.56 -16.96
CA GLY A 128 14.79 -2.55 -16.78
C GLY A 128 14.02 -2.24 -18.05
N ILE A 129 14.74 -2.09 -19.17
CA ILE A 129 14.10 -1.76 -20.45
C ILE A 129 13.30 -2.95 -20.96
N GLY A 130 13.93 -4.13 -20.93
CA GLY A 130 13.30 -5.35 -21.41
C GLY A 130 12.04 -5.75 -20.64
N ASN A 131 12.06 -5.53 -19.33
CA ASN A 131 10.87 -5.74 -18.48
C ASN A 131 9.71 -4.92 -19.04
N HIS A 132 9.93 -3.60 -19.17
CA HIS A 132 8.87 -2.67 -19.56
C HIS A 132 8.42 -2.79 -21.00
N VAL A 133 9.35 -3.03 -21.93
CA VAL A 133 9.00 -3.21 -23.35
C VAL A 133 8.21 -4.51 -23.51
N SER A 134 8.69 -5.57 -22.87
CA SER A 134 8.08 -6.88 -23.06
C SER A 134 6.62 -6.92 -22.56
N VAL A 135 6.30 -6.26 -21.46
CA VAL A 135 4.91 -6.28 -21.02
C VAL A 135 4.01 -5.48 -21.92
N ILE A 136 4.49 -4.33 -22.39
CA ILE A 136 3.70 -3.54 -23.30
C ILE A 136 3.38 -4.37 -24.54
N LEU A 137 4.40 -5.03 -25.09
CA LEU A 137 4.23 -5.77 -26.32
C LEU A 137 3.31 -7.00 -26.09
N ALA A 138 3.55 -7.72 -24.99
CA ALA A 138 2.72 -8.87 -24.64
C ALA A 138 1.25 -8.48 -24.55
N THR A 139 0.94 -7.38 -23.88
CA THR A 139 -0.44 -7.04 -23.61
C THR A 139 -1.10 -6.26 -24.77
N SER A 140 -0.30 -5.79 -25.72
CA SER A 140 -0.82 -5.27 -26.99
C SER A 140 -1.01 -6.36 -28.05
N GLY A 141 -0.56 -7.57 -27.75
CA GLY A 141 -0.88 -8.70 -28.60
C GLY A 141 0.16 -9.14 -29.59
N ILE A 142 1.44 -8.81 -29.33
CA ILE A 142 2.52 -9.37 -30.11
C ILE A 142 2.49 -10.89 -29.88
N GLY A 143 2.41 -11.65 -30.97
CA GLY A 143 2.06 -13.07 -30.90
C GLY A 143 3.12 -13.98 -30.35
N GLU A 144 4.38 -13.63 -30.59
CA GLU A 144 5.52 -14.38 -30.10
C GLU A 144 6.61 -13.46 -29.55
N ILE A 145 7.03 -13.72 -28.33
CA ILE A 145 8.12 -12.97 -27.72
C ILE A 145 9.19 -13.93 -27.24
N ILE A 146 10.42 -13.65 -27.68
CA ILE A 146 11.61 -14.43 -27.34
C ILE A 146 12.53 -13.64 -26.41
N LEU A 147 12.70 -14.16 -25.20
CA LEU A 147 13.46 -13.49 -24.15
C LEU A 147 14.90 -13.98 -24.09
N ILE A 148 15.85 -13.07 -24.24
CA ILE A 148 17.26 -13.45 -24.17
C ILE A 148 18.01 -12.69 -23.07
N ASP A 149 18.57 -13.47 -22.15
CA ASP A 149 19.40 -12.96 -21.07
C ASP A 149 20.06 -14.20 -20.45
N ASN A 150 21.11 -13.98 -19.65
CA ASN A 150 21.71 -15.07 -18.89
C ASN A 150 21.89 -14.72 -17.40
N ASP A 151 21.29 -13.60 -16.97
CA ASP A 151 21.46 -13.20 -15.57
C ASP A 151 20.32 -13.65 -14.68
N GLN A 152 20.60 -13.69 -13.38
CA GLN A 152 19.59 -14.01 -12.38
C GLN A 152 19.15 -12.72 -11.71
N ILE A 153 17.97 -12.76 -11.10
CA ILE A 153 17.36 -11.60 -10.46
C ILE A 153 18.04 -11.33 -9.12
N GLU A 154 18.41 -10.07 -8.90
CA GLU A 154 19.02 -9.61 -7.65
C GLU A 154 18.10 -8.60 -6.95
N ASN A 155 18.32 -8.38 -5.65
CA ASN A 155 17.54 -7.40 -4.89
C ASN A 155 17.54 -5.98 -5.48
N THR A 156 18.71 -5.56 -5.95
CA THR A 156 18.91 -4.26 -6.58
C THR A 156 18.06 -4.00 -7.83
N ASN A 157 17.61 -5.08 -8.49
CA ASN A 157 16.86 -4.98 -9.75
C ASN A 157 15.50 -4.31 -9.60
N LEU A 158 14.91 -4.49 -8.42
CA LEU A 158 13.51 -4.18 -8.19
C LEU A 158 13.10 -2.72 -8.36
N THR A 159 14.07 -1.81 -8.42
CA THR A 159 13.73 -0.41 -8.59
C THR A 159 13.04 -0.12 -9.94
N ARG A 160 13.46 -0.81 -11.01
CA ARG A 160 12.96 -0.57 -12.39
C ARG A 160 12.29 -1.79 -12.99
N GLN A 161 12.62 -2.96 -12.47
CA GLN A 161 12.29 -4.20 -13.16
C GLN A 161 10.94 -4.70 -12.69
N VAL A 162 9.93 -4.13 -13.33
CA VAL A 162 8.55 -4.10 -12.85
C VAL A 162 7.86 -5.47 -12.75
N LEU A 163 8.33 -6.44 -13.54
CA LEU A 163 7.74 -7.80 -13.50
C LEU A 163 8.25 -8.64 -12.34
N PHE A 164 9.34 -8.18 -11.72
CA PHE A 164 10.02 -8.96 -10.66
C PHE A 164 9.63 -8.59 -9.25
N SER A 165 9.62 -9.59 -8.37
CA SER A 165 9.30 -9.42 -6.96
C SER A 165 10.42 -9.93 -6.05
N GLU A 166 10.33 -9.59 -4.77
CA GLU A 166 11.33 -10.06 -3.79
C GLU A 166 11.51 -11.58 -3.85
N ASP A 167 10.42 -12.33 -3.88
CA ASP A 167 10.47 -13.82 -3.98
C ASP A 167 11.19 -14.33 -5.24
N ASP A 168 11.35 -13.47 -6.24
CA ASP A 168 11.97 -13.86 -7.51
C ASP A 168 13.49 -13.83 -7.48
N VAL A 169 14.06 -13.28 -6.41
CA VAL A 169 15.49 -13.16 -6.29
C VAL A 169 16.13 -14.54 -6.43
N GLY A 170 17.15 -14.61 -7.29
CA GLY A 170 17.85 -15.87 -7.56
C GLY A 170 17.41 -16.55 -8.84
N LYS A 171 16.18 -16.31 -9.27
CA LYS A 171 15.66 -16.94 -10.46
C LYS A 171 16.22 -16.27 -11.73
N ASN A 172 16.19 -16.99 -12.85
CA ASN A 172 16.57 -16.44 -14.14
C ASN A 172 15.61 -15.31 -14.50
N LYS A 173 16.15 -14.18 -14.95
CA LYS A 173 15.32 -13.07 -15.44
C LYS A 173 14.31 -13.55 -16.49
N THR A 174 14.77 -14.29 -17.49
CA THR A 174 13.88 -14.74 -18.57
C THR A 174 12.74 -15.66 -18.11
N GLU A 175 13.01 -16.52 -17.13
CA GLU A 175 11.99 -17.42 -16.60
C GLU A 175 10.86 -16.64 -15.95
N VAL A 176 11.23 -15.66 -15.10
CA VAL A 176 10.23 -14.83 -14.42
C VAL A 176 9.47 -13.91 -15.37
N ILE A 177 10.18 -13.26 -16.29
CA ILE A 177 9.48 -12.49 -17.31
C ILE A 177 8.46 -13.35 -18.04
N LYS A 178 8.86 -14.53 -18.54
CA LYS A 178 7.91 -15.42 -19.22
C LYS A 178 6.66 -15.69 -18.38
N ARG A 179 6.87 -16.13 -17.14
CA ARG A 179 5.76 -16.40 -16.23
C ARG A 179 4.84 -15.20 -16.13
N GLU A 180 5.44 -14.03 -15.89
CA GLU A 180 4.71 -12.78 -15.72
C GLU A 180 3.98 -12.31 -16.97
N LEU A 181 4.59 -12.52 -18.14
CA LEU A 181 3.94 -12.16 -19.41
C LEU A 181 2.72 -13.04 -19.67
N LEU A 182 2.88 -14.35 -19.51
CA LEU A 182 1.77 -15.27 -19.71
C LEU A 182 0.62 -15.08 -18.73
N LYS A 183 0.92 -14.67 -17.49
CA LYS A 183 -0.12 -14.30 -16.52
C LYS A 183 -0.96 -13.13 -16.99
N ARG A 184 -0.35 -12.23 -17.77
CA ARG A 184 -1.03 -11.05 -18.29
C ARG A 184 -1.75 -11.28 -19.61
N ASN A 185 -1.15 -12.10 -20.47
CA ASN A 185 -1.75 -12.47 -21.73
C ASN A 185 -1.41 -13.92 -22.07
N SER A 186 -2.36 -14.81 -21.80
CA SER A 186 -2.21 -16.23 -22.11
C SER A 186 -2.54 -16.57 -23.58
N GLU A 187 -2.87 -15.56 -24.38
CA GLU A 187 -3.16 -15.75 -25.80
C GLU A 187 -1.92 -15.68 -26.69
N ILE A 188 -0.76 -15.37 -26.11
CA ILE A 188 0.46 -15.31 -26.91
C ILE A 188 1.47 -16.39 -26.54
N SER A 189 2.52 -16.48 -27.35
CA SER A 189 3.63 -17.41 -27.18
C SER A 189 4.88 -16.68 -26.67
N VAL A 190 5.53 -17.26 -25.67
CA VAL A 190 6.72 -16.64 -25.08
C VAL A 190 7.79 -17.71 -24.90
N SER A 191 8.97 -17.47 -25.47
CA SER A 191 10.13 -18.36 -25.35
C SER A 191 11.29 -17.67 -24.65
N GLU A 192 12.26 -18.47 -24.21
CA GLU A 192 13.48 -17.97 -23.57
C GLU A 192 14.70 -18.61 -24.22
N ILE A 193 15.78 -17.84 -24.26
CA ILE A 193 17.09 -18.37 -24.61
C ILE A 193 18.10 -17.87 -23.58
N ALA A 194 18.76 -18.81 -22.93
CA ALA A 194 19.83 -18.51 -21.99
C ALA A 194 21.13 -18.31 -22.76
N LEU A 195 21.47 -17.04 -22.98
CA LEU A 195 22.60 -16.66 -23.79
C LEU A 195 23.21 -15.34 -23.31
N ASN A 196 24.52 -15.35 -23.12
CA ASN A 196 25.26 -14.12 -22.92
C ASN A 196 26.08 -13.88 -24.17
N ILE A 197 25.98 -12.68 -24.74
CA ILE A 197 26.75 -12.38 -25.92
C ILE A 197 28.13 -11.94 -25.48
N ASN A 198 29.09 -12.87 -25.61
CA ASN A 198 30.47 -12.64 -25.19
C ASN A 198 31.31 -12.08 -26.33
N ASP A 199 30.99 -12.50 -27.55
CA ASP A 199 31.61 -11.95 -28.75
C ASP A 199 30.61 -11.94 -29.90
N TYR A 200 30.96 -11.20 -30.95
CA TYR A 200 30.12 -11.07 -32.15
C TYR A 200 29.58 -12.41 -32.66
N THR A 201 30.40 -13.45 -32.58
CA THR A 201 30.02 -14.78 -33.08
C THR A 201 28.80 -15.37 -32.36
N ASP A 202 28.52 -14.90 -31.14
CA ASP A 202 27.36 -15.36 -30.38
C ASP A 202 26.02 -14.86 -30.92
N LEU A 203 26.06 -13.84 -31.78
CA LEU A 203 24.84 -13.20 -32.30
C LEU A 203 24.03 -14.12 -33.22
N HIS A 204 24.72 -15.08 -33.82
CA HIS A 204 24.15 -16.08 -34.70
C HIS A 204 23.13 -16.97 -33.99
N LYS A 205 23.25 -17.06 -32.66
CA LYS A 205 22.32 -17.86 -31.84
C LYS A 205 21.04 -17.10 -31.49
N VAL A 206 20.94 -15.86 -31.94
CA VAL A 206 19.73 -15.07 -31.75
C VAL A 206 18.81 -15.24 -32.96
N PRO A 207 17.57 -15.73 -32.74
CA PRO A 207 16.64 -16.04 -33.82
C PRO A 207 16.33 -14.85 -34.73
N GLU A 208 15.98 -15.16 -35.98
CA GLU A 208 15.36 -14.19 -36.88
C GLU A 208 14.03 -13.76 -36.27
N ALA A 209 13.68 -12.49 -36.44
CA ALA A 209 12.41 -12.00 -35.93
C ALA A 209 11.99 -10.76 -36.71
N ASP A 210 10.78 -10.29 -36.47
CA ASP A 210 10.31 -9.07 -37.09
C ASP A 210 11.20 -7.90 -36.73
N ILE A 211 11.63 -7.85 -35.46
CA ILE A 211 12.53 -6.84 -34.95
C ILE A 211 13.20 -7.37 -33.68
N TRP A 212 14.42 -6.92 -33.40
CA TRP A 212 15.06 -7.15 -32.11
C TRP A 212 15.00 -5.86 -31.32
N VAL A 213 14.60 -5.99 -30.08
CA VAL A 213 14.68 -4.90 -29.11
C VAL A 213 15.96 -5.06 -28.29
N VAL A 214 16.88 -4.12 -28.46
CA VAL A 214 18.22 -4.30 -27.91
C VAL A 214 18.48 -3.32 -26.78
N SER A 215 18.63 -3.84 -25.57
CA SER A 215 18.92 -2.99 -24.43
C SER A 215 20.07 -3.56 -23.61
N ALA A 216 20.53 -4.77 -23.97
CA ALA A 216 21.78 -5.30 -23.45
C ALA A 216 22.92 -4.33 -23.77
N ASP A 217 23.82 -4.14 -22.81
CA ASP A 217 24.72 -2.99 -22.83
C ASP A 217 26.20 -3.30 -22.55
N HIS A 218 26.52 -4.58 -22.33
CA HIS A 218 27.88 -5.01 -21.98
C HIS A 218 28.43 -6.07 -22.93
N PRO A 219 29.68 -5.89 -23.42
CA PRO A 219 30.55 -4.71 -23.28
C PRO A 219 30.02 -3.50 -24.03
N PHE A 220 30.84 -2.44 -24.08
CA PHE A 220 30.43 -1.18 -24.68
C PHE A 220 30.19 -1.32 -26.18
N ASN A 221 30.92 -2.24 -26.82
CA ASN A 221 30.79 -2.44 -28.26
C ASN A 221 29.76 -3.51 -28.65
N LEU A 222 28.92 -3.91 -27.70
CA LEU A 222 27.85 -4.85 -28.00
C LEU A 222 26.89 -4.28 -29.04
N ILE A 223 26.51 -3.01 -28.89
CA ILE A 223 25.69 -2.33 -29.91
C ILE A 223 26.36 -2.35 -31.28
N ASN A 224 27.68 -2.19 -31.30
CA ASN A 224 28.43 -2.19 -32.56
C ASN A 224 28.42 -3.57 -33.20
N TRP A 225 28.51 -4.62 -32.38
CA TRP A 225 28.38 -5.98 -32.86
C TRP A 225 26.97 -6.26 -33.40
N VAL A 226 25.97 -5.87 -32.61
CA VAL A 226 24.57 -6.10 -32.97
C VAL A 226 24.26 -5.43 -34.32
N ASN A 227 24.60 -4.16 -34.42
CA ASN A 227 24.44 -3.42 -35.66
C ASN A 227 25.05 -4.10 -36.89
N LYS A 228 26.33 -4.50 -36.78
CA LYS A 228 27.06 -5.14 -37.89
C LYS A 228 26.38 -6.44 -38.31
N TYR A 229 26.02 -7.25 -37.32
CA TYR A 229 25.34 -8.51 -37.54
C TYR A 229 24.01 -8.29 -38.25
N CYS A 230 23.21 -7.38 -37.71
CA CYS A 230 21.87 -7.12 -38.25
C CYS A 230 21.91 -6.54 -39.66
N VAL A 231 22.90 -5.72 -39.93
CA VAL A 231 23.10 -5.22 -41.29
C VAL A 231 23.41 -6.38 -42.24
N ARG A 232 24.35 -7.24 -41.83
CA ARG A 232 24.70 -8.42 -42.63
C ARG A 232 23.56 -9.42 -42.70
N ALA A 233 22.77 -9.53 -41.64
CA ALA A 233 21.69 -10.52 -41.61
C ALA A 233 20.33 -9.98 -42.05
N ASN A 234 20.31 -8.75 -42.60
CA ASN A 234 19.07 -8.04 -42.94
C ASN A 234 17.99 -8.09 -41.84
N GLN A 235 18.38 -7.75 -40.61
CA GLN A 235 17.53 -7.89 -39.42
C GLN A 235 17.25 -6.52 -38.78
N PRO A 236 15.99 -6.06 -38.81
CA PRO A 236 15.60 -4.86 -38.09
C PRO A 236 15.77 -4.94 -36.58
N TYR A 237 16.25 -3.86 -36.00
CA TYR A 237 16.49 -3.79 -34.57
C TYR A 237 16.25 -2.38 -34.08
N ILE A 238 15.79 -2.26 -32.85
CA ILE A 238 15.69 -0.95 -32.22
C ILE A 238 16.53 -0.98 -30.95
N ASN A 239 17.28 0.10 -30.71
CA ASN A 239 18.05 0.23 -29.48
C ASN A 239 17.31 1.18 -28.51
N ALA A 240 17.42 0.91 -27.21
CA ALA A 240 16.85 1.78 -26.20
C ALA A 240 17.59 1.61 -24.88
N GLY A 241 17.54 2.66 -24.07
CA GLY A 241 18.32 2.70 -22.86
C GLY A 241 18.34 4.11 -22.31
N TYR A 242 19.50 4.50 -21.78
CA TYR A 242 19.63 5.76 -21.06
C TYR A 242 21.10 6.11 -20.93
N VAL A 243 21.37 7.40 -20.82
CA VAL A 243 22.69 7.88 -20.48
C VAL A 243 22.44 8.71 -19.23
N ASN A 244 22.63 8.10 -18.06
CA ASN A 244 22.21 8.68 -16.77
C ASN A 244 20.78 9.25 -16.83
N ASP A 245 20.60 10.55 -16.62
CA ASP A 245 19.26 11.16 -16.55
C ASP A 245 18.55 11.37 -17.90
N ILE A 246 19.22 11.03 -19.01
CA ILE A 246 18.59 11.12 -20.34
C ILE A 246 18.08 9.75 -20.85
N ALA A 247 16.78 9.68 -21.11
CA ALA A 247 16.16 8.50 -21.73
C ALA A 247 16.46 8.53 -23.20
N VAL A 248 16.81 7.36 -23.74
CA VAL A 248 17.28 7.24 -25.11
C VAL A 248 16.55 6.11 -25.84
N PHE A 249 16.00 6.41 -27.01
CA PHE A 249 15.54 5.32 -27.88
C PHE A 249 15.91 5.58 -29.32
N GLY A 250 16.14 4.51 -30.07
CA GLY A 250 16.62 4.61 -31.45
C GLY A 250 18.10 4.37 -31.44
N PRO A 251 18.69 4.10 -32.63
CA PRO A 251 17.93 4.07 -33.88
C PRO A 251 17.06 2.83 -34.02
N LEU A 252 16.07 2.95 -34.90
CA LEU A 252 15.34 1.82 -35.42
C LEU A 252 15.96 1.59 -36.80
N TYR A 253 16.69 0.48 -36.92
CA TYR A 253 17.34 0.10 -38.15
C TYR A 253 16.40 -0.76 -38.98
N VAL A 254 16.21 -0.36 -40.24
CA VAL A 254 15.43 -1.14 -41.21
C VAL A 254 16.26 -1.27 -42.48
N PRO A 255 16.73 -2.50 -42.79
CA PRO A 255 17.55 -2.78 -43.97
C PRO A 255 17.12 -2.00 -45.19
N GLY A 256 18.04 -1.19 -45.70
CA GLY A 256 17.82 -0.39 -46.92
C GLY A 256 16.92 0.83 -46.79
N LYS A 257 16.33 1.02 -45.61
CA LYS A 257 15.35 2.10 -45.41
C LYS A 257 15.83 3.18 -44.45
N THR A 258 16.88 2.88 -43.69
CA THR A 258 17.39 3.80 -42.68
C THR A 258 18.91 3.73 -42.63
N GLY A 259 19.53 4.70 -41.97
CA GLY A 259 20.94 4.59 -41.63
C GLY A 259 21.16 3.50 -40.59
N CYS A 260 22.40 3.01 -40.49
CA CYS A 260 22.74 2.08 -39.41
C CYS A 260 23.43 2.86 -38.30
N TYR A 261 23.78 2.16 -37.22
CA TYR A 261 24.40 2.75 -36.04
C TYR A 261 25.73 3.45 -36.33
N GLU A 262 26.51 2.85 -37.21
CA GLU A 262 27.87 3.35 -37.51
C GLU A 262 27.93 4.38 -38.65
N CYS A 263 26.77 4.72 -39.23
CA CYS A 263 26.70 5.65 -40.38
C CYS A 263 27.26 7.04 -40.14
N GLN A 264 26.85 7.65 -39.03
CA GLN A 264 27.21 9.02 -38.70
C GLN A 264 28.26 9.08 -37.57
N LYS A 265 29.02 8.00 -37.38
CA LYS A 265 29.95 7.89 -36.25
C LYS A 265 31.04 8.96 -36.25
N LYS A 275 49.97 10.79 -24.67
CA LYS A 275 50.73 9.55 -24.54
C LYS A 275 49.86 8.42 -23.99
N GLU A 276 50.43 7.22 -23.90
CA GLU A 276 49.74 6.06 -23.32
C GLU A 276 49.25 6.32 -21.88
N ASN A 277 49.74 7.41 -21.29
CA ASN A 277 49.46 7.78 -19.90
C ASN A 277 47.99 8.13 -19.65
N ILE A 278 47.51 9.25 -20.20
CA ILE A 278 46.09 9.63 -20.03
C ILE A 278 45.17 8.60 -20.67
N ASP A 279 45.70 7.83 -21.61
CA ASP A 279 44.94 6.80 -22.28
C ASP A 279 44.54 5.69 -21.29
N HIS A 280 45.45 5.35 -20.39
CA HIS A 280 45.16 4.35 -19.38
C HIS A 280 44.23 4.92 -18.30
N LYS A 281 44.35 6.22 -18.02
CA LYS A 281 43.50 6.90 -17.03
C LYS A 281 42.05 6.99 -17.54
N ILE A 282 41.91 7.32 -18.83
CA ILE A 282 40.62 7.33 -19.51
C ILE A 282 39.96 5.95 -19.40
N LYS A 283 40.73 4.89 -19.64
CA LYS A 283 40.21 3.52 -19.65
C LYS A 283 39.72 3.02 -18.27
N LEU A 284 40.46 3.37 -17.21
CA LEU A 284 40.10 2.95 -15.86
C LEU A 284 38.86 3.73 -15.40
N ILE A 285 38.82 5.02 -15.69
CA ILE A 285 37.64 5.83 -15.38
C ILE A 285 36.41 5.22 -16.06
N ASN A 286 36.50 4.96 -17.36
CA ASN A 286 35.34 4.41 -18.06
C ASN A 286 35.01 2.95 -17.65
N SER A 287 36.02 2.17 -17.26
CA SER A 287 35.78 0.78 -16.81
C SER A 287 34.95 0.78 -15.55
N ARG A 288 35.07 1.88 -14.79
CA ARG A 288 34.37 2.05 -13.53
C ARG A 288 32.91 2.51 -13.74
N PHE A 289 32.55 2.83 -14.98
CA PHE A 289 31.24 3.44 -15.24
C PHE A 289 30.06 2.57 -14.84
N LYS A 290 29.10 3.18 -14.16
CA LYS A 290 27.79 2.58 -13.89
C LYS A 290 26.76 3.68 -14.10
N PRO A 291 25.71 3.41 -14.90
CA PRO A 291 24.73 4.47 -15.14
C PRO A 291 23.97 4.90 -13.88
N ALA A 292 23.62 6.18 -13.80
CA ALA A 292 22.74 6.61 -12.70
C ALA A 292 21.28 6.28 -13.07
N THR A 293 20.92 5.01 -12.85
CA THR A 293 19.58 4.51 -13.11
C THR A 293 18.51 5.21 -12.25
N PHE A 294 17.33 5.33 -12.84
CA PHE A 294 16.21 6.03 -12.26
C PHE A 294 14.98 5.50 -13.00
N ALA A 295 14.05 4.85 -12.30
CA ALA A 295 12.89 4.21 -12.99
C ALA A 295 12.12 5.11 -14.00
N PRO A 296 11.82 6.37 -13.63
CA PRO A 296 11.13 7.23 -14.60
C PRO A 296 11.87 7.37 -15.94
N VAL A 297 13.20 7.48 -15.90
CA VAL A 297 14.03 7.60 -17.10
C VAL A 297 13.99 6.29 -17.93
N ASN A 298 14.31 5.17 -17.28
CA ASN A 298 14.10 3.82 -17.82
C ASN A 298 12.74 3.65 -18.51
N ASN A 299 11.68 4.04 -17.83
CA ASN A 299 10.32 3.71 -18.29
C ASN A 299 9.94 4.56 -19.48
N VAL A 300 10.40 5.81 -19.48
CA VAL A 300 10.25 6.66 -20.66
C VAL A 300 10.90 6.03 -21.90
N ALA A 301 12.18 5.66 -21.80
CA ALA A 301 12.88 5.04 -22.92
C ALA A 301 12.18 3.75 -23.39
N ALA A 302 11.78 2.91 -22.43
CA ALA A 302 11.09 1.65 -22.75
C ALA A 302 9.73 1.87 -23.42
N ALA A 303 8.93 2.81 -22.91
CA ALA A 303 7.59 3.10 -23.47
C ALA A 303 7.64 3.56 -24.91
N LEU A 304 8.50 4.52 -25.19
CA LEU A 304 8.60 5.04 -26.56
C LEU A 304 9.26 4.03 -27.51
N CYS A 305 10.21 3.24 -26.99
CA CYS A 305 10.73 2.08 -27.72
C CYS A 305 9.61 1.13 -28.13
N ALA A 306 8.76 0.78 -27.19
CA ALA A 306 7.62 -0.14 -27.44
C ALA A 306 6.64 0.44 -28.47
N ALA A 307 6.38 1.74 -28.34
CA ALA A 307 5.54 2.45 -29.31
C ALA A 307 6.11 2.34 -30.73
N ASP A 308 7.42 2.49 -30.87
CA ASP A 308 8.04 2.33 -32.17
C ASP A 308 7.91 0.92 -32.71
N VAL A 309 8.03 -0.08 -31.84
CA VAL A 309 7.88 -1.47 -32.25
C VAL A 309 6.46 -1.73 -32.76
N ILE A 310 5.47 -1.27 -31.99
CA ILE A 310 4.06 -1.50 -32.34
C ILE A 310 3.67 -0.81 -33.66
N LYS A 311 4.21 0.40 -33.88
CA LYS A 311 4.03 1.13 -35.15
C LYS A 311 4.81 0.52 -36.30
N PHE A 312 6.04 0.07 -36.04
CA PHE A 312 6.82 -0.63 -37.06
C PHE A 312 6.07 -1.86 -37.56
N ILE A 313 5.56 -2.66 -36.64
CA ILE A 313 4.83 -3.86 -37.01
C ILE A 313 3.39 -3.54 -37.46
N GLY A 314 2.71 -2.69 -36.72
CA GLY A 314 1.33 -2.30 -37.05
C GLY A 314 1.13 -1.50 -38.33
N LYS A 315 2.14 -0.73 -38.71
CA LYS A 315 2.20 0.02 -39.97
C LYS A 315 1.18 1.15 -40.12
N TYR A 316 0.60 1.59 -39.00
CA TYR A 316 -0.43 2.61 -39.04
C TYR A 316 0.07 4.04 -38.82
N SER A 317 1.31 4.16 -38.35
CA SER A 317 1.95 5.45 -38.10
C SER A 317 3.47 5.27 -38.13
N GLU A 318 4.22 6.33 -38.45
CA GLU A 318 5.68 6.25 -38.58
C GLU A 318 6.36 6.15 -37.21
N PRO A 319 7.20 5.11 -37.00
CA PRO A 319 8.05 5.06 -35.82
C PRO A 319 8.91 6.32 -35.73
N LEU A 320 9.03 6.90 -34.54
CA LEU A 320 9.76 8.16 -34.36
C LEU A 320 11.28 8.04 -34.63
N SER A 321 11.85 6.88 -34.35
CA SER A 321 13.31 6.75 -34.34
C SER A 321 13.93 6.16 -35.61
N LEU A 322 13.14 6.12 -36.69
CA LEU A 322 13.69 5.88 -38.02
C LEU A 322 14.70 6.98 -38.23
N ASN A 323 15.95 6.60 -38.49
CA ASN A 323 17.01 7.52 -38.82
C ASN A 323 17.46 8.43 -37.67
N LYS A 324 17.13 8.06 -36.43
CA LYS A 324 17.32 8.95 -35.27
C LYS A 324 17.58 8.22 -33.96
N ARG A 325 18.48 8.78 -33.16
CA ARG A 325 18.64 8.43 -31.77
C ARG A 325 18.03 9.59 -30.99
N ILE A 326 17.00 9.29 -30.20
CA ILE A 326 16.20 10.34 -29.53
C ILE A 326 16.46 10.36 -28.01
N GLY A 327 16.76 11.55 -27.50
CA GLY A 327 16.99 11.73 -26.08
C GLY A 327 15.88 12.58 -25.50
N ILE A 328 15.36 12.13 -24.36
CA ILE A 328 14.41 12.90 -23.55
C ILE A 328 15.07 13.18 -22.20
N TRP A 329 15.23 14.48 -21.89
CA TRP A 329 15.84 14.89 -20.61
C TRP A 329 14.84 14.69 -19.48
N SER A 330 15.35 14.51 -18.25
CA SER A 330 14.48 14.37 -17.08
C SER A 330 14.60 15.52 -16.10
N ASP A 331 15.64 16.32 -16.23
CA ASP A 331 15.82 17.41 -15.28
C ASP A 331 15.66 18.79 -15.93
N GLU A 332 15.28 18.79 -17.20
CA GLU A 332 14.76 19.97 -17.89
C GLU A 332 13.78 19.48 -18.93
N ILE A 333 12.95 20.38 -19.44
CA ILE A 333 11.94 20.04 -20.43
C ILE A 333 12.59 20.13 -21.80
N LYS A 334 12.99 18.98 -22.32
CA LYS A 334 13.82 18.91 -23.51
C LYS A 334 13.78 17.55 -24.19
N ILE A 335 13.65 17.56 -25.52
CA ILE A 335 13.77 16.37 -26.34
C ILE A 335 14.62 16.73 -27.54
N HIS A 336 15.55 15.84 -27.89
CA HIS A 336 16.54 16.08 -28.92
C HIS A 336 16.81 14.81 -29.71
N SER A 337 16.96 14.95 -31.03
CA SER A 337 17.26 13.82 -31.90
C SER A 337 18.58 14.00 -32.63
N GLN A 338 19.41 12.98 -32.51
CA GLN A 338 20.67 12.90 -33.22
C GLN A 338 20.45 12.17 -34.55
N ASN A 339 20.91 12.77 -35.65
CA ASN A 339 20.75 12.15 -36.97
C ASN A 339 21.55 10.85 -37.10
N MET A 340 20.87 9.82 -37.58
CA MET A 340 21.50 8.55 -37.87
C MET A 340 21.08 8.17 -39.29
N GLY A 341 21.06 9.17 -40.17
CA GLY A 341 20.70 8.97 -41.57
C GLY A 341 21.77 8.19 -42.30
N ARG A 342 21.38 7.56 -43.41
CA ARG A 342 22.26 6.68 -44.17
C ARG A 342 23.40 7.47 -44.81
N SER A 343 24.60 6.89 -44.74
CA SER A 343 25.81 7.44 -45.35
C SER A 343 26.30 6.42 -46.38
N PRO A 344 26.53 6.88 -47.63
CA PRO A 344 26.98 5.97 -48.68
C PRO A 344 28.38 5.46 -48.34
N VAL A 345 29.10 6.30 -47.60
CA VAL A 345 30.46 6.08 -47.16
C VAL A 345 30.59 4.97 -46.11
N CYS A 346 29.55 4.78 -45.30
CA CYS A 346 29.57 3.86 -44.16
C CYS A 346 30.30 2.55 -44.40
N SER A 347 31.19 2.22 -43.47
CA SER A 347 31.99 1.01 -43.55
C SER A 347 31.18 -0.26 -43.27
N VAL A 348 30.04 -0.11 -42.62
CA VAL A 348 29.23 -1.29 -42.25
C VAL A 348 28.14 -1.61 -43.28
N CYS A 349 27.30 -0.63 -43.60
CA CYS A 349 26.18 -0.84 -44.50
C CYS A 349 26.39 -0.16 -45.86
N GLY A 350 27.50 0.55 -46.01
CA GLY A 350 27.84 1.21 -47.25
C GLY A 350 28.82 0.38 -48.05
N MET B 4 38.46 15.75 4.92
CA MET B 4 37.27 15.31 4.15
C MET B 4 37.68 14.62 2.86
N ASP B 5 37.20 13.40 2.66
CA ASP B 5 37.44 12.66 1.43
C ASP B 5 36.43 13.03 0.35
N TYR B 6 36.89 13.01 -0.90
CA TYR B 6 36.02 13.12 -2.06
C TYR B 6 36.17 11.86 -2.88
N ILE B 7 35.12 11.49 -3.61
CA ILE B 7 35.14 10.31 -4.46
C ILE B 7 34.48 10.58 -5.83
N LEU B 8 35.04 10.01 -6.89
CA LEU B 8 34.50 10.15 -8.22
C LEU B 8 33.20 9.36 -8.29
N GLY B 9 32.15 10.01 -8.81
CA GLY B 9 30.88 9.33 -9.01
C GLY B 9 31.07 8.29 -10.10
N ARG B 10 30.45 7.13 -9.93
CA ARG B 10 30.54 6.05 -10.92
C ARG B 10 29.81 6.36 -12.23
N TYR B 11 28.91 7.33 -12.16
CA TYR B 11 28.15 7.81 -13.29
C TYR B 11 28.94 8.80 -14.17
N VAL B 12 30.21 9.06 -13.82
CA VAL B 12 31.00 9.92 -14.70
C VAL B 12 31.57 9.13 -15.88
N LYS B 13 31.44 9.76 -17.04
CA LYS B 13 31.78 9.20 -18.33
C LYS B 13 32.78 10.17 -18.96
N ILE B 14 33.84 9.64 -19.58
CA ILE B 14 34.82 10.47 -20.30
C ILE B 14 35.05 9.97 -21.72
N ALA B 15 35.13 10.88 -22.69
CA ALA B 15 35.45 10.48 -24.06
C ALA B 15 36.16 11.57 -24.87
N ARG B 16 37.07 11.13 -25.74
CA ARG B 16 37.71 11.99 -26.72
C ARG B 16 36.73 12.36 -27.82
N TYR B 17 36.54 13.66 -28.01
CA TYR B 17 35.59 14.17 -28.98
C TYR B 17 36.05 15.52 -29.49
N GLY B 18 35.86 15.75 -30.79
CA GLY B 18 36.19 17.04 -31.40
C GLY B 18 37.65 17.38 -31.20
N SER B 19 37.90 18.53 -30.57
CA SER B 19 39.24 19.04 -30.37
C SER B 19 39.77 18.74 -28.96
N GLY B 20 38.89 18.19 -28.13
CA GLY B 20 39.21 17.90 -26.75
C GLY B 20 38.45 16.67 -26.31
N GLY B 21 37.48 16.86 -25.43
CA GLY B 21 36.65 15.75 -25.00
C GLY B 21 35.39 16.10 -24.22
N LEU B 22 34.64 15.07 -23.88
CA LEU B 22 33.41 15.20 -23.11
C LEU B 22 33.63 14.66 -21.71
N VAL B 23 33.08 15.37 -20.72
CA VAL B 23 33.09 14.95 -19.32
C VAL B 23 31.65 14.83 -18.81
N GLY B 24 31.33 13.67 -18.27
CA GLY B 24 29.99 13.40 -17.73
C GLY B 24 29.07 12.77 -18.76
N GLY B 25 27.93 12.26 -18.30
CA GLY B 25 26.94 11.70 -19.19
C GLY B 25 25.57 12.22 -18.79
N GLY B 26 24.67 12.34 -19.77
CA GLY B 26 23.34 12.86 -19.52
C GLY B 26 23.30 14.38 -19.52
N GLY B 27 22.32 14.93 -18.82
CA GLY B 27 22.13 16.40 -18.76
C GLY B 27 23.39 17.19 -18.45
N LYS B 28 24.32 16.57 -17.71
CA LYS B 28 25.52 17.28 -17.25
C LYS B 28 26.75 17.15 -18.15
N GLU B 29 26.60 16.49 -19.29
CA GLU B 29 27.69 16.29 -20.23
C GLU B 29 28.22 17.64 -20.73
N GLN B 30 29.54 17.78 -20.75
CA GLN B 30 30.20 19.02 -21.11
C GLN B 30 31.27 18.77 -22.15
N TYR B 31 31.20 19.52 -23.25
CA TYR B 31 32.27 19.51 -24.24
C TYR B 31 33.35 20.49 -23.82
N VAL B 32 34.54 19.94 -23.61
CA VAL B 32 35.74 20.72 -23.26
C VAL B 32 36.62 20.77 -24.50
N GLU B 33 36.61 21.90 -25.20
CA GLU B 33 37.35 22.07 -26.47
C GLU B 33 38.85 22.06 -26.26
N ASN B 34 39.29 22.71 -25.17
CA ASN B 34 40.69 22.77 -24.79
C ASN B 34 41.21 21.40 -24.33
N LEU B 35 42.05 20.78 -25.16
CA LEU B 35 42.60 19.44 -24.87
C LEU B 35 43.41 19.40 -23.57
N VAL B 36 44.23 20.42 -23.34
CA VAL B 36 45.08 20.50 -22.16
C VAL B 36 44.27 20.56 -20.86
N LEU B 37 43.19 21.32 -20.84
CA LEU B 37 42.30 21.37 -19.67
C LEU B 37 41.48 20.07 -19.54
N TRP B 38 41.12 19.48 -20.68
CA TRP B 38 40.41 18.20 -20.67
C TRP B 38 41.29 17.12 -20.04
N GLU B 39 42.56 17.10 -20.46
CA GLU B 39 43.53 16.15 -19.92
C GLU B 39 43.77 16.42 -18.43
N ASN B 40 43.70 17.70 -18.03
CA ASN B 40 43.90 18.03 -16.63
C ASN B 40 42.72 17.59 -15.78
N ILE B 41 41.54 17.57 -16.39
CA ILE B 41 40.32 17.17 -15.70
C ILE B 41 40.38 15.68 -15.41
N ILE B 42 40.80 14.89 -16.39
CA ILE B 42 40.88 13.45 -16.17
C ILE B 42 42.03 13.09 -15.21
N LYS B 43 43.14 13.81 -15.28
CA LYS B 43 44.22 13.58 -14.33
C LYS B 43 43.78 13.85 -12.91
N THR B 44 42.99 14.90 -12.70
CA THR B 44 42.41 15.22 -11.39
C THR B 44 41.41 14.16 -10.96
N ALA B 45 40.50 13.81 -11.88
CA ALA B 45 39.47 12.79 -11.64
C ALA B 45 40.11 11.46 -11.20
N TYR B 46 41.16 11.07 -11.91
CA TYR B 46 41.92 9.83 -11.64
C TYR B 46 42.33 9.65 -10.19
N CYS B 47 42.64 10.76 -9.51
CA CYS B 47 43.03 10.74 -8.10
C CYS B 47 41.86 10.43 -7.15
N PHE B 48 40.62 10.42 -7.67
CA PHE B 48 39.42 10.27 -6.83
C PHE B 48 38.59 8.99 -7.06
N ILE B 49 39.06 8.13 -7.96
CA ILE B 49 38.44 6.82 -8.19
C ILE B 49 38.31 6.10 -6.86
N THR B 50 39.42 6.08 -6.10
CA THR B 50 39.34 5.73 -4.69
C THR B 50 39.37 7.03 -3.87
N PRO B 51 38.57 7.10 -2.79
CA PRO B 51 38.41 8.35 -2.01
C PRO B 51 39.72 8.98 -1.54
N SER B 52 39.79 10.31 -1.67
CA SER B 52 41.01 11.09 -1.39
C SER B 52 40.66 12.50 -0.91
N SER B 53 41.54 13.10 -0.12
CA SER B 53 41.36 14.47 0.33
C SER B 53 41.88 15.39 -0.78
N TYR B 54 41.55 16.68 -0.68
CA TYR B 54 42.04 17.65 -1.66
C TYR B 54 43.57 17.61 -1.73
N THR B 55 44.21 17.67 -0.56
CA THR B 55 45.66 17.77 -0.46
C THR B 55 46.40 16.52 -0.94
N ALA B 56 45.95 15.35 -0.50
CA ALA B 56 46.53 14.08 -0.93
C ALA B 56 46.47 13.92 -2.44
N ALA B 57 45.33 14.26 -3.03
CA ALA B 57 45.14 14.21 -4.47
C ALA B 57 46.02 15.23 -5.22
N LEU B 58 46.15 16.43 -4.62
CA LEU B 58 47.01 17.50 -5.17
C LEU B 58 48.45 17.02 -5.40
N GLU B 59 48.96 16.20 -4.48
CA GLU B 59 50.32 15.67 -4.56
C GLU B 59 50.44 14.55 -5.58
N THR B 60 49.32 13.87 -5.84
CA THR B 60 49.28 12.74 -6.75
C THR B 60 49.21 13.21 -8.20
N ALA B 61 48.51 14.32 -8.43
CA ALA B 61 48.34 14.83 -9.78
C ALA B 61 49.64 15.45 -10.29
N ASN B 62 49.94 15.17 -11.56
CA ASN B 62 51.10 15.75 -12.22
C ASN B 62 50.77 17.11 -12.80
N ILE B 63 49.99 17.91 -12.07
CA ILE B 63 49.57 19.22 -12.56
C ILE B 63 49.74 20.35 -11.52
N PRO B 64 50.03 21.59 -12.00
CA PRO B 64 50.22 22.76 -11.13
C PRO B 64 49.03 23.07 -10.24
N GLU B 65 49.31 23.51 -9.01
CA GLU B 65 48.30 23.82 -8.00
C GLU B 65 47.15 24.66 -8.59
N LYS B 66 47.52 25.63 -9.42
CA LYS B 66 46.55 26.52 -10.08
C LYS B 66 45.56 25.73 -10.95
N ASP B 67 46.09 24.83 -11.77
CA ASP B 67 45.24 24.03 -12.66
C ASP B 67 44.43 23.00 -11.87
N PHE B 68 45.04 22.42 -10.84
CA PHE B 68 44.37 21.43 -9.98
C PHE B 68 43.21 22.02 -9.22
N SER B 69 43.37 23.26 -8.75
CA SER B 69 42.26 23.97 -8.13
C SER B 69 41.06 24.13 -9.07
N ASN B 70 41.32 24.58 -10.30
CA ASN B 70 40.26 24.80 -11.29
C ASN B 70 39.52 23.49 -11.60
N CYS B 71 40.30 22.41 -11.76
CA CYS B 71 39.76 21.11 -12.15
C CYS B 71 39.01 20.42 -11.01
N PHE B 72 39.43 20.67 -9.77
CA PHE B 72 38.75 20.15 -8.60
C PHE B 72 37.36 20.79 -8.45
N ARG B 73 37.33 22.13 -8.56
CA ARG B 73 36.06 22.86 -8.47
C ARG B 73 35.14 22.46 -9.61
N PHE B 74 35.68 22.34 -10.82
CA PHE B 74 34.89 21.86 -11.95
C PHE B 74 34.17 20.56 -11.59
N LEU B 75 34.91 19.60 -11.05
CA LEU B 75 34.35 18.28 -10.75
C LEU B 75 33.36 18.33 -9.59
N LYS B 76 33.69 19.12 -8.58
CA LYS B 76 32.86 19.27 -7.41
C LYS B 76 31.53 19.95 -7.75
N GLU B 77 31.61 21.05 -8.49
CA GLU B 77 30.42 21.84 -8.80
C GLU B 77 29.46 21.14 -9.77
N ASN B 78 30.00 20.20 -10.53
CA ASN B 78 29.18 19.33 -11.38
C ASN B 78 28.81 18.03 -10.71
N PHE B 79 29.23 17.86 -9.46
CA PHE B 79 28.94 16.65 -8.67
C PHE B 79 29.48 15.39 -9.34
N PHE B 80 30.58 15.57 -10.09
CA PHE B 80 31.31 14.45 -10.68
C PHE B 80 32.21 13.83 -9.61
N ILE B 81 32.70 14.68 -8.70
CA ILE B 81 33.20 14.20 -7.42
C ILE B 81 32.32 14.66 -6.29
N ILE B 82 32.07 13.74 -5.35
CA ILE B 82 31.17 13.98 -4.24
C ILE B 82 31.87 13.66 -2.90
N PRO B 83 31.37 14.20 -1.79
CA PRO B 83 31.91 13.82 -0.50
C PRO B 83 31.92 12.30 -0.32
N GLY B 84 33.02 11.78 0.21
CA GLY B 84 33.18 10.35 0.39
C GLY B 84 32.08 9.67 1.17
N GLU B 85 31.45 10.39 2.11
CA GLU B 85 30.38 9.82 2.93
C GLU B 85 29.13 9.49 2.11
N TYR B 86 28.99 10.16 0.96
CA TYR B 86 27.84 9.96 0.06
C TYR B 86 27.89 8.60 -0.67
N ASN B 87 29.06 7.97 -0.67
CA ASN B 87 29.26 6.66 -1.32
C ASN B 87 28.53 5.51 -0.62
N ASN B 88 28.42 5.60 0.71
CA ASN B 88 27.92 4.50 1.59
C ASN B 88 27.76 3.12 0.95
N SER B 89 28.91 2.52 0.67
CA SER B 89 29.03 1.23 -0.01
C SER B 89 28.39 0.05 0.75
N THR B 90 28.19 0.19 2.05
CA THR B 90 27.75 -0.94 2.88
C THR B 90 26.28 -0.88 3.28
N GLU B 91 25.53 0.01 2.62
CA GLU B 91 24.07 0.07 2.76
C GLU B 91 23.44 -1.22 2.18
N ASN B 92 22.29 -1.64 2.73
CA ASN B 92 21.68 -2.98 2.50
C ASN B 92 21.88 -3.79 1.18
N ASN B 93 21.48 -3.29 0.01
CA ASN B 93 20.51 -2.20 -0.11
C ASN B 93 19.59 -2.35 -1.31
N ARG B 94 18.32 -2.52 -0.93
CA ARG B 94 17.16 -2.40 -1.78
C ARG B 94 17.26 -1.24 -2.77
N TYR B 95 17.71 -0.09 -2.27
CA TYR B 95 17.64 1.15 -3.01
C TYR B 95 18.94 1.58 -3.67
N SER B 96 19.93 0.70 -3.56
CA SER B 96 21.32 0.98 -3.95
C SER B 96 21.46 1.63 -5.32
N ARG B 97 20.67 1.15 -6.28
CA ARG B 97 20.73 1.61 -7.66
C ARG B 97 20.33 3.08 -7.84
N ASN B 98 19.36 3.53 -7.04
CA ASN B 98 18.90 4.91 -7.05
C ASN B 98 19.90 5.92 -6.51
N PHE B 99 20.89 5.43 -5.74
CA PHE B 99 21.81 6.33 -5.05
C PHE B 99 22.65 7.14 -6.02
N LEU B 100 23.07 6.52 -7.12
CA LEU B 100 23.89 7.21 -8.11
C LEU B 100 23.15 8.43 -8.69
N HIS B 101 21.84 8.27 -8.91
CA HIS B 101 20.96 9.36 -9.37
C HIS B 101 20.96 10.56 -8.41
N TYR B 102 20.65 10.32 -7.14
CA TYR B 102 20.73 11.35 -6.09
C TYR B 102 22.15 11.96 -5.99
N GLN B 103 23.19 11.12 -5.99
CA GLN B 103 24.57 11.63 -5.96
C GLN B 103 24.85 12.62 -7.11
N SER B 104 24.36 12.28 -8.30
CA SER B 104 24.61 13.07 -9.52
C SER B 104 24.02 14.47 -9.46
N TYR B 105 23.06 14.67 -8.55
CA TYR B 105 22.47 15.98 -8.28
C TYR B 105 23.07 16.65 -7.05
N GLY B 106 24.16 16.10 -6.52
CA GLY B 106 24.84 16.68 -5.36
C GLY B 106 24.22 16.38 -4.01
N ALA B 107 23.30 15.41 -3.99
CA ALA B 107 22.60 15.04 -2.76
C ALA B 107 23.23 13.83 -2.06
N ASN B 108 23.09 13.78 -0.74
CA ASN B 108 23.44 12.60 0.02
C ASN B 108 22.28 11.62 -0.11
N PRO B 109 22.50 10.47 -0.79
CA PRO B 109 21.40 9.54 -1.08
C PRO B 109 20.65 9.08 0.17
N VAL B 110 21.38 8.79 1.25
CA VAL B 110 20.78 8.31 2.51
C VAL B 110 19.82 9.35 3.13
N LEU B 111 20.12 10.63 2.92
CA LEU B 111 19.22 11.69 3.38
C LEU B 111 18.00 11.82 2.48
N VAL B 112 18.19 11.64 1.18
CA VAL B 112 17.05 11.63 0.27
C VAL B 112 16.16 10.42 0.61
N GLN B 113 16.79 9.26 0.75
CA GLN B 113 16.10 8.05 1.15
C GLN B 113 15.27 8.22 2.40
N ASP B 114 15.81 8.93 3.40
CA ASP B 114 15.09 9.20 4.63
C ASP B 114 13.82 10.05 4.44
N LYS B 115 13.90 11.06 3.57
CA LYS B 115 12.74 11.90 3.26
C LYS B 115 11.63 11.09 2.58
N LEU B 116 12.02 10.19 1.68
CA LEU B 116 11.06 9.31 1.00
C LEU B 116 10.39 8.35 2.00
N LYS B 117 11.19 7.81 2.91
CA LYS B 117 10.69 6.88 3.91
C LYS B 117 9.66 7.58 4.81
N ASN B 118 9.89 8.85 5.12
CA ASN B 118 9.00 9.59 6.02
C ASN B 118 7.78 10.26 5.35
N ALA B 119 7.61 10.01 4.05
CA ALA B 119 6.55 10.60 3.27
C ALA B 119 5.33 9.67 3.12
N LYS B 120 4.17 10.30 3.01
CA LYS B 120 2.92 9.68 2.56
C LYS B 120 2.50 10.23 1.20
N VAL B 121 2.09 9.34 0.29
CA VAL B 121 1.52 9.73 -1.00
C VAL B 121 0.15 9.07 -1.21
N VAL B 122 -0.82 9.86 -1.62
CA VAL B 122 -2.13 9.38 -2.00
C VAL B 122 -2.15 9.19 -3.53
N ILE B 123 -2.60 8.03 -3.96
CA ILE B 123 -2.79 7.72 -5.38
C ILE B 123 -4.28 7.73 -5.60
N LEU B 124 -4.77 8.83 -6.15
CA LEU B 124 -6.21 9.01 -6.35
C LEU B 124 -6.53 8.56 -7.75
N GLY B 125 -6.96 7.31 -7.89
CA GLY B 125 -7.14 6.71 -9.21
C GLY B 125 -6.10 5.63 -9.41
N CYS B 126 -6.57 4.38 -9.46
CA CYS B 126 -5.70 3.22 -9.50
C CYS B 126 -5.81 2.48 -10.83
N GLY B 127 -5.86 3.25 -11.89
CA GLY B 127 -5.88 2.73 -13.25
C GLY B 127 -4.50 2.72 -13.88
N GLY B 128 -4.44 3.06 -15.16
CA GLY B 128 -3.20 3.00 -15.93
C GLY B 128 -2.12 3.86 -15.33
N ILE B 129 -2.44 5.13 -15.07
CA ILE B 129 -1.48 6.05 -14.45
C ILE B 129 -1.14 5.59 -13.02
N GLY B 130 -2.16 5.26 -12.23
CA GLY B 130 -2.00 4.83 -10.84
C GLY B 130 -1.14 3.59 -10.61
N ASN B 131 -1.36 2.55 -11.41
CA ASN B 131 -0.49 1.38 -11.44
C ASN B 131 0.98 1.76 -11.57
N HIS B 132 1.27 2.53 -12.61
CA HIS B 132 2.64 2.86 -12.95
C HIS B 132 3.34 3.75 -11.93
N VAL B 133 2.64 4.79 -11.48
CA VAL B 133 3.18 5.68 -10.43
C VAL B 133 3.41 4.95 -9.11
N SER B 134 2.39 4.19 -8.66
CA SER B 134 2.48 3.56 -7.35
C SER B 134 3.65 2.58 -7.26
N VAL B 135 3.92 1.84 -8.33
CA VAL B 135 5.02 0.91 -8.30
C VAL B 135 6.40 1.59 -8.29
N ILE B 136 6.58 2.67 -9.08
CA ILE B 136 7.80 3.47 -9.03
C ILE B 136 8.02 3.98 -7.61
N LEU B 137 6.96 4.54 -7.01
CA LEU B 137 7.05 5.09 -5.67
C LEU B 137 7.37 4.04 -4.62
N ALA B 138 6.71 2.89 -4.69
CA ALA B 138 6.93 1.84 -3.72
C ALA B 138 8.38 1.30 -3.76
N THR B 139 8.90 1.10 -4.97
CA THR B 139 10.20 0.46 -5.10
C THR B 139 11.33 1.49 -4.92
N SER B 140 10.95 2.76 -4.98
CA SER B 140 11.89 3.81 -4.63
C SER B 140 11.84 4.15 -3.14
N GLY B 141 10.89 3.55 -2.43
CA GLY B 141 10.87 3.62 -0.97
C GLY B 141 10.07 4.74 -0.31
N ILE B 142 9.06 5.25 -1.01
CA ILE B 142 8.07 6.14 -0.38
C ILE B 142 7.41 5.31 0.73
N GLY B 143 7.45 5.84 1.95
CA GLY B 143 7.17 5.01 3.14
C GLY B 143 5.72 4.58 3.35
N GLU B 144 4.79 5.42 2.89
CA GLU B 144 3.38 5.16 3.08
C GLU B 144 2.63 5.52 1.80
N ILE B 145 1.92 4.55 1.23
CA ILE B 145 1.15 4.75 0.01
C ILE B 145 -0.34 4.44 0.23
N ILE B 146 -1.19 5.42 -0.09
CA ILE B 146 -2.62 5.32 0.16
C ILE B 146 -3.37 5.25 -1.18
N LEU B 147 -3.96 4.07 -1.43
CA LEU B 147 -4.61 3.73 -2.69
C LEU B 147 -6.12 4.03 -2.71
N ILE B 148 -6.54 4.90 -3.63
CA ILE B 148 -7.93 5.31 -3.68
C ILE B 148 -8.63 5.02 -5.00
N ASP B 149 -9.68 4.20 -4.91
CA ASP B 149 -10.42 3.76 -6.09
C ASP B 149 -11.59 2.95 -5.58
N ASN B 150 -12.60 2.74 -6.42
CA ASN B 150 -13.70 1.89 -6.01
C ASN B 150 -14.05 0.88 -7.10
N ASP B 151 -13.18 0.80 -8.10
CA ASP B 151 -13.47 0.03 -9.30
C ASP B 151 -12.86 -1.36 -9.21
N GLN B 152 -13.42 -2.28 -10.00
CA GLN B 152 -12.92 -3.65 -10.15
C GLN B 152 -12.18 -3.78 -11.47
N ILE B 153 -11.28 -4.76 -11.53
CA ILE B 153 -10.40 -4.95 -12.68
C ILE B 153 -11.15 -5.59 -13.84
N GLU B 154 -10.93 -5.05 -15.04
CA GLU B 154 -11.53 -5.62 -16.24
C GLU B 154 -10.45 -6.08 -17.21
N ASN B 155 -10.77 -7.03 -18.09
CA ASN B 155 -9.75 -7.59 -19.00
C ASN B 155 -9.09 -6.54 -19.90
N THR B 156 -9.85 -5.51 -20.25
CA THR B 156 -9.37 -4.41 -21.08
C THR B 156 -8.29 -3.54 -20.40
N ASN B 157 -8.28 -3.56 -19.07
CA ASN B 157 -7.32 -2.82 -18.27
C ASN B 157 -5.88 -3.29 -18.47
N LEU B 158 -5.72 -4.51 -18.97
CA LEU B 158 -4.42 -5.18 -18.97
C LEU B 158 -3.42 -4.62 -19.97
N THR B 159 -3.87 -3.77 -20.88
CA THR B 159 -2.96 -3.16 -21.87
C THR B 159 -1.95 -2.21 -21.23
N ARG B 160 -2.25 -1.68 -20.04
CA ARG B 160 -1.32 -0.77 -19.38
C ARG B 160 -1.31 -0.81 -17.85
N GLN B 161 -2.34 -1.42 -17.25
CA GLN B 161 -2.40 -1.54 -15.78
C GLN B 161 -1.51 -2.68 -15.35
N VAL B 162 -0.21 -2.37 -15.39
CA VAL B 162 0.89 -3.34 -15.36
C VAL B 162 0.92 -4.30 -14.16
N LEU B 163 0.32 -3.92 -13.03
CA LEU B 163 0.37 -4.77 -11.84
C LEU B 163 -0.65 -5.89 -11.89
N PHE B 164 -1.56 -5.80 -12.86
CA PHE B 164 -2.70 -6.71 -12.97
C PHE B 164 -2.47 -7.87 -13.92
N SER B 165 -2.99 -9.03 -13.53
CA SER B 165 -2.92 -10.25 -14.33
C SER B 165 -4.33 -10.66 -14.77
N GLU B 166 -4.43 -11.56 -15.74
CA GLU B 166 -5.72 -12.12 -16.19
C GLU B 166 -6.46 -12.68 -14.98
N ASP B 167 -5.70 -13.34 -14.10
CA ASP B 167 -6.21 -13.98 -12.88
C ASP B 167 -6.94 -12.96 -11.95
N ASP B 168 -6.61 -11.68 -12.09
CA ASP B 168 -7.13 -10.60 -11.22
C ASP B 168 -8.42 -9.93 -11.67
N VAL B 169 -8.86 -10.18 -12.91
CA VAL B 169 -10.14 -9.66 -13.39
C VAL B 169 -11.24 -9.93 -12.36
N GLY B 170 -12.05 -8.92 -12.08
CA GLY B 170 -13.15 -9.06 -11.11
C GLY B 170 -12.82 -8.56 -9.72
N LYS B 171 -11.53 -8.54 -9.37
CA LYS B 171 -11.10 -8.09 -8.05
C LYS B 171 -11.00 -6.57 -7.96
N ASN B 172 -10.96 -6.06 -6.73
CA ASN B 172 -10.83 -4.62 -6.50
C ASN B 172 -9.42 -4.16 -6.82
N LYS B 173 -9.34 -3.08 -7.59
CA LYS B 173 -8.07 -2.50 -7.99
C LYS B 173 -7.14 -2.22 -6.78
N THR B 174 -7.65 -1.53 -5.77
CA THR B 174 -6.82 -1.18 -4.60
C THR B 174 -6.22 -2.41 -3.92
N GLU B 175 -7.00 -3.49 -3.83
CA GLU B 175 -6.52 -4.73 -3.22
C GLU B 175 -5.41 -5.40 -4.02
N VAL B 176 -5.53 -5.44 -5.34
CA VAL B 176 -4.50 -6.08 -6.16
C VAL B 176 -3.22 -5.23 -6.21
N ILE B 177 -3.37 -3.91 -6.31
CA ILE B 177 -2.21 -3.04 -6.25
C ILE B 177 -1.46 -3.22 -4.92
N LYS B 178 -2.18 -3.17 -3.80
CA LYS B 178 -1.56 -3.37 -2.51
C LYS B 178 -0.77 -4.67 -2.49
N ARG B 179 -1.40 -5.75 -2.95
CA ARG B 179 -0.75 -7.05 -2.96
C ARG B 179 0.56 -7.02 -3.74
N GLU B 180 0.51 -6.45 -4.94
CA GLU B 180 1.66 -6.42 -5.82
C GLU B 180 2.77 -5.52 -5.33
N LEU B 181 2.39 -4.39 -4.73
CA LEU B 181 3.38 -3.45 -4.25
C LEU B 181 4.18 -4.08 -3.09
N LEU B 182 3.48 -4.75 -2.19
CA LEU B 182 4.14 -5.36 -1.03
C LEU B 182 5.01 -6.59 -1.39
N LYS B 183 4.68 -7.25 -2.51
CA LYS B 183 5.50 -8.33 -3.08
C LYS B 183 6.83 -7.76 -3.55
N ARG B 184 6.78 -6.50 -4.01
CA ARG B 184 7.95 -5.81 -4.55
C ARG B 184 8.77 -5.08 -3.48
N ASN B 185 8.08 -4.44 -2.54
CA ASN B 185 8.74 -3.81 -1.41
C ASN B 185 8.02 -4.06 -0.09
N SER B 186 8.44 -5.11 0.61
CA SER B 186 7.84 -5.48 1.90
C SER B 186 8.13 -4.44 3.01
N GLU B 187 9.04 -3.50 2.73
CA GLU B 187 9.54 -2.58 3.74
C GLU B 187 8.70 -1.31 3.89
N ILE B 188 7.67 -1.16 3.06
CA ILE B 188 6.86 0.05 3.12
C ILE B 188 5.45 -0.30 3.58
N SER B 189 4.61 0.71 3.73
CA SER B 189 3.23 0.50 4.16
C SER B 189 2.24 0.95 3.10
N VAL B 190 1.22 0.14 2.88
CA VAL B 190 0.23 0.44 1.88
C VAL B 190 -1.12 0.29 2.52
N SER B 191 -2.02 1.20 2.17
CA SER B 191 -3.38 1.12 2.66
C SER B 191 -4.35 1.50 1.55
N GLU B 192 -5.62 1.20 1.78
CA GLU B 192 -6.66 1.39 0.78
C GLU B 192 -7.85 2.16 1.30
N ILE B 193 -8.47 2.92 0.40
CA ILE B 193 -9.77 3.56 0.61
C ILE B 193 -10.68 3.27 -0.57
N ALA B 194 -11.71 2.48 -0.32
CA ALA B 194 -12.75 2.17 -1.31
C ALA B 194 -13.68 3.37 -1.44
N LEU B 195 -13.46 4.17 -2.48
CA LEU B 195 -14.08 5.47 -2.58
C LEU B 195 -14.11 5.84 -4.02
N ASN B 196 -15.27 6.29 -4.48
CA ASN B 196 -15.35 7.01 -5.74
C ASN B 196 -15.90 8.39 -5.46
N ILE B 197 -15.15 9.39 -5.91
CA ILE B 197 -15.58 10.78 -5.77
C ILE B 197 -16.76 11.06 -6.70
N ASN B 198 -17.95 11.10 -6.10
CA ASN B 198 -19.20 11.38 -6.80
C ASN B 198 -19.56 12.86 -6.84
N ASP B 199 -19.21 13.58 -5.79
CA ASP B 199 -19.25 15.05 -5.84
C ASP B 199 -18.10 15.61 -5.06
N TYR B 200 -17.94 16.93 -5.12
CA TYR B 200 -16.91 17.65 -4.40
C TYR B 200 -16.77 17.23 -2.94
N THR B 201 -17.89 16.98 -2.27
CA THR B 201 -17.86 16.73 -0.83
C THR B 201 -17.23 15.38 -0.42
N ASP B 202 -17.18 14.43 -1.35
CA ASP B 202 -16.46 13.17 -1.13
C ASP B 202 -14.95 13.36 -0.95
N LEU B 203 -14.43 14.51 -1.35
CA LEU B 203 -12.98 14.77 -1.27
C LEU B 203 -12.45 14.86 0.16
N HIS B 204 -13.32 15.24 1.09
CA HIS B 204 -12.98 15.22 2.50
C HIS B 204 -12.65 13.80 3.01
N LYS B 205 -13.04 12.78 2.25
CA LYS B 205 -12.73 11.39 2.61
C LYS B 205 -11.32 10.98 2.19
N VAL B 206 -10.66 11.83 1.41
CA VAL B 206 -9.27 11.58 1.02
C VAL B 206 -8.36 12.25 2.06
N PRO B 207 -7.46 11.47 2.71
CA PRO B 207 -6.61 11.97 3.79
C PRO B 207 -5.53 12.93 3.31
N GLU B 208 -5.03 13.73 4.23
CA GLU B 208 -3.86 14.56 4.02
C GLU B 208 -2.64 13.67 3.74
N ALA B 209 -1.76 14.14 2.86
CA ALA B 209 -0.49 13.49 2.54
C ALA B 209 0.50 14.57 2.06
N ASP B 210 1.75 14.17 1.86
CA ASP B 210 2.74 15.10 1.31
C ASP B 210 2.30 15.60 -0.05
N ILE B 211 1.60 14.74 -0.80
CA ILE B 211 1.12 15.07 -2.15
C ILE B 211 0.07 14.04 -2.57
N TRP B 212 -0.91 14.48 -3.35
CA TRP B 212 -1.86 13.57 -4.01
C TRP B 212 -1.46 13.42 -5.46
N VAL B 213 -1.44 12.18 -5.94
CA VAL B 213 -1.23 11.89 -7.36
C VAL B 213 -2.61 11.67 -7.99
N VAL B 214 -3.03 12.61 -8.86
CA VAL B 214 -4.41 12.63 -9.36
C VAL B 214 -4.48 12.21 -10.83
N SER B 215 -5.08 11.04 -11.07
CA SER B 215 -5.30 10.55 -12.42
C SER B 215 -6.73 10.06 -12.61
N ALA B 216 -7.53 10.20 -11.56
CA ALA B 216 -8.97 9.96 -11.69
C ALA B 216 -9.55 11.04 -12.61
N ASP B 217 -10.46 10.65 -13.50
CA ASP B 217 -10.90 11.52 -14.59
C ASP B 217 -12.43 11.64 -14.77
N HIS B 218 -13.22 11.01 -13.91
CA HIS B 218 -14.68 11.02 -14.05
C HIS B 218 -15.37 11.69 -12.84
N PRO B 219 -16.26 12.69 -13.09
CA PRO B 219 -16.59 13.29 -14.38
C PRO B 219 -15.49 14.22 -14.85
N PHE B 220 -15.70 14.85 -16.01
CA PHE B 220 -14.69 15.71 -16.62
C PHE B 220 -14.20 16.83 -15.67
N ASN B 221 -15.05 17.29 -14.76
CA ASN B 221 -14.66 18.35 -13.85
C ASN B 221 -14.18 17.85 -12.47
N LEU B 222 -13.92 16.56 -12.36
CA LEU B 222 -13.33 16.02 -11.13
C LEU B 222 -12.06 16.79 -10.81
N ILE B 223 -11.25 17.08 -11.83
CA ILE B 223 -9.99 17.80 -11.64
C ILE B 223 -10.23 19.20 -11.03
N ASN B 224 -11.33 19.84 -11.41
CA ASN B 224 -11.66 21.17 -10.87
C ASN B 224 -12.10 21.08 -9.39
N TRP B 225 -12.91 20.07 -9.05
CA TRP B 225 -13.19 19.76 -7.63
C TRP B 225 -11.92 19.53 -6.82
N VAL B 226 -11.08 18.61 -7.29
CA VAL B 226 -9.78 18.31 -6.65
C VAL B 226 -8.96 19.58 -6.45
N ASN B 227 -8.85 20.39 -7.50
CA ASN B 227 -8.10 21.64 -7.40
C ASN B 227 -8.65 22.58 -6.32
N LYS B 228 -9.96 22.79 -6.35
CA LYS B 228 -10.66 23.67 -5.40
C LYS B 228 -10.41 23.21 -3.96
N TYR B 229 -10.60 21.92 -3.72
CA TYR B 229 -10.37 21.30 -2.44
C TYR B 229 -8.93 21.46 -1.96
N CYS B 230 -7.96 21.22 -2.84
CA CYS B 230 -6.55 21.20 -2.44
C CYS B 230 -6.02 22.58 -2.11
N VAL B 231 -6.49 23.58 -2.85
CA VAL B 231 -6.19 24.99 -2.56
C VAL B 231 -6.71 25.33 -1.16
N ARG B 232 -7.96 24.98 -0.87
CA ARG B 232 -8.58 25.25 0.43
C ARG B 232 -7.90 24.46 1.54
N ALA B 233 -7.52 23.22 1.25
CA ALA B 233 -6.87 22.34 2.21
C ALA B 233 -5.33 22.49 2.35
N ASN B 234 -4.72 23.41 1.61
CA ASN B 234 -3.26 23.50 1.54
C ASN B 234 -2.65 22.14 1.21
N GLN B 235 -3.23 21.46 0.22
CA GLN B 235 -2.80 20.11 -0.14
C GLN B 235 -2.11 20.11 -1.51
N PRO B 236 -0.79 19.82 -1.52
CA PRO B 236 -0.08 19.59 -2.79
C PRO B 236 -0.68 18.44 -3.61
N TYR B 237 -0.72 18.60 -4.93
CA TYR B 237 -1.17 17.53 -5.79
C TYR B 237 -0.47 17.64 -7.12
N ILE B 238 -0.32 16.52 -7.80
CA ILE B 238 0.11 16.54 -9.18
C ILE B 238 -0.90 15.76 -10.01
N ASN B 239 -1.25 16.32 -11.17
CA ASN B 239 -2.20 15.70 -12.10
C ASN B 239 -1.40 15.04 -13.22
N ALA B 240 -1.86 13.88 -13.67
CA ALA B 240 -1.20 13.19 -14.78
C ALA B 240 -2.21 12.33 -15.53
N GLY B 241 -1.98 12.20 -16.83
CA GLY B 241 -2.93 11.52 -17.69
C GLY B 241 -2.47 11.68 -19.11
N TYR B 242 -3.42 11.90 -20.01
CA TYR B 242 -3.13 11.96 -21.44
C TYR B 242 -4.34 12.58 -22.12
N VAL B 243 -4.11 13.20 -23.27
CA VAL B 243 -5.19 13.60 -24.14
C VAL B 243 -4.89 12.81 -25.40
N ASN B 244 -5.57 11.66 -25.54
CA ASN B 244 -5.31 10.71 -26.59
C ASN B 244 -3.83 10.39 -26.68
N ASP B 245 -3.21 10.69 -27.82
CA ASP B 245 -1.81 10.33 -28.08
C ASP B 245 -0.76 11.28 -27.46
N ILE B 246 -1.18 12.29 -26.71
CA ILE B 246 -0.21 13.14 -25.99
C ILE B 246 -0.22 12.81 -24.52
N ALA B 247 0.98 12.50 -24.00
CA ALA B 247 1.15 12.23 -22.56
C ALA B 247 1.21 13.54 -21.78
N VAL B 248 0.53 13.58 -20.63
CA VAL B 248 0.41 14.83 -19.89
C VAL B 248 0.74 14.63 -18.43
N PHE B 249 1.63 15.46 -17.91
CA PHE B 249 1.75 15.54 -16.46
C PHE B 249 1.90 16.99 -16.07
N GLY B 250 1.59 17.29 -14.82
CA GLY B 250 1.46 18.69 -14.42
C GLY B 250 0.01 19.12 -14.49
N PRO B 251 -0.37 20.15 -13.73
CA PRO B 251 0.52 20.91 -12.83
C PRO B 251 0.84 20.18 -11.52
N LEU B 252 2.01 20.50 -10.97
CA LEU B 252 2.31 20.20 -9.58
C LEU B 252 1.95 21.45 -8.80
N TYR B 253 0.81 21.41 -8.14
CA TYR B 253 0.33 22.54 -7.37
C TYR B 253 1.03 22.54 -6.02
N VAL B 254 1.63 23.67 -5.65
CA VAL B 254 2.25 23.84 -4.31
C VAL B 254 1.62 25.10 -3.70
N PRO B 255 0.86 24.92 -2.60
CA PRO B 255 0.18 25.97 -1.86
C PRO B 255 1.11 27.17 -1.67
N GLY B 256 0.67 28.33 -2.14
CA GLY B 256 1.41 29.58 -1.99
C GLY B 256 2.67 29.70 -2.83
N LYS B 257 2.98 28.69 -3.61
CA LYS B 257 4.16 28.74 -4.47
C LYS B 257 3.80 28.80 -5.96
N THR B 258 2.80 28.02 -6.37
CA THR B 258 2.44 27.93 -7.78
C THR B 258 1.06 28.50 -8.05
N GLY B 259 0.76 28.71 -9.33
CA GLY B 259 -0.61 28.83 -9.80
C GLY B 259 -1.40 27.57 -9.48
N CYS B 260 -2.72 27.69 -9.51
CA CYS B 260 -3.59 26.52 -9.39
C CYS B 260 -4.11 26.13 -10.80
N TYR B 261 -4.84 25.03 -10.89
CA TYR B 261 -5.39 24.55 -12.17
C TYR B 261 -6.27 25.58 -12.88
N GLU B 262 -6.88 26.50 -12.15
CA GLU B 262 -7.79 27.48 -12.73
C GLU B 262 -7.14 28.83 -13.04
N CYS B 263 -5.93 29.04 -12.57
CA CYS B 263 -5.25 30.34 -12.71
C CYS B 263 -5.15 30.85 -14.15
N GLN B 264 -4.80 29.98 -15.09
CA GLN B 264 -4.71 30.39 -16.50
C GLN B 264 -5.91 29.96 -17.33
N LYS B 265 -7.06 29.79 -16.68
CA LYS B 265 -8.30 29.41 -17.38
C LYS B 265 -8.96 30.61 -18.04
N LYS B 275 -24.67 29.78 -27.80
CA LYS B 275 -25.87 30.03 -28.58
C LYS B 275 -27.05 29.26 -27.96
N GLU B 276 -27.57 28.26 -28.69
CA GLU B 276 -28.68 27.44 -28.22
C GLU B 276 -28.70 26.10 -28.95
N ASN B 277 -28.66 26.17 -30.28
CA ASN B 277 -28.71 24.99 -31.14
C ASN B 277 -27.41 24.16 -31.16
N ILE B 278 -26.33 24.76 -30.66
CA ILE B 278 -25.05 24.07 -30.55
C ILE B 278 -24.83 23.38 -29.21
N ASP B 279 -25.18 24.05 -28.11
CA ASP B 279 -24.83 23.60 -26.74
C ASP B 279 -25.22 22.15 -26.44
N HIS B 280 -26.43 21.78 -26.84
CA HIS B 280 -26.91 20.41 -26.64
C HIS B 280 -26.09 19.44 -27.47
N LYS B 281 -25.66 19.87 -28.66
CA LYS B 281 -24.86 19.04 -29.58
C LYS B 281 -23.42 18.89 -29.10
N ILE B 282 -22.84 19.99 -28.60
CA ILE B 282 -21.51 19.96 -27.96
C ILE B 282 -21.51 19.02 -26.75
N LYS B 283 -22.54 19.17 -25.91
CA LYS B 283 -22.68 18.37 -24.69
C LYS B 283 -22.74 16.89 -25.02
N LEU B 284 -23.48 16.56 -26.07
CA LEU B 284 -23.72 15.20 -26.47
C LEU B 284 -22.45 14.56 -26.99
N ILE B 285 -21.78 15.24 -27.92
CA ILE B 285 -20.53 14.75 -28.45
C ILE B 285 -19.51 14.48 -27.33
N ASN B 286 -19.28 15.47 -26.47
CA ASN B 286 -18.36 15.35 -25.35
C ASN B 286 -18.74 14.27 -24.31
N SER B 287 -20.03 14.09 -24.06
CA SER B 287 -20.51 13.05 -23.13
C SER B 287 -20.16 11.64 -23.62
N ARG B 288 -19.92 11.51 -24.92
CA ARG B 288 -19.55 10.24 -25.53
C ARG B 288 -18.03 9.99 -25.55
N PHE B 289 -17.26 10.99 -25.13
CA PHE B 289 -15.79 10.93 -25.24
C PHE B 289 -15.16 9.76 -24.49
N LYS B 290 -14.25 9.06 -25.16
CA LYS B 290 -13.39 8.03 -24.55
C LYS B 290 -11.97 8.28 -25.07
N PRO B 291 -10.99 8.42 -24.16
CA PRO B 291 -9.64 8.64 -24.68
C PRO B 291 -9.09 7.46 -25.48
N ALA B 292 -8.31 7.77 -26.52
CA ALA B 292 -7.55 6.75 -27.24
C ALA B 292 -6.30 6.30 -26.43
N THR B 293 -6.52 5.47 -25.42
CA THR B 293 -5.44 4.97 -24.55
C THR B 293 -4.44 4.11 -25.33
N PHE B 294 -3.17 4.27 -24.97
CA PHE B 294 -2.05 3.59 -25.60
C PHE B 294 -0.97 3.48 -24.52
N ALA B 295 -0.62 2.25 -24.14
CA ALA B 295 0.30 2.04 -23.03
C ALA B 295 1.55 2.96 -23.04
N PRO B 296 2.27 3.03 -24.18
CA PRO B 296 3.43 3.93 -24.23
C PRO B 296 3.16 5.38 -23.75
N VAL B 297 2.01 5.93 -24.09
CA VAL B 297 1.60 7.31 -23.71
C VAL B 297 1.28 7.41 -22.21
N ASN B 298 0.48 6.46 -21.74
CA ASN B 298 0.18 6.30 -20.33
C ASN B 298 1.47 6.20 -19.52
N ASN B 299 2.40 5.38 -20.02
CA ASN B 299 3.58 5.03 -19.25
C ASN B 299 4.55 6.18 -19.11
N VAL B 300 4.62 6.98 -20.17
CA VAL B 300 5.46 8.17 -20.21
C VAL B 300 4.96 9.20 -19.22
N ALA B 301 3.65 9.44 -19.24
CA ALA B 301 3.00 10.40 -18.35
C ALA B 301 3.18 9.99 -16.88
N ALA B 302 2.97 8.70 -16.60
CA ALA B 302 3.09 8.18 -15.25
C ALA B 302 4.52 8.27 -14.74
N ALA B 303 5.47 7.94 -15.62
CA ALA B 303 6.88 7.92 -15.28
C ALA B 303 7.33 9.31 -14.85
N LEU B 304 6.97 10.33 -15.63
CA LEU B 304 7.47 11.69 -15.34
C LEU B 304 6.73 12.31 -14.18
N CYS B 305 5.46 11.95 -14.03
CA CYS B 305 4.70 12.24 -12.82
C CYS B 305 5.46 11.72 -11.60
N ALA B 306 5.78 10.43 -11.61
CA ALA B 306 6.49 9.81 -10.51
C ALA B 306 7.84 10.49 -10.24
N ALA B 307 8.53 10.94 -11.29
CA ALA B 307 9.82 11.65 -11.09
C ALA B 307 9.60 12.94 -10.32
N ASP B 308 8.55 13.66 -10.65
CA ASP B 308 8.26 14.94 -10.02
C ASP B 308 7.89 14.73 -8.56
N VAL B 309 7.21 13.62 -8.26
CA VAL B 309 6.86 13.29 -6.87
C VAL B 309 8.11 13.04 -6.04
N ILE B 310 8.96 12.15 -6.55
CA ILE B 310 10.21 11.78 -5.89
C ILE B 310 11.09 13.01 -5.66
N LYS B 311 11.14 13.89 -6.65
CA LYS B 311 11.93 15.13 -6.55
C LYS B 311 11.27 16.14 -5.60
N PHE B 312 9.94 16.23 -5.64
CA PHE B 312 9.21 17.09 -4.70
C PHE B 312 9.50 16.74 -3.25
N ILE B 313 9.42 15.47 -2.93
CA ILE B 313 9.61 15.01 -1.57
C ILE B 313 11.11 14.91 -1.25
N GLY B 314 11.89 14.51 -2.23
CA GLY B 314 13.34 14.27 -2.04
C GLY B 314 14.14 15.54 -1.92
N LYS B 315 13.68 16.57 -2.61
CA LYS B 315 14.25 17.93 -2.54
C LYS B 315 15.64 18.08 -3.16
N TYR B 316 16.03 17.14 -4.01
CA TYR B 316 17.38 17.16 -4.58
C TYR B 316 17.45 17.81 -5.99
N SER B 317 16.30 18.02 -6.59
CA SER B 317 16.19 18.62 -7.94
C SER B 317 14.78 19.20 -8.11
N GLU B 318 14.65 20.27 -8.90
CA GLU B 318 13.34 20.88 -9.17
C GLU B 318 12.40 19.98 -9.97
N PRO B 319 11.18 19.72 -9.46
CA PRO B 319 10.15 19.06 -10.30
C PRO B 319 9.93 19.88 -11.57
N LEU B 320 9.78 19.18 -12.70
CA LEU B 320 9.59 19.82 -13.99
C LEU B 320 8.26 20.57 -14.07
N SER B 321 7.23 19.98 -13.47
CA SER B 321 5.86 20.48 -13.64
C SER B 321 5.41 21.55 -12.66
N LEU B 322 6.34 22.17 -11.91
CA LEU B 322 6.00 23.39 -11.15
C LEU B 322 5.52 24.52 -12.08
N ASN B 323 4.29 24.98 -11.89
CA ASN B 323 3.69 26.05 -12.72
C ASN B 323 3.53 25.68 -14.20
N LYS B 324 3.36 24.38 -14.47
CA LYS B 324 3.35 23.92 -15.86
C LYS B 324 2.52 22.69 -16.08
N ARG B 325 1.79 22.70 -17.19
CA ARG B 325 1.18 21.50 -17.73
C ARG B 325 2.08 21.08 -18.92
N ILE B 326 2.68 19.89 -18.85
CA ILE B 326 3.62 19.44 -19.87
C ILE B 326 3.04 18.31 -20.69
N GLY B 327 3.11 18.46 -22.01
CA GLY B 327 2.67 17.42 -22.92
C GLY B 327 3.83 16.86 -23.69
N ILE B 328 3.84 15.53 -23.83
CA ILE B 328 4.81 14.86 -24.68
C ILE B 328 4.04 14.17 -25.82
N TRP B 329 4.37 14.56 -27.05
CA TRP B 329 3.76 13.96 -28.23
C TRP B 329 4.29 12.54 -28.42
N SER B 330 3.47 11.67 -29.03
CA SER B 330 3.91 10.32 -29.36
C SER B 330 4.01 10.08 -30.87
N ASP B 331 3.33 10.89 -31.66
CA ASP B 331 3.46 10.79 -33.13
C ASP B 331 4.38 11.86 -33.77
N GLU B 332 4.93 12.72 -32.94
CA GLU B 332 5.96 13.69 -33.33
C GLU B 332 7.02 13.71 -32.27
N ILE B 333 8.19 14.24 -32.60
CA ILE B 333 9.21 14.47 -31.60
C ILE B 333 9.00 15.88 -31.02
N LYS B 334 8.32 15.93 -29.86
CA LYS B 334 7.78 17.21 -29.36
C LYS B 334 7.39 17.16 -27.89
N ILE B 335 7.85 18.18 -27.15
CA ILE B 335 7.41 18.39 -25.79
C ILE B 335 7.06 19.86 -25.68
N HIS B 336 5.85 20.12 -25.23
CA HIS B 336 5.44 21.50 -25.04
C HIS B 336 4.93 21.71 -23.63
N SER B 337 5.16 22.93 -23.16
CA SER B 337 4.84 23.32 -21.81
C SER B 337 3.81 24.44 -21.83
N GLN B 338 2.82 24.33 -20.95
CA GLN B 338 1.75 25.31 -20.82
C GLN B 338 1.83 25.95 -19.44
N ASN B 339 1.97 27.28 -19.43
CA ASN B 339 2.13 28.04 -18.20
C ASN B 339 0.88 28.00 -17.30
N MET B 340 1.11 27.70 -16.03
CA MET B 340 0.07 27.59 -15.01
C MET B 340 0.53 28.38 -13.81
N GLY B 341 1.07 29.57 -14.06
CA GLY B 341 1.56 30.44 -13.00
C GLY B 341 0.40 31.16 -12.33
N ARG B 342 0.64 31.72 -11.16
CA ARG B 342 -0.43 32.36 -10.38
C ARG B 342 -1.10 33.55 -11.08
N SER B 343 -2.39 33.72 -10.79
CA SER B 343 -3.18 34.83 -11.29
C SER B 343 -3.89 35.50 -10.12
N PRO B 344 -3.88 36.85 -10.07
CA PRO B 344 -4.57 37.50 -8.98
C PRO B 344 -6.08 37.53 -9.20
N VAL B 345 -6.53 37.33 -10.44
CA VAL B 345 -7.96 37.33 -10.76
C VAL B 345 -8.56 35.90 -10.81
N CYS B 346 -7.82 34.93 -10.26
CA CYS B 346 -8.29 33.54 -10.22
C CYS B 346 -9.40 33.36 -9.18
N SER B 347 -10.48 32.72 -9.59
CA SER B 347 -11.67 32.53 -8.74
C SER B 347 -11.46 31.55 -7.59
N VAL B 348 -10.40 30.75 -7.70
CA VAL B 348 -10.11 29.75 -6.67
C VAL B 348 -9.04 30.21 -5.69
N CYS B 349 -7.90 30.72 -6.19
CA CYS B 349 -6.79 31.08 -5.33
C CYS B 349 -6.37 32.55 -5.41
N GLY B 350 -7.07 33.33 -6.24
CA GLY B 350 -6.73 34.74 -6.42
C GLY B 350 -7.39 35.56 -5.32
N MET C 4 27.78 9.90 31.86
CA MET C 4 26.42 9.27 31.77
C MET C 4 26.51 7.84 31.22
N ASP C 5 25.88 6.91 31.94
CA ASP C 5 25.82 5.51 31.56
C ASP C 5 24.77 5.25 30.49
N TYR C 6 25.08 4.31 29.61
CA TYR C 6 24.10 3.70 28.73
C TYR C 6 23.98 2.22 29.01
N ILE C 7 22.84 1.64 28.68
CA ILE C 7 22.63 0.21 28.89
C ILE C 7 21.83 -0.35 27.73
N LEU C 8 22.21 -1.55 27.30
CA LEU C 8 21.45 -2.34 26.34
C LEU C 8 20.08 -2.74 26.87
N GLY C 9 19.03 -2.39 26.13
CA GLY C 9 17.68 -2.76 26.55
C GLY C 9 17.48 -4.26 26.48
N ARG C 10 16.77 -4.82 27.44
CA ARG C 10 16.58 -6.26 27.50
C ARG C 10 15.62 -6.78 26.44
N TYR C 11 14.92 -5.85 25.80
CA TYR C 11 14.00 -6.17 24.71
C TYR C 11 14.71 -6.24 23.36
N VAL C 12 16.04 -6.06 23.34
CA VAL C 12 16.75 -6.26 22.07
C VAL C 12 17.22 -7.71 21.93
N LYS C 13 16.99 -8.26 20.75
CA LYS C 13 17.47 -9.57 20.38
C LYS C 13 18.08 -9.48 19.00
N ILE C 14 18.92 -10.45 18.67
CA ILE C 14 19.71 -10.42 17.44
C ILE C 14 19.71 -11.77 16.76
N ALA C 15 19.66 -11.75 15.44
CA ALA C 15 19.71 -12.98 14.65
C ALA C 15 20.64 -12.83 13.44
N ARG C 16 21.47 -13.83 13.23
CA ARG C 16 22.27 -13.93 12.02
C ARG C 16 21.30 -14.33 10.92
N TYR C 17 21.30 -13.56 9.84
CA TYR C 17 20.25 -13.67 8.83
C TYR C 17 20.68 -13.06 7.50
N GLY C 18 20.38 -13.77 6.41
CA GLY C 18 20.78 -13.32 5.07
C GLY C 18 22.29 -13.16 4.99
N SER C 19 22.73 -12.01 4.50
CA SER C 19 24.15 -11.75 4.39
C SER C 19 24.72 -11.16 5.68
N GLY C 20 23.85 -10.62 6.53
CA GLY C 20 24.27 -9.97 7.77
C GLY C 20 23.47 -10.48 8.94
N GLY C 21 22.60 -9.63 9.45
CA GLY C 21 21.69 -10.06 10.50
C GLY C 21 20.65 -9.05 10.90
N LEU C 22 19.83 -9.46 11.86
CA LEU C 22 18.74 -8.63 12.37
C LEU C 22 19.10 -8.07 13.73
N VAL C 23 18.78 -6.80 13.95
CA VAL C 23 18.93 -6.22 15.29
C VAL C 23 17.60 -5.70 15.77
N GLY C 24 17.16 -6.19 16.94
CA GLY C 24 15.89 -5.76 17.53
C GLY C 24 14.72 -6.67 17.18
N GLY C 25 13.64 -6.53 17.92
CA GLY C 25 12.44 -7.34 17.64
C GLY C 25 11.20 -6.49 17.54
N GLY C 26 10.21 -6.98 16.80
CA GLY C 26 8.98 -6.21 16.64
C GLY C 26 9.15 -5.14 15.59
N GLY C 27 8.36 -4.09 15.70
CA GLY C 27 8.30 -3.02 14.70
C GLY C 27 9.61 -2.29 14.44
N LYS C 28 10.49 -2.30 15.44
CA LYS C 28 11.78 -1.58 15.42
C LYS C 28 12.94 -2.41 14.81
N GLU C 29 12.66 -3.67 14.48
CA GLU C 29 13.66 -4.61 13.93
C GLU C 29 14.31 -4.08 12.65
N GLN C 30 15.65 -4.13 12.63
CA GLN C 30 16.49 -3.63 11.54
C GLN C 30 17.25 -4.79 10.91
N TYR C 31 17.16 -4.91 9.59
CA TYR C 31 18.01 -5.84 8.88
C TYR C 31 19.25 -5.11 8.35
N VAL C 32 20.41 -5.56 8.79
CA VAL C 32 21.68 -4.99 8.32
C VAL C 32 22.41 -6.04 7.48
N GLU C 33 22.43 -5.80 6.18
CA GLU C 33 22.86 -6.81 5.21
C GLU C 33 24.37 -6.98 5.21
N ASN C 34 25.08 -5.94 5.61
CA ASN C 34 26.52 -5.99 5.65
C ASN C 34 27.01 -6.74 6.89
N LEU C 35 27.70 -7.86 6.67
CA LEU C 35 28.14 -8.75 7.75
C LEU C 35 29.06 -8.03 8.74
N VAL C 36 30.08 -7.36 8.23
CA VAL C 36 31.06 -6.69 9.05
C VAL C 36 30.41 -5.66 9.96
N LEU C 37 29.42 -4.94 9.42
CA LEU C 37 28.69 -3.91 10.17
C LEU C 37 27.79 -4.53 11.24
N TRP C 38 27.06 -5.56 10.86
CA TRP C 38 26.26 -6.31 11.82
C TRP C 38 27.13 -6.85 12.97
N GLU C 39 28.28 -7.43 12.62
CA GLU C 39 29.19 -8.00 13.62
C GLU C 39 29.73 -6.91 14.56
N ASN C 40 29.99 -5.73 14.02
CA ASN C 40 30.35 -4.58 14.85
C ASN C 40 29.24 -4.07 15.79
N ILE C 41 28.00 -4.06 15.29
CA ILE C 41 26.85 -3.61 16.09
C ILE C 41 26.65 -4.55 17.28
N ILE C 42 26.79 -5.85 17.07
CA ILE C 42 26.63 -6.76 18.20
C ILE C 42 27.79 -6.66 19.21
N LYS C 43 29.02 -6.51 18.72
CA LYS C 43 30.19 -6.34 19.59
C LYS C 43 30.03 -5.07 20.45
N THR C 44 29.49 -4.02 19.85
CA THR C 44 29.23 -2.77 20.55
C THR C 44 28.11 -2.93 21.57
N ALA C 45 27.02 -3.56 21.13
CA ALA C 45 25.87 -3.86 22.00
C ALA C 45 26.37 -4.60 23.25
N TYR C 46 27.15 -5.63 23.02
CA TYR C 46 27.74 -6.43 24.09
C TYR C 46 28.42 -5.60 25.17
N CYS C 47 29.12 -4.52 24.78
CA CYS C 47 29.83 -3.67 25.74
C CYS C 47 28.91 -2.88 26.68
N PHE C 48 27.64 -2.78 26.32
CA PHE C 48 26.69 -2.03 27.11
C PHE C 48 25.72 -2.95 27.85
N ILE C 49 26.05 -4.23 27.95
CA ILE C 49 25.22 -5.14 28.77
C ILE C 49 25.14 -4.64 30.21
N THR C 50 26.28 -4.17 30.73
CA THR C 50 26.30 -3.50 32.04
C THR C 50 26.25 -2.01 31.80
N PRO C 51 25.62 -1.25 32.71
CA PRO C 51 25.54 0.20 32.50
C PRO C 51 26.93 0.83 32.40
N SER C 52 27.21 1.44 31.24
CA SER C 52 28.55 1.94 30.91
C SER C 52 28.49 3.26 30.16
N SER C 53 29.36 4.19 30.53
CA SER C 53 29.61 5.38 29.69
C SER C 53 30.17 4.93 28.35
N TYR C 54 30.09 5.82 27.36
CA TYR C 54 30.62 5.57 26.04
C TYR C 54 32.11 5.20 26.14
N THR C 55 32.86 5.97 26.94
CA THR C 55 34.30 5.71 27.06
C THR C 55 34.58 4.37 27.71
N ALA C 56 33.86 4.07 28.79
CA ALA C 56 34.03 2.81 29.53
C ALA C 56 33.68 1.60 28.67
N ALA C 57 32.58 1.68 27.92
CA ALA C 57 32.24 0.62 26.97
C ALA C 57 33.31 0.46 25.91
N LEU C 58 33.76 1.57 25.32
CA LEU C 58 34.83 1.57 24.29
C LEU C 58 36.13 0.92 24.78
N GLU C 59 36.48 1.14 26.04
CA GLU C 59 37.67 0.53 26.64
C GLU C 59 37.68 -0.99 26.47
N THR C 60 36.50 -1.60 26.49
CA THR C 60 36.38 -3.07 26.46
C THR C 60 36.13 -3.63 25.06
N ALA C 61 35.99 -2.75 24.08
CA ALA C 61 35.67 -3.15 22.73
C ALA C 61 36.98 -3.38 21.98
N ASN C 62 36.93 -4.21 20.96
CA ASN C 62 38.14 -4.47 20.19
C ASN C 62 37.96 -4.19 18.71
N ILE C 63 37.29 -3.06 18.46
CA ILE C 63 37.07 -2.53 17.12
C ILE C 63 37.53 -1.07 17.10
N PRO C 64 37.82 -0.54 15.90
CA PRO C 64 38.20 0.86 15.76
C PRO C 64 37.20 1.81 16.42
N GLU C 65 37.73 2.92 16.94
CA GLU C 65 36.95 3.94 17.62
C GLU C 65 35.81 4.47 16.74
N LYS C 66 36.09 4.65 15.44
CA LYS C 66 35.11 5.20 14.50
C LYS C 66 33.96 4.24 14.22
N ASP C 67 34.25 2.94 14.23
CA ASP C 67 33.23 1.92 14.05
C ASP C 67 32.38 1.83 15.31
N PHE C 68 33.04 1.92 16.46
CA PHE C 68 32.31 1.96 17.73
C PHE C 68 31.29 3.10 17.72
N SER C 69 31.71 4.31 17.33
CA SER C 69 30.80 5.47 17.26
C SER C 69 29.62 5.26 16.33
N ASN C 70 29.87 4.80 15.11
CA ASN C 70 28.80 4.45 14.17
C ASN C 70 27.78 3.53 14.80
N CYS C 71 28.27 2.42 15.35
CA CYS C 71 27.41 1.43 16.00
C CYS C 71 26.68 1.97 17.23
N PHE C 72 27.39 2.74 18.06
CA PHE C 72 26.80 3.41 19.20
C PHE C 72 25.65 4.30 18.74
N ARG C 73 25.89 5.10 17.69
CA ARG C 73 24.87 5.97 17.12
C ARG C 73 23.67 5.17 16.64
N PHE C 74 23.90 4.08 15.91
CA PHE C 74 22.82 3.20 15.42
C PHE C 74 21.97 2.65 16.57
N LEU C 75 22.63 2.16 17.60
CA LEU C 75 21.94 1.55 18.76
C LEU C 75 21.12 2.58 19.51
N LYS C 76 21.73 3.75 19.75
CA LYS C 76 21.11 4.83 20.51
C LYS C 76 19.88 5.39 19.78
N GLU C 77 20.01 5.56 18.46
CA GLU C 77 18.93 6.03 17.59
C GLU C 77 17.72 5.10 17.53
N ASN C 78 17.97 3.80 17.62
CA ASN C 78 16.87 2.83 17.59
C ASN C 78 16.37 2.50 19.00
N PHE C 79 16.98 3.15 19.99
CA PHE C 79 16.65 2.98 21.43
C PHE C 79 16.95 1.56 21.93
N PHE C 80 17.89 0.90 21.26
CA PHE C 80 18.39 -0.41 21.69
C PHE C 80 19.37 -0.23 22.87
N ILE C 81 20.13 0.86 22.89
CA ILE C 81 20.75 1.30 24.14
C ILE C 81 20.09 2.60 24.65
N ILE C 82 20.00 2.73 25.97
CA ILE C 82 19.23 3.80 26.60
C ILE C 82 20.03 4.36 27.76
N PRO C 83 19.78 5.62 28.16
CA PRO C 83 20.40 6.10 29.40
C PRO C 83 20.20 5.09 30.54
N GLY C 84 21.27 4.87 31.32
CA GLY C 84 21.23 3.90 32.43
C GLY C 84 20.22 4.27 33.52
N GLU C 85 20.00 5.58 33.68
CA GLU C 85 18.96 6.10 34.59
C GLU C 85 17.57 5.56 34.26
N TYR C 86 17.30 5.33 32.97
CA TYR C 86 15.98 4.83 32.52
C TYR C 86 15.69 3.41 32.97
N ASN C 87 16.67 2.75 33.55
CA ASN C 87 16.48 1.37 33.96
C ASN C 87 16.50 1.16 35.48
N ASN C 88 16.64 2.25 36.22
CA ASN C 88 16.51 2.20 37.68
C ASN C 88 15.22 1.51 38.14
N ASN C 93 8.92 -3.48 40.71
CA ASN C 93 7.80 -2.61 40.35
C ASN C 93 6.76 -3.36 39.55
N ARG C 94 5.50 -3.21 39.93
CA ARG C 94 4.39 -3.91 39.25
C ARG C 94 4.35 -3.59 37.75
N TYR C 95 4.80 -2.38 37.39
CA TYR C 95 4.74 -1.90 36.03
C TYR C 95 6.00 -2.21 35.20
N SER C 96 6.85 -3.11 35.70
CA SER C 96 8.14 -3.45 35.08
C SER C 96 8.07 -3.74 33.59
N ARG C 97 7.09 -4.56 33.20
CA ARG C 97 6.94 -5.01 31.82
C ARG C 97 6.56 -3.85 30.92
N ASN C 98 5.67 -3.00 31.43
CA ASN C 98 5.33 -1.77 30.73
C ASN C 98 6.55 -0.89 30.54
N PHE C 99 7.47 -0.96 31.49
CA PHE C 99 8.69 -0.15 31.46
C PHE C 99 9.56 -0.47 30.26
N LEU C 100 9.67 -1.76 29.93
CA LEU C 100 10.42 -2.19 28.72
C LEU C 100 9.82 -1.59 27.45
N HIS C 101 8.49 -1.61 27.38
CA HIS C 101 7.73 -1.03 26.31
C HIS C 101 8.09 0.46 26.14
N TYR C 102 7.97 1.26 27.21
CA TYR C 102 8.26 2.69 27.12
C TYR C 102 9.71 2.95 26.69
N GLN C 103 10.64 2.21 27.28
CA GLN C 103 12.07 2.30 26.96
C GLN C 103 12.32 2.10 25.47
N SER C 104 11.64 1.13 24.88
CA SER C 104 11.78 0.80 23.45
C SER C 104 11.36 1.96 22.53
N TYR C 105 10.59 2.92 23.06
CA TYR C 105 10.19 4.11 22.29
C TYR C 105 11.06 5.31 22.62
N GLY C 106 12.13 5.08 23.37
CA GLY C 106 13.07 6.11 23.75
C GLY C 106 12.66 7.00 24.89
N ALA C 107 11.70 6.52 25.68
CA ALA C 107 11.12 7.32 26.72
C ALA C 107 11.71 6.91 28.05
N ASN C 108 11.77 7.86 28.98
CA ASN C 108 12.06 7.57 30.37
C ASN C 108 10.82 6.97 31.05
N PRO C 109 10.84 5.64 31.35
CA PRO C 109 9.64 4.96 31.85
C PRO C 109 9.10 5.51 33.18
N VAL C 110 9.97 6.07 34.02
CA VAL C 110 9.51 6.68 35.28
C VAL C 110 8.68 7.95 35.05
N LEU C 111 9.07 8.77 34.08
CA LEU C 111 8.29 9.96 33.70
C LEU C 111 6.96 9.60 33.05
N VAL C 112 6.97 8.56 32.20
CA VAL C 112 5.77 8.07 31.55
C VAL C 112 4.79 7.58 32.59
N GLN C 113 5.30 6.78 33.53
CA GLN C 113 4.47 6.21 34.59
C GLN C 113 3.85 7.29 35.45
N ASP C 114 4.61 8.35 35.76
CA ASP C 114 4.07 9.45 36.58
C ASP C 114 2.94 10.21 35.90
N LYS C 115 3.01 10.33 34.58
CA LYS C 115 1.94 10.96 33.81
C LYS C 115 0.69 10.10 33.85
N LEU C 116 0.86 8.78 33.85
CA LEU C 116 -0.27 7.88 33.98
C LEU C 116 -0.86 7.99 35.40
N LYS C 117 0.03 8.09 36.38
CA LYS C 117 -0.38 8.24 37.78
C LYS C 117 -1.20 9.53 38.02
N ASN C 118 -0.84 10.59 37.31
CA ASN C 118 -1.49 11.89 37.47
C ASN C 118 -2.72 12.05 36.60
N ALA C 119 -3.08 11.01 35.87
CA ALA C 119 -4.14 11.09 34.88
C ALA C 119 -5.49 10.68 35.46
N LYS C 120 -6.53 11.22 34.84
CA LYS C 120 -7.91 10.94 35.16
C LYS C 120 -8.60 10.57 33.86
N VAL C 121 -9.24 9.40 33.83
CA VAL C 121 -9.91 8.92 32.62
C VAL C 121 -11.39 8.62 32.87
N VAL C 122 -12.27 9.13 32.01
CA VAL C 122 -13.70 8.84 32.11
C VAL C 122 -14.01 7.62 31.25
N ILE C 123 -14.65 6.62 31.86
CA ILE C 123 -15.14 5.47 31.10
C ILE C 123 -16.63 5.71 30.91
N LEU C 124 -17.00 6.24 29.73
CA LEU C 124 -18.41 6.47 29.41
C LEU C 124 -19.02 5.26 28.68
N GLY C 125 -19.67 4.37 29.44
CA GLY C 125 -20.10 3.09 28.90
C GLY C 125 -19.26 1.95 29.47
N CYS C 126 -19.91 1.11 30.26
CA CYS C 126 -19.23 0.11 31.06
C CYS C 126 -19.63 -1.30 30.65
N GLY C 127 -19.89 -1.46 29.35
CA GLY C 127 -20.19 -2.76 28.76
C GLY C 127 -18.91 -3.43 28.31
N GLY C 128 -18.95 -4.09 27.16
CA GLY C 128 -17.83 -4.92 26.72
C GLY C 128 -16.56 -4.15 26.44
N ILE C 129 -16.69 -3.02 25.73
CA ILE C 129 -15.53 -2.17 25.51
C ILE C 129 -15.02 -1.62 26.83
N GLY C 130 -15.94 -1.08 27.62
CA GLY C 130 -15.58 -0.42 28.86
C GLY C 130 -14.97 -1.37 29.87
N ASN C 131 -15.42 -2.61 29.90
CA ASN C 131 -14.81 -3.65 30.75
C ASN C 131 -13.33 -3.81 30.42
N HIS C 132 -13.03 -4.07 29.15
CA HIS C 132 -11.67 -4.39 28.76
C HIS C 132 -10.76 -3.15 28.85
N VAL C 133 -11.28 -1.99 28.48
CA VAL C 133 -10.44 -0.79 28.54
C VAL C 133 -10.11 -0.44 29.99
N SER C 134 -11.12 -0.40 30.85
CA SER C 134 -10.90 0.02 32.23
C SER C 134 -9.85 -0.86 32.94
N VAL C 135 -9.88 -2.17 32.70
CA VAL C 135 -8.91 -3.03 33.37
C VAL C 135 -7.47 -2.86 32.85
N ILE C 136 -7.31 -2.59 31.56
CA ILE C 136 -5.96 -2.30 31.04
C ILE C 136 -5.43 -1.00 31.63
N LEU C 137 -6.26 0.03 31.62
CA LEU C 137 -5.89 1.33 32.22
C LEU C 137 -5.54 1.19 33.70
N ALA C 138 -6.38 0.48 34.47
CA ALA C 138 -6.14 0.35 35.90
C ALA C 138 -4.81 -0.34 36.18
N THR C 139 -4.60 -1.47 35.53
CA THR C 139 -3.40 -2.24 35.75
C THR C 139 -2.17 -1.61 35.12
N SER C 140 -2.35 -0.62 34.25
CA SER C 140 -1.21 0.19 33.79
C SER C 140 -0.91 1.42 34.66
N GLY C 141 -1.74 1.63 35.67
CA GLY C 141 -1.47 2.64 36.69
C GLY C 141 -2.05 4.01 36.41
N ILE C 142 -3.07 4.07 35.57
CA ILE C 142 -3.85 5.31 35.42
C ILE C 142 -4.40 5.60 36.81
N GLY C 143 -4.11 6.81 37.30
CA GLY C 143 -4.36 7.17 38.71
C GLY C 143 -5.82 7.32 39.12
N GLU C 144 -6.64 7.83 38.22
CA GLU C 144 -8.05 8.01 38.53
C GLU C 144 -8.93 7.59 37.38
N ILE C 145 -9.90 6.73 37.70
CA ILE C 145 -10.83 6.26 36.70
C ILE C 145 -12.26 6.51 37.16
N ILE C 146 -13.07 7.10 36.29
CA ILE C 146 -14.47 7.43 36.57
C ILE C 146 -15.40 6.63 35.71
N LEU C 147 -16.19 5.77 36.36
CA LEU C 147 -17.09 4.86 35.68
C LEU C 147 -18.50 5.42 35.53
N ILE C 148 -18.99 5.43 34.29
CA ILE C 148 -20.29 6.04 33.98
C ILE C 148 -21.16 5.11 33.16
N ASP C 149 -22.32 4.78 33.72
CA ASP C 149 -23.29 3.88 33.12
C ASP C 149 -24.51 3.89 34.05
N ASN C 150 -25.67 3.45 33.56
CA ASN C 150 -26.88 3.33 34.40
C ASN C 150 -27.54 1.99 34.22
N ASP C 151 -26.77 1.02 33.74
CA ASP C 151 -27.32 -0.30 33.41
C ASP C 151 -26.83 -1.34 34.40
N GLN C 152 -27.58 -2.43 34.48
CA GLN C 152 -27.30 -3.54 35.37
C GLN C 152 -26.86 -4.73 34.54
N ILE C 153 -26.17 -5.67 35.16
CA ILE C 153 -25.57 -6.79 34.45
C ILE C 153 -26.62 -7.84 34.12
N GLU C 154 -26.57 -8.36 32.89
CA GLU C 154 -27.45 -9.43 32.43
C GLU C 154 -26.59 -10.63 32.03
N ASN C 155 -27.17 -11.84 32.08
CA ASN C 155 -26.37 -13.07 31.82
C ASN C 155 -25.68 -13.06 30.45
N THR C 156 -26.32 -12.41 29.47
CA THR C 156 -25.78 -12.34 28.11
C THR C 156 -24.51 -11.48 28.02
N ASN C 157 -24.29 -10.61 29.01
CA ASN C 157 -23.11 -9.75 29.06
C ASN C 157 -21.81 -10.56 29.19
N LEU C 158 -21.93 -11.75 29.75
CA LEU C 158 -20.75 -12.53 30.17
C LEU C 158 -19.86 -13.08 29.04
N THR C 159 -20.34 -13.07 27.80
CA THR C 159 -19.52 -13.51 26.66
C THR C 159 -18.31 -12.58 26.44
N ARG C 160 -18.44 -11.32 26.83
CA ARG C 160 -17.35 -10.36 26.58
C ARG C 160 -17.00 -9.45 27.76
N GLN C 161 -17.95 -9.26 28.67
CA GLN C 161 -17.73 -8.32 29.77
C GLN C 161 -17.00 -9.03 30.88
N VAL C 162 -15.69 -9.02 30.72
CA VAL C 162 -14.73 -9.93 31.37
C VAL C 162 -14.60 -9.76 32.87
N LEU C 163 -14.94 -8.59 33.42
CA LEU C 163 -14.88 -8.41 34.88
C LEU C 163 -16.03 -9.08 35.66
N PHE C 164 -17.11 -9.45 34.99
CA PHE C 164 -18.36 -9.86 35.62
C PHE C 164 -18.48 -11.38 35.84
N SER C 165 -19.04 -11.76 36.98
CA SER C 165 -19.27 -13.17 37.32
C SER C 165 -20.75 -13.43 37.13
N GLU C 166 -21.10 -14.71 36.98
CA GLU C 166 -22.51 -15.14 37.08
C GLU C 166 -23.24 -14.52 38.26
N ASP C 167 -22.56 -14.46 39.39
CA ASP C 167 -23.12 -13.93 40.63
C ASP C 167 -23.35 -12.42 40.60
N ASP C 168 -22.86 -11.75 39.58
CA ASP C 168 -23.04 -10.31 39.47
C ASP C 168 -24.25 -9.86 38.66
N VAL C 169 -24.98 -10.80 38.08
CA VAL C 169 -26.18 -10.48 37.30
C VAL C 169 -27.16 -9.67 38.18
N GLY C 170 -27.68 -8.57 37.63
CA GLY C 170 -28.59 -7.67 38.35
C GLY C 170 -27.95 -6.49 39.06
N LYS C 171 -26.62 -6.51 39.21
CA LYS C 171 -25.89 -5.43 39.90
C LYS C 171 -25.51 -4.35 38.90
N ASN C 172 -25.30 -3.13 39.38
CA ASN C 172 -24.82 -2.04 38.53
C ASN C 172 -23.47 -2.41 37.97
N LYS C 173 -23.32 -2.25 36.66
CA LYS C 173 -22.03 -2.48 35.99
C LYS C 173 -20.92 -1.62 36.61
N THR C 174 -21.24 -0.37 36.99
CA THR C 174 -20.22 0.50 37.60
C THR C 174 -19.72 -0.06 38.94
N GLU C 175 -20.66 -0.50 39.78
CA GLU C 175 -20.33 -1.14 41.04
C GLU C 175 -19.34 -2.29 40.86
N VAL C 176 -19.67 -3.22 39.97
CA VAL C 176 -18.87 -4.45 39.82
C VAL C 176 -17.52 -4.17 39.16
N ILE C 177 -17.50 -3.30 38.17
CA ILE C 177 -16.21 -2.89 37.59
C ILE C 177 -15.30 -2.34 38.67
N LYS C 178 -15.80 -1.37 39.44
CA LYS C 178 -15.00 -0.78 40.53
C LYS C 178 -14.41 -1.83 41.45
N ARG C 179 -15.25 -2.78 41.92
CA ARG C 179 -14.80 -3.86 42.81
C ARG C 179 -13.62 -4.57 42.18
N GLU C 180 -13.78 -4.91 40.90
CA GLU C 180 -12.80 -5.73 40.20
C GLU C 180 -11.50 -5.01 39.85
N LEU C 181 -11.59 -3.71 39.52
CA LEU C 181 -10.39 -2.88 39.33
C LEU C 181 -9.56 -2.74 40.62
N LEU C 182 -10.20 -2.41 41.75
CA LEU C 182 -9.49 -2.27 43.03
C LEU C 182 -8.90 -3.59 43.53
N LYS C 183 -9.52 -4.69 43.16
CA LYS C 183 -8.97 -6.03 43.38
C LYS C 183 -7.65 -6.23 42.63
N ARG C 184 -7.48 -5.50 41.53
CA ARG C 184 -6.32 -5.68 40.68
C ARG C 184 -5.26 -4.61 40.87
N ASN C 185 -5.69 -3.44 41.27
CA ASN C 185 -4.78 -2.34 41.56
C ASN C 185 -5.39 -1.43 42.61
N SER C 186 -5.02 -1.68 43.88
CA SER C 186 -5.54 -0.93 45.01
C SER C 186 -4.84 0.42 45.17
N GLU C 187 -3.80 0.65 44.37
CA GLU C 187 -3.06 1.92 44.39
C GLU C 187 -3.74 3.04 43.61
N ILE C 188 -4.84 2.73 42.92
CA ILE C 188 -5.57 3.74 42.16
C ILE C 188 -6.93 4.12 42.77
N SER C 189 -7.53 5.17 42.21
CA SER C 189 -8.78 5.75 42.68
C SER C 189 -9.89 5.51 41.65
N VAL C 190 -10.99 4.93 42.09
CA VAL C 190 -12.10 4.64 41.20
C VAL C 190 -13.40 5.18 41.77
N SER C 191 -14.18 5.85 40.92
CA SER C 191 -15.47 6.38 41.30
C SER C 191 -16.54 6.09 40.25
N GLU C 192 -17.82 6.17 40.63
CA GLU C 192 -18.91 5.83 39.73
C GLU C 192 -19.90 6.97 39.60
N ILE C 193 -20.52 7.05 38.44
CA ILE C 193 -21.63 7.97 38.26
C ILE C 193 -22.73 7.18 37.59
N ALA C 194 -23.87 7.09 38.28
CA ALA C 194 -25.06 6.49 37.71
C ALA C 194 -25.72 7.54 36.81
N LEU C 195 -25.46 7.44 35.51
CA LEU C 195 -25.96 8.41 34.55
C LEU C 195 -26.26 7.71 33.24
N ASN C 196 -27.42 8.02 32.67
CA ASN C 196 -27.68 7.73 31.26
C ASN C 196 -27.82 9.02 30.51
N ILE C 197 -27.05 9.17 29.45
CA ILE C 197 -27.12 10.36 28.63
C ILE C 197 -28.34 10.27 27.71
N ASN C 198 -29.35 11.06 28.05
CA ASN C 198 -30.64 11.07 27.34
C ASN C 198 -30.73 12.17 26.30
N ASP C 199 -30.14 13.31 26.63
CA ASP C 199 -30.17 14.49 25.78
C ASP C 199 -28.72 14.90 25.69
N TYR C 200 -28.43 15.82 24.78
CA TYR C 200 -27.15 16.49 24.76
C TYR C 200 -26.89 17.20 26.08
N THR C 201 -27.93 17.78 26.68
CA THR C 201 -27.78 18.57 27.90
C THR C 201 -27.33 17.75 29.12
N ASP C 202 -27.42 16.42 29.05
CA ASP C 202 -26.89 15.57 30.13
C ASP C 202 -25.34 15.51 30.16
N LEU C 203 -24.69 15.87 29.06
CA LEU C 203 -23.25 15.70 28.98
C LEU C 203 -22.45 16.57 29.94
N HIS C 204 -22.99 17.71 30.36
CA HIS C 204 -22.32 18.56 31.33
C HIS C 204 -22.18 17.88 32.71
N LYS C 205 -22.88 16.77 32.88
CA LYS C 205 -22.82 15.97 34.11
C LYS C 205 -21.62 15.02 34.15
N VAL C 206 -21.01 14.81 32.98
CA VAL C 206 -19.77 14.03 32.87
C VAL C 206 -18.63 14.97 33.21
N PRO C 207 -17.76 14.57 34.16
CA PRO C 207 -16.64 15.41 34.60
C PRO C 207 -15.61 15.65 33.52
N GLU C 208 -14.82 16.71 33.64
CA GLU C 208 -13.67 16.86 32.75
C GLU C 208 -12.62 15.85 33.16
N ALA C 209 -11.83 15.38 32.19
CA ALA C 209 -10.78 14.42 32.47
C ALA C 209 -9.65 14.56 31.46
N ASP C 210 -8.57 13.83 31.64
CA ASP C 210 -7.52 13.80 30.61
C ASP C 210 -8.08 13.35 29.26
N ILE C 211 -9.02 12.41 29.32
CA ILE C 211 -9.66 11.86 28.12
C ILE C 211 -10.96 11.13 28.47
N TRP C 212 -11.93 11.15 27.55
CA TRP C 212 -13.11 10.30 27.72
C TRP C 212 -12.99 9.10 26.80
N VAL C 213 -13.24 7.90 27.34
CA VAL C 213 -13.32 6.70 26.53
C VAL C 213 -14.82 6.44 26.34
N VAL C 214 -15.29 6.69 25.13
CA VAL C 214 -16.70 6.67 24.84
C VAL C 214 -17.03 5.40 24.08
N SER C 215 -17.75 4.48 24.72
CA SER C 215 -18.26 3.32 24.02
C SER C 215 -19.77 3.18 24.12
N ALA C 216 -20.40 4.06 24.90
CA ALA C 216 -21.87 4.13 24.93
C ALA C 216 -22.41 4.36 23.52
N ASP C 217 -23.48 3.66 23.18
CA ASP C 217 -23.95 3.60 21.80
C ASP C 217 -25.45 3.85 21.58
N HIS C 218 -26.15 4.37 22.58
CA HIS C 218 -27.60 4.54 22.47
C HIS C 218 -28.01 5.96 22.86
N PRO C 219 -28.74 6.66 21.97
CA PRO C 219 -29.18 6.18 20.66
C PRO C 219 -28.08 6.39 19.60
N PHE C 220 -28.47 6.33 18.32
CA PHE C 220 -27.52 6.42 17.21
C PHE C 220 -26.65 7.67 17.24
N ASN C 221 -27.22 8.78 17.72
CA ASN C 221 -26.53 10.07 17.64
C ASN C 221 -25.86 10.54 18.94
N LEU C 222 -25.82 9.66 19.94
CA LEU C 222 -25.04 9.92 21.15
C LEU C 222 -23.60 10.40 20.84
N ILE C 223 -22.90 9.68 19.95
CA ILE C 223 -21.54 10.07 19.54
C ILE C 223 -21.49 11.50 18.98
N ASN C 224 -22.54 11.88 18.25
CA ASN C 224 -22.64 13.23 17.70
C ASN C 224 -22.73 14.28 18.81
N TRP C 225 -23.52 13.98 19.85
CA TRP C 225 -23.61 14.87 21.01
C TRP C 225 -22.29 14.90 21.76
N VAL C 226 -21.64 13.73 21.88
CA VAL C 226 -20.39 13.69 22.61
C VAL C 226 -19.34 14.54 21.91
N ASN C 227 -19.30 14.41 20.58
CA ASN C 227 -18.39 15.17 19.75
C ASN C 227 -18.59 16.67 19.89
N LYS C 228 -19.83 17.12 19.71
CA LYS C 228 -20.22 18.53 19.84
C LYS C 228 -19.81 19.08 21.20
N TYR C 229 -20.14 18.32 22.25
CA TYR C 229 -19.84 18.74 23.62
C TYR C 229 -18.36 18.86 23.88
N CYS C 230 -17.62 17.80 23.54
CA CYS C 230 -16.17 17.78 23.74
C CYS C 230 -15.43 18.82 22.92
N VAL C 231 -15.91 19.12 21.72
CA VAL C 231 -15.34 20.23 20.93
C VAL C 231 -15.56 21.57 21.66
N ARG C 232 -16.78 21.81 22.11
CA ARG C 232 -17.09 23.02 22.87
C ARG C 232 -16.34 23.09 24.19
N ALA C 233 -16.13 21.93 24.81
CA ALA C 233 -15.56 21.85 26.16
C ALA C 233 -14.03 21.75 26.19
N ASN C 234 -13.39 21.59 25.02
CA ASN C 234 -11.95 21.39 24.98
C ASN C 234 -11.57 20.05 25.65
N GLN C 235 -12.41 19.03 25.46
CA GLN C 235 -12.27 17.75 26.14
C GLN C 235 -11.86 16.64 25.15
N PRO C 236 -10.63 16.11 25.29
CA PRO C 236 -10.25 14.96 24.47
C PRO C 236 -11.13 13.74 24.67
N TYR C 237 -11.45 13.02 23.60
CA TYR C 237 -12.13 11.73 23.75
C TYR C 237 -11.65 10.74 22.68
N ILE C 238 -11.86 9.46 22.96
CA ILE C 238 -11.70 8.38 21.99
C ILE C 238 -12.99 7.55 21.93
N ASN C 239 -13.43 7.24 20.70
CA ASN C 239 -14.58 6.38 20.48
C ASN C 239 -14.07 4.98 20.18
N ALA C 240 -14.76 3.97 20.68
CA ALA C 240 -14.47 2.58 20.36
C ALA C 240 -15.77 1.76 20.42
N GLY C 241 -15.81 0.68 19.67
CA GLY C 241 -17.01 -0.13 19.52
C GLY C 241 -16.79 -1.13 18.41
N TYR C 242 -17.87 -1.53 17.76
CA TYR C 242 -17.85 -2.53 16.71
C TYR C 242 -19.08 -2.31 15.86
N VAL C 243 -19.01 -2.78 14.63
CA VAL C 243 -20.14 -2.82 13.73
C VAL C 243 -20.27 -4.29 13.38
N ASN C 244 -21.14 -5.01 14.06
CA ASN C 244 -21.19 -6.47 13.93
C ASN C 244 -19.75 -7.05 13.98
N ASP C 245 -19.32 -7.71 12.91
CA ASP C 245 -18.02 -8.37 12.88
C ASP C 245 -16.78 -7.46 12.73
N ILE C 246 -16.98 -6.14 12.61
CA ILE C 246 -15.86 -5.22 12.42
C ILE C 246 -15.57 -4.48 13.71
N ALA C 247 -14.34 -4.62 14.19
CA ALA C 247 -13.85 -3.95 15.41
C ALA C 247 -13.48 -2.54 15.00
N VAL C 248 -13.94 -1.56 15.77
CA VAL C 248 -13.73 -0.16 15.40
C VAL C 248 -13.12 0.58 16.56
N PHE C 249 -12.03 1.31 16.34
CA PHE C 249 -11.61 2.32 17.31
C PHE C 249 -11.21 3.61 16.61
N GLY C 250 -11.28 4.71 17.34
CA GLY C 250 -11.12 6.04 16.74
C GLY C 250 -12.46 6.68 16.40
N PRO C 251 -12.46 8.00 16.22
CA PRO C 251 -11.29 8.88 16.31
C PRO C 251 -10.83 9.15 17.75
N LEU C 252 -9.57 9.53 17.88
CA LEU C 252 -9.08 10.17 19.08
C LEU C 252 -9.10 11.66 18.83
N TYR C 253 -10.09 12.33 19.43
CA TYR C 253 -10.23 13.79 19.28
C TYR C 253 -9.30 14.52 20.26
N VAL C 254 -8.45 15.39 19.70
CA VAL C 254 -7.61 16.25 20.50
C VAL C 254 -7.83 17.69 20.04
N PRO C 255 -8.43 18.52 20.92
CA PRO C 255 -8.76 19.93 20.64
C PRO C 255 -7.61 20.67 19.95
N GLY C 256 -7.89 21.32 18.82
CA GLY C 256 -6.89 22.10 18.09
C GLY C 256 -5.78 21.33 17.39
N LYS C 257 -5.86 19.99 17.43
CA LYS C 257 -4.79 19.20 16.89
C LYS C 257 -5.34 18.32 15.78
N THR C 258 -6.47 17.67 16.04
CA THR C 258 -7.03 16.72 15.12
C THR C 258 -8.35 17.24 14.55
N GLY C 259 -8.86 16.52 13.55
CA GLY C 259 -10.27 16.66 13.19
C GLY C 259 -11.20 16.10 14.27
N CYS C 260 -12.48 16.45 14.15
CA CYS C 260 -13.52 15.92 15.04
C CYS C 260 -14.36 14.90 14.25
N TYR C 261 -15.33 14.28 14.93
CA TYR C 261 -16.16 13.21 14.35
C TYR C 261 -17.00 13.67 13.16
N GLU C 262 -17.18 14.98 13.06
CA GLU C 262 -18.13 15.57 12.14
C GLU C 262 -17.45 16.26 10.96
N CYS C 263 -16.11 16.30 10.97
CA CYS C 263 -15.33 16.94 9.90
C CYS C 263 -15.64 16.37 8.53
N GLN C 264 -15.96 15.08 8.48
CA GLN C 264 -16.25 14.45 7.22
C GLN C 264 -17.76 14.17 7.02
N LYS C 265 -18.56 14.70 7.95
CA LYS C 265 -20.01 14.68 7.81
C LYS C 265 -20.40 15.69 6.74
N GLY C 272 -34.34 7.09 8.24
CA GLY C 272 -35.64 6.72 7.68
C GLY C 272 -35.84 7.15 6.24
N SER C 273 -37.09 7.41 5.88
CA SER C 273 -37.47 7.64 4.48
C SER C 273 -38.38 8.86 4.33
N GLU C 274 -38.31 9.50 3.16
CA GLU C 274 -39.21 10.60 2.81
C GLU C 274 -40.60 10.07 2.48
N LYS C 275 -40.66 8.80 2.06
CA LYS C 275 -41.92 8.11 1.87
C LYS C 275 -42.32 7.44 3.18
N GLU C 276 -43.51 7.80 3.67
CA GLU C 276 -43.99 7.43 4.99
C GLU C 276 -44.22 5.92 5.17
N ASN C 277 -44.65 5.24 4.11
CA ASN C 277 -44.90 3.79 4.21
C ASN C 277 -43.60 2.96 4.23
N ILE C 278 -42.49 3.61 3.89
CA ILE C 278 -41.19 2.97 3.96
C ILE C 278 -40.50 3.36 5.26
N ASP C 279 -40.66 4.61 5.65
CA ASP C 279 -40.06 5.16 6.87
C ASP C 279 -40.40 4.36 8.14
N HIS C 280 -41.67 4.01 8.31
CA HIS C 280 -42.05 3.31 9.53
C HIS C 280 -41.53 1.88 9.53
N LYS C 281 -41.35 1.31 8.33
CA LYS C 281 -40.79 -0.04 8.21
C LYS C 281 -39.32 -0.03 8.58
N ILE C 282 -38.58 0.97 8.08
CA ILE C 282 -37.17 1.18 8.46
C ILE C 282 -37.00 1.34 9.98
N LYS C 283 -37.84 2.17 10.58
CA LYS C 283 -37.76 2.41 12.02
C LYS C 283 -38.00 1.15 12.87
N LEU C 284 -39.01 0.34 12.49
CA LEU C 284 -39.25 -0.91 13.25
C LEU C 284 -38.09 -1.87 13.11
N ILE C 285 -37.55 -1.98 11.89
CA ILE C 285 -36.42 -2.86 11.65
C ILE C 285 -35.25 -2.43 12.52
N ASN C 286 -34.93 -1.14 12.49
CA ASN C 286 -33.81 -0.64 13.29
C ASN C 286 -34.04 -0.71 14.81
N SER C 287 -35.28 -0.65 15.25
CA SER C 287 -35.59 -0.75 16.68
C SER C 287 -35.24 -2.15 17.22
N ARG C 288 -35.40 -3.16 16.36
CA ARG C 288 -35.06 -4.54 16.72
C ARG C 288 -33.57 -4.88 16.57
N PHE C 289 -32.80 -3.93 16.05
CA PHE C 289 -31.38 -4.15 15.86
C PHE C 289 -30.63 -4.52 17.14
N LYS C 290 -29.88 -5.62 17.04
CA LYS C 290 -28.93 -6.06 18.03
C LYS C 290 -27.67 -6.47 17.28
N PRO C 291 -26.49 -5.90 17.66
CA PRO C 291 -25.25 -6.23 16.95
C PRO C 291 -24.95 -7.73 17.00
N ALA C 292 -24.55 -8.28 15.85
CA ALA C 292 -24.09 -9.68 15.71
C ALA C 292 -22.60 -9.67 15.86
N THR C 293 -22.16 -9.77 17.11
CA THR C 293 -20.77 -9.71 17.41
C THR C 293 -20.37 -10.76 18.46
N PHE C 294 -19.22 -10.55 19.06
CA PHE C 294 -18.33 -11.66 19.27
C PHE C 294 -17.17 -11.17 20.11
N ALA C 295 -16.89 -11.81 21.24
CA ALA C 295 -15.82 -11.33 22.11
C ALA C 295 -14.50 -10.94 21.42
N PRO C 296 -13.98 -11.79 20.48
CA PRO C 296 -12.74 -11.39 19.84
C PRO C 296 -12.75 -10.01 19.17
N VAL C 297 -13.87 -9.68 18.51
CA VAL C 297 -14.13 -8.38 17.89
C VAL C 297 -14.12 -7.27 18.95
N ASN C 298 -14.86 -7.48 20.04
CA ASN C 298 -14.95 -6.53 21.15
C ASN C 298 -13.58 -6.25 21.72
N ASN C 299 -12.82 -7.33 21.91
CA ASN C 299 -11.55 -7.26 22.59
C ASN C 299 -10.46 -6.59 21.78
N VAL C 300 -10.48 -6.79 20.47
CA VAL C 300 -9.54 -6.10 19.57
C VAL C 300 -9.77 -4.58 19.64
N ALA C 301 -11.04 -4.17 19.55
CA ALA C 301 -11.38 -2.74 19.56
C ALA C 301 -10.98 -2.12 20.89
N ALA C 302 -11.32 -2.81 21.98
CA ALA C 302 -11.02 -2.31 23.32
C ALA C 302 -9.51 -2.21 23.52
N ALA C 303 -8.77 -3.21 23.04
CA ALA C 303 -7.32 -3.23 23.25
C ALA C 303 -6.60 -2.09 22.53
N LEU C 304 -6.92 -1.89 21.25
CA LEU C 304 -6.32 -0.78 20.50
C LEU C 304 -6.76 0.59 21.00
N CYS C 305 -8.04 0.74 21.34
CA CYS C 305 -8.51 1.90 22.11
C CYS C 305 -7.62 2.18 23.32
N ALA C 306 -7.46 1.16 24.19
CA ALA C 306 -6.67 1.32 25.40
C ALA C 306 -5.20 1.68 25.09
N ALA C 307 -4.61 1.09 24.04
CA ALA C 307 -3.26 1.46 23.61
C ALA C 307 -3.17 2.96 23.25
N ASP C 308 -4.19 3.45 22.57
CA ASP C 308 -4.22 4.86 22.18
C ASP C 308 -4.39 5.78 23.40
N VAL C 309 -5.17 5.35 24.39
CA VAL C 309 -5.31 6.13 25.63
C VAL C 309 -3.96 6.21 26.36
N ILE C 310 -3.29 5.07 26.49
CA ILE C 310 -2.01 5.02 27.17
C ILE C 310 -0.96 5.89 26.47
N LYS C 311 -0.95 5.86 25.13
CA LYS C 311 0.00 6.66 24.34
C LYS C 311 -0.33 8.15 24.37
N PHE C 312 -1.61 8.47 24.35
CA PHE C 312 -2.05 9.86 24.42
C PHE C 312 -1.64 10.50 25.76
N ILE C 313 -1.86 9.76 26.85
CA ILE C 313 -1.46 10.23 28.17
C ILE C 313 0.05 10.17 28.37
N GLY C 314 0.65 9.03 28.04
CA GLY C 314 2.08 8.81 28.22
C GLY C 314 3.01 9.65 27.35
N LYS C 315 2.51 10.09 26.19
CA LYS C 315 3.24 10.94 25.22
C LYS C 315 4.48 10.32 24.54
N TYR C 316 4.67 9.02 24.67
CA TYR C 316 5.92 8.39 24.23
C TYR C 316 5.89 7.88 22.77
N SER C 317 4.69 7.78 22.21
CA SER C 317 4.45 7.29 20.85
C SER C 317 3.12 7.88 20.40
N GLU C 318 2.93 8.08 19.09
CA GLU C 318 1.71 8.67 18.54
C GLU C 318 0.56 7.64 18.56
N PRO C 319 -0.57 7.98 19.21
CA PRO C 319 -1.76 7.13 19.09
C PRO C 319 -2.14 6.92 17.64
N LEU C 320 -2.56 5.71 17.30
CA LEU C 320 -2.93 5.35 15.92
C LEU C 320 -4.18 6.10 15.40
N SER C 321 -5.14 6.36 16.28
CA SER C 321 -6.42 6.88 15.81
C SER C 321 -6.53 8.41 15.73
N LEU C 322 -5.42 9.13 15.84
CA LEU C 322 -5.43 10.55 15.49
C LEU C 322 -5.91 10.74 14.05
N ASN C 323 -6.97 11.54 13.89
CA ASN C 323 -7.56 11.83 12.57
C ASN C 323 -8.11 10.62 11.80
N LYS C 324 -8.43 9.54 12.52
CA LYS C 324 -8.82 8.27 11.89
C LYS C 324 -9.87 7.48 12.68
N ARG C 325 -10.86 6.96 11.96
CA ARG C 325 -11.73 5.92 12.51
C ARG C 325 -11.30 4.60 11.85
N ILE C 326 -10.80 3.66 12.66
CA ILE C 326 -10.16 2.45 12.15
C ILE C 326 -11.02 1.22 12.35
N GLY C 327 -11.22 0.46 11.28
CA GLY C 327 -11.95 -0.80 11.33
C GLY C 327 -11.03 -1.98 11.07
N ILE C 328 -11.16 -3.00 11.90
CA ILE C 328 -10.43 -4.24 11.72
C ILE C 328 -11.45 -5.33 11.48
N TRP C 329 -11.37 -5.92 10.28
CA TRP C 329 -12.26 -6.99 9.84
C TRP C 329 -11.85 -8.26 10.53
N SER C 330 -12.82 -9.14 10.82
CA SER C 330 -12.54 -10.38 11.54
C SER C 330 -12.68 -11.64 10.67
N ASP C 331 -13.34 -11.55 9.52
CA ASP C 331 -13.46 -12.73 8.64
C ASP C 331 -12.56 -12.63 7.41
N GLU C 332 -11.74 -11.58 7.39
CA GLU C 332 -10.75 -11.31 6.36
C GLU C 332 -9.54 -10.70 7.06
N ILE C 333 -8.38 -10.80 6.43
CA ILE C 333 -7.24 -9.99 6.84
C ILE C 333 -7.40 -8.61 6.22
N LYS C 334 -7.90 -7.66 7.02
CA LYS C 334 -8.32 -6.35 6.52
C LYS C 334 -8.33 -5.29 7.64
N ILE C 335 -7.57 -4.22 7.46
CA ILE C 335 -7.70 -3.03 8.30
C ILE C 335 -7.83 -1.82 7.38
N HIS C 336 -8.86 -1.01 7.63
CA HIS C 336 -9.09 0.20 6.84
C HIS C 336 -9.37 1.38 7.74
N SER C 337 -8.95 2.57 7.29
CA SER C 337 -9.12 3.79 8.05
C SER C 337 -10.02 4.76 7.31
N GLN C 338 -10.87 5.43 8.09
CA GLN C 338 -11.73 6.49 7.60
C GLN C 338 -11.09 7.80 7.99
N ASN C 339 -10.98 8.72 7.04
CA ASN C 339 -10.34 10.04 7.30
C ASN C 339 -11.18 10.88 8.23
N MET C 340 -10.59 11.25 9.35
CA MET C 340 -11.20 12.23 10.22
C MET C 340 -10.24 13.38 10.56
N GLY C 341 -9.48 13.80 9.57
CA GLY C 341 -8.61 14.97 9.67
C GLY C 341 -9.48 16.22 9.68
N ARG C 342 -8.92 17.31 10.19
CA ARG C 342 -9.65 18.56 10.27
C ARG C 342 -10.14 19.10 8.93
N SER C 343 -11.42 19.46 8.89
CA SER C 343 -12.00 20.16 7.75
C SER C 343 -12.15 21.64 8.10
N PRO C 344 -11.61 22.53 7.25
CA PRO C 344 -11.72 23.97 7.53
C PRO C 344 -13.13 24.47 7.26
N VAL C 345 -14.04 23.55 6.97
CA VAL C 345 -15.43 23.87 6.66
C VAL C 345 -16.40 23.09 7.58
N CYS C 346 -15.83 22.46 8.61
CA CYS C 346 -16.60 21.63 9.53
C CYS C 346 -17.62 22.46 10.30
N SER C 347 -18.81 21.89 10.46
CA SER C 347 -19.94 22.59 11.08
C SER C 347 -19.97 22.43 12.61
N VAL C 348 -18.93 21.84 13.17
CA VAL C 348 -18.84 21.68 14.62
C VAL C 348 -17.54 22.26 15.17
N CYS C 349 -16.41 21.93 14.56
CA CYS C 349 -15.11 22.34 15.11
C CYS C 349 -14.42 23.53 14.43
N GLY C 350 -15.13 24.22 13.53
CA GLY C 350 -14.54 25.42 12.89
C GLY C 350 -14.59 26.68 13.77
N ASN C 351 -14.12 26.56 15.01
CA ASN C 351 -14.26 27.61 16.04
C ASN C 351 -13.77 29.02 15.62
N MET D 4 -41.12 -24.20 4.96
CA MET D 4 -40.25 -23.69 6.06
C MET D 4 -40.43 -22.18 6.30
N ASP D 5 -40.37 -21.78 7.56
CA ASP D 5 -40.36 -20.38 8.02
C ASP D 5 -39.00 -19.70 7.80
N TYR D 6 -39.01 -18.39 7.58
CA TYR D 6 -37.80 -17.59 7.61
C TYR D 6 -38.00 -16.41 8.53
N ILE D 7 -36.89 -15.88 9.06
CA ILE D 7 -36.95 -14.74 9.96
C ILE D 7 -35.81 -13.75 9.68
N LEU D 8 -36.11 -12.47 9.86
CA LEU D 8 -35.08 -11.44 9.76
C LEU D 8 -34.09 -11.48 10.94
N GLY D 9 -32.80 -11.49 10.62
CA GLY D 9 -31.76 -11.42 11.66
C GLY D 9 -31.79 -10.08 12.38
N ARG D 10 -31.63 -10.11 13.69
CA ARG D 10 -31.61 -8.88 14.49
C ARG D 10 -30.37 -8.02 14.23
N TYR D 11 -29.38 -8.60 13.56
CA TYR D 11 -28.13 -7.91 13.25
C TYR D 11 -28.23 -7.08 11.96
N VAL D 12 -29.40 -7.09 11.34
CA VAL D 12 -29.66 -6.32 10.11
C VAL D 12 -30.13 -4.89 10.44
N LYS D 13 -29.34 -3.92 10.00
CA LYS D 13 -29.72 -2.51 10.10
C LYS D 13 -29.90 -1.99 8.68
N ILE D 14 -30.66 -0.91 8.57
CA ILE D 14 -31.02 -0.35 7.28
C ILE D 14 -30.81 1.15 7.34
N ALA D 15 -30.16 1.70 6.32
CA ALA D 15 -29.87 3.13 6.27
C ALA D 15 -30.04 3.68 4.86
N ARG D 16 -30.74 4.80 4.75
CA ARG D 16 -30.82 5.56 3.50
C ARG D 16 -29.43 6.13 3.21
N TYR D 17 -28.94 5.89 1.99
CA TYR D 17 -27.57 6.29 1.64
C TYR D 17 -27.37 6.40 0.12
N GLY D 18 -26.72 7.49 -0.31
CA GLY D 18 -26.47 7.75 -1.74
C GLY D 18 -27.71 7.73 -2.61
N SER D 19 -27.62 7.05 -3.75
CA SER D 19 -28.76 6.90 -4.64
C SER D 19 -29.78 5.88 -4.14
N GLY D 20 -29.39 5.06 -3.14
CA GLY D 20 -30.30 4.05 -2.59
C GLY D 20 -30.20 3.92 -1.07
N GLY D 21 -29.64 2.80 -0.61
CA GLY D 21 -29.43 2.63 0.82
C GLY D 21 -28.57 1.43 1.16
N LEU D 22 -28.28 1.29 2.44
CA LEU D 22 -27.49 0.17 2.92
C LEU D 22 -28.38 -0.88 3.55
N VAL D 23 -28.02 -2.15 3.36
CA VAL D 23 -28.68 -3.25 4.08
C VAL D 23 -27.60 -4.05 4.81
N GLY D 24 -27.77 -4.20 6.12
CA GLY D 24 -26.82 -4.97 6.93
C GLY D 24 -25.66 -4.14 7.48
N GLY D 25 -24.87 -4.73 8.36
CA GLY D 25 -23.74 -4.02 8.98
C GLY D 25 -22.52 -4.90 9.07
N GLY D 26 -21.33 -4.29 9.06
CA GLY D 26 -20.11 -5.06 9.16
C GLY D 26 -19.63 -5.56 7.81
N GLY D 27 -18.96 -6.72 7.81
CA GLY D 27 -18.38 -7.29 6.59
C GLY D 27 -19.36 -7.57 5.47
N LYS D 28 -20.62 -7.84 5.84
CA LYS D 28 -21.63 -8.21 4.86
C LYS D 28 -22.54 -7.04 4.50
N GLU D 29 -22.16 -5.83 4.90
CA GLU D 29 -22.96 -4.66 4.55
C GLU D 29 -23.09 -4.57 3.03
N GLN D 30 -24.32 -4.38 2.55
CA GLN D 30 -24.58 -4.26 1.12
C GLN D 30 -25.04 -2.86 0.77
N TYR D 31 -24.50 -2.33 -0.33
CA TYR D 31 -24.95 -1.05 -0.84
C TYR D 31 -25.88 -1.30 -2.04
N VAL D 32 -27.15 -1.01 -1.85
CA VAL D 32 -28.12 -1.10 -2.92
C VAL D 32 -28.25 0.30 -3.54
N GLU D 33 -27.68 0.46 -4.74
CA GLU D 33 -27.65 1.76 -5.41
C GLU D 33 -29.04 2.20 -5.89
N ASN D 34 -29.82 1.25 -6.38
CA ASN D 34 -31.16 1.53 -6.90
C ASN D 34 -32.17 1.69 -5.75
N LEU D 35 -32.73 2.90 -5.64
CA LEU D 35 -33.64 3.24 -4.54
C LEU D 35 -34.89 2.39 -4.52
N VAL D 36 -35.48 2.14 -5.68
CA VAL D 36 -36.70 1.33 -5.76
C VAL D 36 -36.47 -0.11 -5.29
N LEU D 37 -35.33 -0.68 -5.66
CA LEU D 37 -34.97 -2.03 -5.22
C LEU D 37 -34.79 -2.08 -3.70
N TRP D 38 -34.09 -1.07 -3.18
CA TRP D 38 -33.83 -0.92 -1.77
C TRP D 38 -35.13 -0.80 -0.97
N GLU D 39 -36.07 0.02 -1.46
CA GLU D 39 -37.37 0.15 -0.80
C GLU D 39 -38.13 -1.18 -0.76
N ASN D 40 -38.04 -1.96 -1.85
CA ASN D 40 -38.68 -3.26 -1.90
C ASN D 40 -38.03 -4.29 -0.97
N ILE D 41 -36.71 -4.25 -0.85
CA ILE D 41 -36.01 -5.09 0.15
C ILE D 41 -36.52 -4.77 1.56
N ILE D 42 -36.69 -3.48 1.85
CA ILE D 42 -37.27 -3.06 3.12
C ILE D 42 -38.68 -3.65 3.30
N LYS D 43 -39.53 -3.49 2.29
CA LYS D 43 -40.89 -4.05 2.36
C LYS D 43 -40.86 -5.56 2.60
N THR D 44 -39.92 -6.24 1.93
CA THR D 44 -39.73 -7.68 2.09
C THR D 44 -39.25 -8.06 3.51
N ALA D 45 -38.16 -7.43 3.96
CA ALA D 45 -37.63 -7.66 5.30
C ALA D 45 -38.69 -7.44 6.40
N TYR D 46 -39.54 -6.43 6.19
CA TYR D 46 -40.61 -6.14 7.13
C TYR D 46 -41.51 -7.35 7.37
N CYS D 47 -41.70 -8.19 6.35
CA CYS D 47 -42.57 -9.38 6.47
C CYS D 47 -42.01 -10.50 7.30
N PHE D 48 -40.71 -10.43 7.57
CA PHE D 48 -39.98 -11.49 8.27
C PHE D 48 -39.46 -11.11 9.65
N ILE D 49 -39.86 -9.95 10.17
CA ILE D 49 -39.53 -9.54 11.53
C ILE D 49 -40.05 -10.61 12.47
N THR D 50 -41.31 -10.99 12.28
CA THR D 50 -41.81 -12.22 12.87
C THR D 50 -41.78 -13.33 11.79
N PRO D 51 -41.42 -14.57 12.17
CA PRO D 51 -41.23 -15.65 11.20
C PRO D 51 -42.41 -15.86 10.27
N SER D 52 -42.12 -16.12 9.01
CA SER D 52 -43.12 -16.27 7.95
C SER D 52 -42.60 -17.22 6.87
N SER D 53 -43.52 -17.94 6.21
CA SER D 53 -43.13 -18.71 5.04
C SER D 53 -43.03 -17.73 3.86
N TYR D 54 -42.40 -18.18 2.78
CA TYR D 54 -42.23 -17.36 1.57
C TYR D 54 -43.58 -16.93 0.99
N THR D 55 -44.49 -17.88 0.82
CA THR D 55 -45.80 -17.58 0.22
C THR D 55 -46.59 -16.59 1.07
N ALA D 56 -46.57 -16.77 2.39
CA ALA D 56 -47.29 -15.88 3.31
C ALA D 56 -46.73 -14.46 3.31
N ALA D 57 -45.41 -14.33 3.21
CA ALA D 57 -44.79 -13.02 3.14
C ALA D 57 -45.04 -12.37 1.78
N LEU D 58 -45.03 -13.19 0.72
CA LEU D 58 -45.37 -12.71 -0.62
C LEU D 58 -46.72 -12.00 -0.64
N GLU D 59 -47.71 -12.60 0.01
CA GLU D 59 -49.04 -12.01 0.13
C GLU D 59 -48.99 -10.68 0.90
N THR D 60 -48.28 -10.71 2.03
CA THR D 60 -48.20 -9.57 2.95
C THR D 60 -47.50 -8.35 2.34
N ALA D 61 -46.40 -8.59 1.63
CA ALA D 61 -45.57 -7.53 1.07
C ALA D 61 -46.29 -6.73 -0.03
N ASN D 62 -47.13 -7.43 -0.79
CA ASN D 62 -47.91 -6.86 -1.88
C ASN D 62 -47.07 -6.01 -2.85
N ILE D 63 -46.06 -6.66 -3.41
CA ILE D 63 -45.28 -6.15 -4.53
C ILE D 63 -45.17 -7.31 -5.53
N PRO D 64 -44.87 -7.03 -6.81
CA PRO D 64 -44.80 -8.11 -7.80
C PRO D 64 -43.94 -9.31 -7.37
N GLU D 65 -44.43 -10.51 -7.64
CA GLU D 65 -43.75 -11.77 -7.28
C GLU D 65 -42.29 -11.82 -7.73
N LYS D 66 -42.00 -11.32 -8.92
CA LYS D 66 -40.63 -11.30 -9.43
C LYS D 66 -39.74 -10.36 -8.60
N ASP D 67 -40.30 -9.23 -8.17
CA ASP D 67 -39.59 -8.29 -7.29
C ASP D 67 -39.37 -8.91 -5.90
N PHE D 68 -40.41 -9.56 -5.37
CA PHE D 68 -40.34 -10.20 -4.06
C PHE D 68 -39.32 -11.32 -4.05
N SER D 69 -39.34 -12.14 -5.10
CA SER D 69 -38.37 -13.21 -5.27
C SER D 69 -36.95 -12.67 -5.30
N ASN D 70 -36.75 -11.56 -6.01
CA ASN D 70 -35.46 -10.87 -6.04
C ASN D 70 -34.98 -10.48 -4.65
N CYS D 71 -35.88 -9.86 -3.89
CA CYS D 71 -35.57 -9.31 -2.57
C CYS D 71 -35.35 -10.42 -1.55
N PHE D 72 -36.21 -11.44 -1.59
CA PHE D 72 -36.08 -12.60 -0.73
C PHE D 72 -34.72 -13.27 -0.94
N ARG D 73 -34.36 -13.49 -2.21
CA ARG D 73 -33.08 -14.08 -2.58
C ARG D 73 -31.90 -13.29 -2.04
N PHE D 74 -31.94 -11.97 -2.18
CA PHE D 74 -30.90 -11.05 -1.72
C PHE D 74 -30.72 -11.12 -0.19
N LEU D 75 -31.83 -11.02 0.51
CA LEU D 75 -31.84 -11.19 1.96
C LEU D 75 -31.36 -12.58 2.40
N LYS D 76 -31.78 -13.62 1.68
CA LYS D 76 -31.41 -14.99 2.04
C LYS D 76 -29.91 -15.27 1.82
N GLU D 77 -29.40 -14.89 0.65
CA GLU D 77 -27.97 -15.09 0.28
C GLU D 77 -26.99 -14.44 1.21
N ASN D 78 -27.37 -13.27 1.73
CA ASN D 78 -26.55 -12.56 2.69
C ASN D 78 -26.81 -12.97 4.15
N PHE D 79 -27.73 -13.91 4.35
CA PHE D 79 -28.12 -14.38 5.69
C PHE D 79 -28.71 -13.25 6.49
N PHE D 80 -29.34 -12.31 5.79
CA PHE D 80 -30.12 -11.26 6.42
C PHE D 80 -31.47 -11.80 6.85
N ILE D 81 -32.06 -12.69 6.07
CA ILE D 81 -33.09 -13.55 6.63
C ILE D 81 -32.56 -14.97 6.66
N ILE D 82 -33.03 -15.74 7.62
CA ILE D 82 -32.47 -17.06 7.93
C ILE D 82 -33.62 -18.03 8.21
N PRO D 83 -33.38 -19.36 8.03
CA PRO D 83 -34.38 -20.33 8.42
C PRO D 83 -34.93 -20.05 9.83
N GLY D 84 -36.26 -20.05 9.97
CA GLY D 84 -36.90 -19.75 11.26
C GLY D 84 -36.39 -20.67 12.36
N GLU D 85 -35.96 -21.87 11.95
CA GLU D 85 -35.43 -22.90 12.84
C GLU D 85 -34.14 -22.44 13.53
N TYR D 86 -33.43 -21.50 12.89
CA TYR D 86 -32.16 -21.01 13.43
C TYR D 86 -32.35 -19.98 14.54
N ASN D 87 -33.59 -19.54 14.72
CA ASN D 87 -33.96 -18.63 15.80
C ASN D 87 -34.35 -19.41 17.05
N ASN D 88 -34.09 -18.83 18.22
CA ASN D 88 -34.53 -19.43 19.49
C ASN D 88 -35.07 -18.38 20.44
N ASN D 93 -31.24 -17.17 27.22
CA ASN D 93 -30.11 -17.98 26.76
C ASN D 93 -28.80 -17.22 26.88
N ARG D 94 -27.84 -17.78 27.61
CA ARG D 94 -26.60 -17.08 27.90
C ARG D 94 -25.76 -16.80 26.66
N TYR D 95 -25.88 -17.66 25.65
CA TYR D 95 -25.09 -17.52 24.42
C TYR D 95 -25.79 -16.75 23.30
N SER D 96 -26.91 -16.11 23.63
CA SER D 96 -27.80 -15.53 22.61
C SER D 96 -27.09 -14.54 21.68
N ARG D 97 -26.15 -13.76 22.20
CA ARG D 97 -25.40 -12.79 21.38
C ARG D 97 -24.43 -13.48 20.41
N ASN D 98 -23.75 -14.53 20.90
CA ASN D 98 -22.94 -15.38 20.03
C ASN D 98 -23.80 -16.01 18.92
N PHE D 99 -25.02 -16.41 19.28
CA PHE D 99 -25.97 -16.95 18.31
C PHE D 99 -26.19 -15.97 17.15
N LEU D 100 -26.30 -14.67 17.45
CA LEU D 100 -26.48 -13.67 16.39
C LEU D 100 -25.28 -13.68 15.44
N HIS D 101 -24.09 -13.78 16.02
CA HIS D 101 -22.85 -13.97 15.26
C HIS D 101 -22.91 -15.17 14.30
N TYR D 102 -23.20 -16.36 14.83
CA TYR D 102 -23.24 -17.57 13.97
C TYR D 102 -24.29 -17.48 12.88
N GLN D 103 -25.46 -16.93 13.23
CA GLN D 103 -26.54 -16.67 12.29
C GLN D 103 -26.09 -15.85 11.08
N SER D 104 -25.34 -14.78 11.34
CA SER D 104 -24.89 -13.85 10.32
C SER D 104 -23.87 -14.45 9.34
N TYR D 105 -23.31 -15.60 9.68
CA TYR D 105 -22.44 -16.36 8.78
C TYR D 105 -23.18 -17.48 8.06
N GLY D 106 -24.48 -17.55 8.31
CA GLY D 106 -25.31 -18.55 7.67
C GLY D 106 -25.28 -19.92 8.34
N ALA D 107 -24.93 -19.93 9.62
CA ALA D 107 -24.88 -21.18 10.37
C ALA D 107 -26.13 -21.36 11.20
N ASN D 108 -26.35 -22.58 11.64
CA ASN D 108 -27.35 -22.90 12.62
C ASN D 108 -26.64 -22.78 13.96
N PRO D 109 -27.04 -21.78 14.77
CA PRO D 109 -26.32 -21.52 16.02
C PRO D 109 -26.43 -22.67 17.01
N VAL D 110 -27.52 -23.44 16.93
CA VAL D 110 -27.73 -24.58 17.83
C VAL D 110 -26.72 -25.71 17.58
N LEU D 111 -26.40 -25.92 16.30
CA LEU D 111 -25.42 -26.90 15.89
C LEU D 111 -24.00 -26.44 16.22
N VAL D 112 -23.72 -25.14 16.01
CA VAL D 112 -22.45 -24.56 16.40
C VAL D 112 -22.24 -24.69 17.91
N GLN D 113 -23.26 -24.30 18.69
CA GLN D 113 -23.17 -24.35 20.15
C GLN D 113 -22.91 -25.79 20.65
N ASP D 114 -23.58 -26.76 20.03
CA ASP D 114 -23.41 -28.16 20.34
C ASP D 114 -21.99 -28.64 20.06
N LYS D 115 -21.39 -28.17 18.97
CA LYS D 115 -20.00 -28.47 18.66
C LYS D 115 -19.08 -27.91 19.72
N LEU D 116 -19.36 -26.67 20.16
CA LEU D 116 -18.54 -26.04 21.19
C LEU D 116 -18.70 -26.79 22.50
N LYS D 117 -19.92 -27.23 22.78
CA LYS D 117 -20.22 -27.89 24.05
C LYS D 117 -19.55 -29.22 24.16
N ASN D 118 -19.34 -29.86 23.01
CA ASN D 118 -18.75 -31.19 22.94
C ASN D 118 -17.25 -31.18 22.66
N ALA D 119 -16.68 -29.98 22.57
CA ALA D 119 -15.25 -29.85 22.30
C ALA D 119 -14.38 -29.78 23.56
N LYS D 120 -13.09 -30.08 23.39
CA LYS D 120 -12.12 -30.07 24.46
C LYS D 120 -10.94 -29.23 23.99
N VAL D 121 -10.55 -28.23 24.76
CA VAL D 121 -9.44 -27.36 24.37
C VAL D 121 -8.34 -27.36 25.41
N VAL D 122 -7.11 -27.64 24.97
CA VAL D 122 -5.93 -27.48 25.82
C VAL D 122 -5.36 -26.07 25.71
N ILE D 123 -5.15 -25.44 26.86
CA ILE D 123 -4.47 -24.15 26.98
C ILE D 123 -3.07 -24.45 27.49
N LEU D 124 -2.10 -24.47 26.59
CA LEU D 124 -0.73 -24.79 26.97
C LEU D 124 0.04 -23.47 27.11
N GLY D 125 0.17 -23.00 28.36
CA GLY D 125 0.64 -21.66 28.68
C GLY D 125 -0.50 -20.82 29.25
N CYS D 126 -0.44 -20.51 30.55
CA CYS D 126 -1.53 -19.82 31.21
C CYS D 126 -1.13 -18.42 31.66
N GLY D 127 -0.35 -17.73 30.82
CA GLY D 127 0.06 -16.37 31.08
C GLY D 127 -0.86 -15.36 30.42
N GLY D 128 -0.27 -14.34 29.83
CA GLY D 128 -1.03 -13.30 29.11
C GLY D 128 -2.08 -13.81 28.13
N ILE D 129 -1.63 -14.63 27.18
CA ILE D 129 -2.46 -15.14 26.13
C ILE D 129 -3.46 -16.17 26.70
N GLY D 130 -2.94 -17.11 27.50
CA GLY D 130 -3.81 -18.12 28.16
C GLY D 130 -4.98 -17.55 28.95
N ASN D 131 -4.71 -16.57 29.81
CA ASN D 131 -5.76 -15.84 30.53
C ASN D 131 -6.89 -15.41 29.59
N HIS D 132 -6.51 -14.62 28.59
CA HIS D 132 -7.47 -14.00 27.66
C HIS D 132 -8.17 -14.99 26.74
N VAL D 133 -7.43 -15.97 26.20
CA VAL D 133 -8.02 -17.00 25.35
C VAL D 133 -9.01 -17.85 26.18
N SER D 134 -8.58 -18.28 27.37
CA SER D 134 -9.40 -19.20 28.21
C SER D 134 -10.76 -18.61 28.63
N VAL D 135 -10.79 -17.31 28.95
CA VAL D 135 -12.08 -16.66 29.25
C VAL D 135 -13.02 -16.58 28.09
N ILE D 136 -12.52 -16.21 26.92
CA ILE D 136 -13.33 -16.17 25.70
C ILE D 136 -13.92 -17.55 25.42
N LEU D 137 -13.08 -18.58 25.47
CA LEU D 137 -13.57 -19.95 25.18
C LEU D 137 -14.60 -20.45 26.19
N ALA D 138 -14.30 -20.25 27.47
CA ALA D 138 -15.20 -20.67 28.53
C ALA D 138 -16.55 -19.97 28.40
N THR D 139 -16.53 -18.65 28.26
CA THR D 139 -17.78 -17.92 28.21
C THR D 139 -18.53 -18.11 26.87
N SER D 140 -17.86 -18.71 25.89
CA SER D 140 -18.50 -19.06 24.63
C SER D 140 -19.00 -20.51 24.63
N GLY D 141 -18.81 -21.17 25.76
CA GLY D 141 -19.39 -22.47 25.99
C GLY D 141 -18.61 -23.69 25.52
N ILE D 142 -17.31 -23.55 25.27
CA ILE D 142 -16.44 -24.71 25.08
C ILE D 142 -16.56 -25.62 26.31
N GLY D 143 -16.92 -26.88 26.06
CA GLY D 143 -17.35 -27.82 27.11
C GLY D 143 -16.30 -28.24 28.13
N GLU D 144 -15.06 -28.46 27.68
CA GLU D 144 -13.96 -28.81 28.58
C GLU D 144 -12.72 -28.02 28.23
N ILE D 145 -12.12 -27.41 29.24
CA ILE D 145 -10.86 -26.70 29.07
C ILE D 145 -9.79 -27.27 30.02
N ILE D 146 -8.65 -27.67 29.44
CA ILE D 146 -7.53 -28.16 30.22
C ILE D 146 -6.41 -27.12 30.28
N LEU D 147 -6.07 -26.71 31.50
CA LEU D 147 -5.09 -25.67 31.75
C LEU D 147 -3.71 -26.23 32.13
N ILE D 148 -2.69 -25.85 31.37
CA ILE D 148 -1.34 -26.40 31.54
C ILE D 148 -0.29 -25.31 31.75
N ASP D 149 0.36 -25.37 32.91
CA ASP D 149 1.39 -24.40 33.34
C ASP D 149 1.98 -24.89 34.66
N ASN D 150 3.25 -24.58 34.93
CA ASN D 150 3.78 -24.88 36.25
C ASN D 150 4.17 -23.64 37.05
N ASP D 151 3.89 -22.47 36.48
CA ASP D 151 4.30 -21.22 37.08
C ASP D 151 3.28 -20.64 38.07
N GLN D 152 3.78 -19.77 38.95
CA GLN D 152 2.95 -19.11 39.95
C GLN D 152 2.79 -17.63 39.61
N ILE D 153 1.71 -17.03 40.11
CA ILE D 153 1.37 -15.65 39.79
C ILE D 153 2.31 -14.66 40.50
N GLU D 154 2.80 -13.69 39.74
CA GLU D 154 3.64 -12.60 40.28
C GLU D 154 2.94 -11.25 40.03
N ASN D 155 3.24 -10.25 40.86
CA ASN D 155 2.62 -8.93 40.76
C ASN D 155 2.73 -8.30 39.36
N THR D 156 3.84 -8.60 38.67
CA THR D 156 4.09 -8.01 37.33
C THR D 156 3.20 -8.62 36.25
N ASN D 157 2.63 -9.79 36.53
CA ASN D 157 1.69 -10.44 35.62
C ASN D 157 0.44 -9.60 35.42
N LEU D 158 0.09 -8.80 36.42
CA LEU D 158 -1.23 -8.16 36.47
C LEU D 158 -1.53 -7.16 35.36
N THR D 159 -0.51 -6.64 34.69
CA THR D 159 -0.73 -5.73 33.55
C THR D 159 -1.55 -6.41 32.44
N ARG D 160 -1.31 -7.70 32.22
CA ARG D 160 -1.89 -8.43 31.08
C ARG D 160 -2.81 -9.58 31.54
N GLN D 161 -2.52 -10.16 32.69
CA GLN D 161 -3.15 -11.42 33.08
C GLN D 161 -4.45 -11.16 33.85
N VAL D 162 -5.49 -10.94 33.05
CA VAL D 162 -6.74 -10.27 33.45
C VAL D 162 -7.60 -10.98 34.52
N LEU D 163 -7.44 -12.30 34.65
CA LEU D 163 -8.21 -13.05 35.65
C LEU D 163 -7.63 -12.99 37.06
N PHE D 164 -6.39 -12.50 37.18
CA PHE D 164 -5.64 -12.51 38.44
C PHE D 164 -5.81 -11.24 39.26
N SER D 165 -5.85 -11.38 40.59
CA SER D 165 -5.88 -10.20 41.48
C SER D 165 -4.61 -10.10 42.34
N GLU D 166 -4.41 -8.94 42.95
CA GLU D 166 -3.31 -8.72 43.91
C GLU D 166 -3.24 -9.86 44.95
N ASP D 167 -4.41 -10.30 45.41
CA ASP D 167 -4.52 -11.38 46.41
C ASP D 167 -4.09 -12.76 45.90
N ASP D 168 -3.95 -12.90 44.58
CA ASP D 168 -3.61 -14.19 43.98
C ASP D 168 -2.12 -14.42 43.82
N VAL D 169 -1.33 -13.38 44.04
CA VAL D 169 0.13 -13.49 43.92
C VAL D 169 0.65 -14.65 44.76
N GLY D 170 1.43 -15.52 44.12
CA GLY D 170 1.98 -16.69 44.78
C GLY D 170 1.22 -17.97 44.50
N LYS D 171 -0.07 -17.85 44.15
CA LYS D 171 -0.87 -19.03 43.78
C LYS D 171 -0.52 -19.56 42.38
N ASN D 172 -0.79 -20.85 42.16
CA ASN D 172 -0.69 -21.46 40.83
C ASN D 172 -1.53 -20.70 39.80
N LYS D 173 -0.95 -20.47 38.62
CA LYS D 173 -1.69 -19.85 37.51
C LYS D 173 -2.95 -20.63 37.13
N THR D 174 -2.80 -21.96 36.94
CA THR D 174 -3.94 -22.79 36.52
C THR D 174 -5.05 -22.74 37.55
N GLU D 175 -4.68 -22.74 38.85
CA GLU D 175 -5.65 -22.70 39.93
C GLU D 175 -6.54 -21.45 39.87
N VAL D 176 -5.94 -20.27 39.67
CA VAL D 176 -6.71 -19.04 39.68
C VAL D 176 -7.57 -18.92 38.40
N ILE D 177 -7.00 -19.22 37.23
CA ILE D 177 -7.79 -19.30 35.99
C ILE D 177 -9.04 -20.21 36.18
N LYS D 178 -8.83 -21.43 36.67
CA LYS D 178 -9.96 -22.35 36.88
C LYS D 178 -11.03 -21.74 37.80
N ARG D 179 -10.60 -21.13 38.91
CA ARG D 179 -11.53 -20.47 39.83
C ARG D 179 -12.35 -19.38 39.13
N GLU D 180 -11.64 -18.52 38.41
CA GLU D 180 -12.24 -17.37 37.75
C GLU D 180 -13.07 -17.76 36.53
N LEU D 181 -12.66 -18.80 35.85
CA LEU D 181 -13.48 -19.34 34.76
C LEU D 181 -14.83 -19.86 35.26
N LEU D 182 -14.81 -20.67 36.31
CA LEU D 182 -16.03 -21.25 36.87
C LEU D 182 -17.00 -20.22 37.46
N LYS D 183 -16.47 -19.13 38.00
CA LYS D 183 -17.29 -17.96 38.39
C LYS D 183 -18.09 -17.36 37.24
N ARG D 184 -17.56 -17.49 36.01
CA ARG D 184 -18.15 -16.87 34.82
C ARG D 184 -19.06 -17.82 34.04
N ASN D 185 -18.65 -19.08 33.97
CA ASN D 185 -19.46 -20.12 33.37
C ASN D 185 -19.31 -21.41 34.17
N SER D 186 -20.27 -21.65 35.05
CA SER D 186 -20.25 -22.86 35.86
C SER D 186 -20.78 -24.08 35.09
N GLU D 187 -21.13 -23.92 33.81
CA GLU D 187 -21.62 -25.05 33.00
C GLU D 187 -20.50 -25.86 32.32
N ILE D 188 -19.28 -25.35 32.38
CA ILE D 188 -18.16 -26.01 31.73
C ILE D 188 -17.29 -26.76 32.73
N SER D 189 -16.50 -27.72 32.23
CA SER D 189 -15.56 -28.44 33.06
C SER D 189 -14.14 -27.99 32.80
N VAL D 190 -13.42 -27.74 33.88
CA VAL D 190 -12.05 -27.27 33.79
C VAL D 190 -11.10 -28.19 34.56
N SER D 191 -9.99 -28.50 33.90
CA SER D 191 -8.91 -29.31 34.45
C SER D 191 -7.63 -28.52 34.53
N GLU D 192 -6.74 -28.96 35.42
CA GLU D 192 -5.40 -28.41 35.50
C GLU D 192 -4.40 -29.54 35.42
N ILE D 193 -3.27 -29.23 34.80
CA ILE D 193 -2.08 -30.08 34.83
C ILE D 193 -0.89 -29.20 35.15
N ALA D 194 -0.23 -29.52 36.26
CA ALA D 194 0.95 -28.81 36.71
C ALA D 194 2.12 -29.40 35.95
N LEU D 195 2.55 -28.68 34.92
CA LEU D 195 3.47 -29.23 33.95
C LEU D 195 4.21 -28.13 33.19
N ASN D 196 5.52 -28.13 33.34
CA ASN D 196 6.39 -27.38 32.45
C ASN D 196 7.02 -28.37 31.46
N ILE D 197 6.88 -28.09 30.17
CA ILE D 197 7.48 -28.91 29.12
C ILE D 197 9.00 -28.60 29.10
N ASN D 198 9.81 -29.54 29.58
CA ASN D 198 11.27 -29.37 29.58
C ASN D 198 11.92 -30.04 28.37
N ASP D 199 11.38 -31.19 27.98
CA ASP D 199 11.84 -31.90 26.78
C ASP D 199 10.61 -32.30 25.98
N TYR D 200 10.84 -32.69 24.72
CA TYR D 200 9.80 -33.21 23.84
C TYR D 200 8.90 -34.27 24.50
N THR D 201 9.49 -35.21 25.22
CA THR D 201 8.75 -36.35 25.80
C THR D 201 7.64 -35.93 26.78
N ASP D 202 7.81 -34.76 27.40
CA ASP D 202 6.81 -34.14 28.27
C ASP D 202 5.48 -33.88 27.55
N LEU D 203 5.54 -33.67 26.23
CA LEU D 203 4.33 -33.45 25.46
C LEU D 203 3.37 -34.65 25.49
N HIS D 204 3.85 -35.83 25.86
CA HIS D 204 2.96 -36.98 25.94
C HIS D 204 2.01 -36.84 27.12
N LYS D 205 2.34 -35.92 28.04
CA LYS D 205 1.49 -35.66 29.22
C LYS D 205 0.35 -34.70 28.91
N VAL D 206 0.41 -34.05 27.74
CA VAL D 206 -0.65 -33.17 27.26
C VAL D 206 -1.70 -33.99 26.50
N PRO D 207 -2.96 -33.99 27.01
CA PRO D 207 -4.02 -34.82 26.44
C PRO D 207 -4.40 -34.44 25.02
N GLU D 208 -4.91 -35.43 24.29
CA GLU D 208 -5.49 -35.19 23.00
C GLU D 208 -6.71 -34.29 23.20
N ALA D 209 -6.92 -33.37 22.28
CA ALA D 209 -8.07 -32.48 22.35
C ALA D 209 -8.45 -32.03 20.94
N ASP D 210 -9.58 -31.36 20.80
CA ASP D 210 -9.96 -30.79 19.50
C ASP D 210 -8.87 -29.88 18.93
N ILE D 211 -8.22 -29.13 19.82
CA ILE D 211 -7.20 -28.18 19.41
C ILE D 211 -6.40 -27.79 20.66
N TRP D 212 -5.11 -27.50 20.45
CA TRP D 212 -4.24 -27.01 21.51
C TRP D 212 -3.95 -25.55 21.26
N VAL D 213 -4.08 -24.71 22.29
CA VAL D 213 -3.71 -23.30 22.18
C VAL D 213 -2.31 -23.15 22.76
N VAL D 214 -1.33 -22.91 21.91
CA VAL D 214 0.04 -22.88 22.35
C VAL D 214 0.59 -21.46 22.42
N SER D 215 0.73 -20.96 23.65
CA SER D 215 1.36 -19.67 23.90
C SER D 215 2.58 -19.76 24.81
N ALA D 216 2.87 -20.96 25.32
CA ALA D 216 4.11 -21.21 26.04
C ALA D 216 5.27 -20.94 25.09
N ASP D 217 6.35 -20.37 25.63
CA ASP D 217 7.37 -19.75 24.81
C ASP D 217 8.80 -20.03 25.25
N HIS D 218 8.98 -20.90 26.23
CA HIS D 218 10.31 -21.29 26.67
C HIS D 218 10.41 -22.81 26.71
N PRO D 219 11.46 -23.37 26.08
CA PRO D 219 12.55 -22.66 25.41
C PRO D 219 12.20 -22.26 23.98
N PHE D 220 13.15 -21.63 23.29
CA PHE D 220 12.92 -21.13 21.93
C PHE D 220 12.35 -22.20 20.97
N ASN D 221 12.76 -23.46 21.14
CA ASN D 221 12.28 -24.52 20.26
C ASN D 221 11.13 -25.34 20.82
N LEU D 222 10.45 -24.81 21.84
CA LEU D 222 9.20 -25.42 22.33
C LEU D 222 8.22 -25.59 21.17
N ILE D 223 8.05 -24.53 20.37
CA ILE D 223 7.10 -24.55 19.26
C ILE D 223 7.47 -25.59 18.21
N ASN D 224 8.77 -25.85 18.08
CA ASN D 224 9.24 -26.90 17.20
C ASN D 224 8.91 -28.29 17.73
N TRP D 225 9.07 -28.48 19.03
CA TRP D 225 8.69 -29.74 19.67
C TRP D 225 7.20 -30.00 19.52
N VAL D 226 6.41 -29.01 19.91
CA VAL D 226 4.95 -29.05 19.78
C VAL D 226 4.55 -29.40 18.36
N ASN D 227 5.17 -28.73 17.39
CA ASN D 227 4.84 -28.95 16.00
C ASN D 227 5.06 -30.39 15.58
N LYS D 228 6.25 -30.91 15.85
CA LYS D 228 6.62 -32.26 15.45
C LYS D 228 5.73 -33.26 16.18
N TYR D 229 5.55 -33.06 17.48
CA TYR D 229 4.61 -33.86 18.26
C TYR D 229 3.21 -33.90 17.62
N CYS D 230 2.62 -32.72 17.36
CA CYS D 230 1.25 -32.64 16.87
C CYS D 230 1.08 -33.21 15.47
N VAL D 231 2.12 -33.13 14.65
CA VAL D 231 2.12 -33.73 13.31
C VAL D 231 2.09 -35.26 13.43
N ARG D 232 2.83 -35.77 14.40
CA ARG D 232 2.86 -37.22 14.67
C ARG D 232 1.51 -37.69 15.21
N ALA D 233 0.97 -36.94 16.18
CA ALA D 233 -0.28 -37.27 16.86
C ALA D 233 -1.59 -36.92 16.13
N ASN D 234 -1.49 -36.34 14.92
CA ASN D 234 -2.63 -35.74 14.23
C ASN D 234 -3.44 -34.83 15.15
N GLN D 235 -2.75 -33.87 15.77
CA GLN D 235 -3.35 -32.99 16.76
C GLN D 235 -3.34 -31.55 16.27
N PRO D 236 -4.54 -30.99 16.03
CA PRO D 236 -4.61 -29.60 15.64
C PRO D 236 -4.10 -28.70 16.76
N TYR D 237 -3.37 -27.65 16.38
CA TYR D 237 -2.95 -26.67 17.35
C TYR D 237 -2.92 -25.30 16.68
N ILE D 238 -2.92 -24.26 17.49
CA ILE D 238 -2.75 -22.90 17.02
C ILE D 238 -1.71 -22.22 17.93
N ASN D 239 -0.80 -21.46 17.31
CA ASN D 239 0.20 -20.74 18.07
C ASN D 239 -0.23 -19.27 18.19
N ALA D 240 0.02 -18.66 19.34
CA ALA D 240 -0.24 -17.22 19.53
C ALA D 240 0.76 -16.61 20.48
N GLY D 241 1.02 -15.32 20.29
CA GLY D 241 1.95 -14.60 21.13
C GLY D 241 2.24 -13.21 20.60
N TYR D 242 3.48 -12.77 20.77
CA TYR D 242 3.91 -11.44 20.35
C TYR D 242 5.43 -11.45 20.22
N VAL D 243 5.94 -10.53 19.39
CA VAL D 243 7.35 -10.20 19.35
C VAL D 243 7.40 -8.71 19.63
N ASN D 244 7.77 -8.35 20.87
CA ASN D 244 7.68 -6.99 21.38
C ASN D 244 6.30 -6.36 21.02
N ASP D 245 6.30 -5.29 20.23
CA ASP D 245 5.08 -4.54 19.89
C ASP D 245 4.18 -5.16 18.80
N ILE D 246 4.57 -6.30 18.24
CA ILE D 246 3.74 -6.96 17.22
C ILE D 246 2.94 -8.12 17.82
N ALA D 247 1.63 -8.11 17.68
CA ALA D 247 0.78 -9.24 18.07
C ALA D 247 0.85 -10.33 17.03
N VAL D 248 0.99 -11.58 17.48
CA VAL D 248 1.11 -12.70 16.54
C VAL D 248 0.10 -13.80 16.84
N PHE D 249 -0.59 -14.28 15.80
CA PHE D 249 -1.36 -15.50 15.94
C PHE D 249 -1.28 -16.37 14.68
N GLY D 250 -1.37 -17.68 14.87
CA GLY D 250 -1.10 -18.63 13.79
C GLY D 250 0.33 -19.16 13.76
N PRO D 251 0.56 -20.25 13.03
CA PRO D 251 -0.46 -20.83 12.16
C PRO D 251 -1.45 -21.69 12.92
N LEU D 252 -2.55 -22.04 12.24
CA LEU D 252 -3.49 -23.02 12.74
C LEU D 252 -3.26 -24.30 11.95
N TYR D 253 -2.61 -25.26 12.59
CA TYR D 253 -2.27 -26.52 11.93
C TYR D 253 -3.42 -27.51 12.01
N VAL D 254 -3.81 -28.03 10.85
CA VAL D 254 -4.85 -29.02 10.76
C VAL D 254 -4.23 -30.22 10.06
N PRO D 255 -4.15 -31.36 10.76
CA PRO D 255 -3.49 -32.56 10.20
C PRO D 255 -3.96 -32.90 8.78
N GLY D 256 -3.02 -32.93 7.85
CA GLY D 256 -3.27 -33.35 6.47
C GLY D 256 -3.95 -32.31 5.59
N LYS D 257 -4.15 -31.11 6.12
CA LYS D 257 -4.94 -30.10 5.41
C LYS D 257 -4.16 -28.81 5.19
N THR D 258 -3.45 -28.36 6.22
CA THR D 258 -2.68 -27.12 6.17
C THR D 258 -1.20 -27.45 6.21
N GLY D 259 -0.38 -26.41 6.09
CA GLY D 259 1.06 -26.53 6.32
C GLY D 259 1.34 -26.56 7.81
N CYS D 260 2.54 -27.00 8.17
CA CYS D 260 2.97 -27.02 9.57
C CYS D 260 3.99 -25.91 9.81
N TYR D 261 4.46 -25.78 11.06
CA TYR D 261 5.33 -24.68 11.45
C TYR D 261 6.64 -24.70 10.65
N GLU D 262 7.02 -25.90 10.22
CA GLU D 262 8.27 -26.19 9.53
C GLU D 262 8.27 -26.02 8.00
N CYS D 263 7.10 -26.15 7.37
CA CYS D 263 6.97 -26.17 5.91
C CYS D 263 7.77 -25.08 5.17
N GLN D 264 7.81 -23.88 5.74
CA GLN D 264 8.41 -22.75 5.07
C GLN D 264 9.63 -22.19 5.82
N GLU D 276 34.70 -17.22 16.01
CA GLU D 276 33.45 -17.51 16.74
C GLU D 276 33.43 -17.02 18.19
N ASN D 277 34.35 -16.12 18.53
CA ASN D 277 34.22 -15.34 19.76
C ASN D 277 33.20 -14.21 19.52
N ILE D 278 32.45 -14.36 18.43
CA ILE D 278 31.25 -13.58 18.17
C ILE D 278 30.06 -14.38 18.69
N ASP D 279 30.23 -15.69 18.83
CA ASP D 279 29.17 -16.60 19.22
C ASP D 279 28.74 -16.37 20.66
N HIS D 280 29.70 -16.39 21.58
CA HIS D 280 29.41 -16.12 22.99
C HIS D 280 28.77 -14.74 23.22
N LYS D 281 28.94 -13.81 22.27
CA LYS D 281 28.36 -12.47 22.38
C LYS D 281 26.91 -12.45 21.97
N ILE D 282 26.58 -13.06 20.82
CA ILE D 282 25.18 -13.12 20.42
C ILE D 282 24.36 -14.01 21.36
N LYS D 283 24.94 -15.13 21.79
CA LYS D 283 24.25 -16.06 22.70
C LYS D 283 23.97 -15.39 24.05
N LEU D 284 24.91 -14.57 24.50
CA LEU D 284 24.74 -13.89 25.76
C LEU D 284 23.65 -12.84 25.67
N ILE D 285 23.72 -11.98 24.66
CA ILE D 285 22.70 -10.97 24.43
C ILE D 285 21.31 -11.62 24.36
N ASN D 286 21.19 -12.69 23.59
CA ASN D 286 19.90 -13.34 23.43
C ASN D 286 19.40 -14.06 24.68
N SER D 287 20.33 -14.45 25.56
CA SER D 287 19.96 -15.13 26.80
C SER D 287 19.29 -14.17 27.79
N ARG D 288 19.53 -12.88 27.60
CA ARG D 288 18.98 -11.82 28.46
C ARG D 288 17.67 -11.21 27.93
N PHE D 289 17.22 -11.65 26.76
CA PHE D 289 16.06 -11.07 26.11
C PHE D 289 14.81 -11.16 27.01
N LYS D 290 14.14 -10.03 27.23
CA LYS D 290 12.78 -10.03 27.80
C LYS D 290 11.92 -9.18 26.85
N PRO D 291 10.72 -9.67 26.47
CA PRO D 291 9.90 -8.92 25.51
C PRO D 291 9.47 -7.55 26.07
N ALA D 292 9.51 -6.53 25.23
CA ALA D 292 9.06 -5.19 25.56
C ALA D 292 7.69 -5.09 24.96
N THR D 293 6.69 -5.30 25.79
CA THR D 293 5.35 -5.41 25.30
C THR D 293 4.34 -4.93 26.35
N PHE D 294 3.08 -5.21 26.05
CA PHE D 294 2.03 -4.25 26.23
C PHE D 294 0.73 -5.04 26.25
N ALA D 295 -0.10 -4.87 27.29
CA ALA D 295 -1.40 -5.56 27.35
C ALA D 295 -2.21 -5.50 26.04
N PRO D 296 -2.34 -4.30 25.43
CA PRO D 296 -3.08 -4.25 24.18
C PRO D 296 -2.58 -5.19 23.08
N VAL D 297 -1.25 -5.33 22.96
CA VAL D 297 -0.65 -6.28 22.02
C VAL D 297 -1.06 -7.72 22.36
N ASN D 298 -0.80 -8.09 23.61
CA ASN D 298 -1.18 -9.41 24.15
C ASN D 298 -2.64 -9.71 23.86
N ASN D 299 -3.51 -8.74 24.13
CA ASN D 299 -4.95 -8.98 24.03
C ASN D 299 -5.43 -9.15 22.59
N VAL D 300 -4.79 -8.44 21.66
CA VAL D 300 -5.13 -8.54 20.25
C VAL D 300 -4.81 -9.96 19.76
N ALA D 301 -3.59 -10.42 20.05
CA ALA D 301 -3.17 -11.77 19.67
C ALA D 301 -4.12 -12.83 20.23
N ALA D 302 -4.40 -12.71 21.51
CA ALA D 302 -5.27 -13.68 22.18
C ALA D 302 -6.69 -13.69 21.62
N ALA D 303 -7.22 -12.49 21.33
CA ALA D 303 -8.59 -12.37 20.84
C ALA D 303 -8.72 -13.06 19.48
N LEU D 304 -7.82 -12.75 18.56
CA LEU D 304 -7.86 -13.35 17.23
C LEU D 304 -7.51 -14.84 17.29
N CYS D 305 -6.62 -15.21 18.20
CA CYS D 305 -6.42 -16.65 18.43
C CYS D 305 -7.71 -17.34 18.85
N ALA D 306 -8.42 -16.78 19.83
CA ALA D 306 -9.71 -17.35 20.32
C ALA D 306 -10.76 -17.46 19.22
N ALA D 307 -10.88 -16.43 18.40
CA ALA D 307 -11.78 -16.49 17.20
C ALA D 307 -11.46 -17.65 16.24
N ASP D 308 -10.18 -17.88 15.95
CA ASP D 308 -9.79 -18.99 15.09
C ASP D 308 -10.15 -20.34 15.74
N VAL D 309 -10.08 -20.41 17.07
CA VAL D 309 -10.41 -21.65 17.80
C VAL D 309 -11.94 -21.91 17.71
N ILE D 310 -12.73 -20.87 17.94
CA ILE D 310 -14.19 -20.99 17.86
C ILE D 310 -14.65 -21.33 16.45
N LYS D 311 -14.02 -20.72 15.45
CA LYS D 311 -14.36 -20.98 14.05
C LYS D 311 -13.93 -22.38 13.62
N PHE D 312 -12.74 -22.78 14.03
CA PHE D 312 -12.27 -24.14 13.78
C PHE D 312 -13.22 -25.23 14.35
N ILE D 313 -13.57 -25.14 15.63
CA ILE D 313 -14.49 -26.09 16.26
C ILE D 313 -15.95 -25.89 15.80
N GLY D 314 -16.40 -24.64 15.69
CA GLY D 314 -17.79 -24.36 15.31
C GLY D 314 -18.10 -24.62 13.84
N LYS D 315 -17.07 -24.59 13.01
CA LYS D 315 -17.15 -24.95 11.60
C LYS D 315 -17.97 -23.99 10.73
N TYR D 316 -18.20 -22.76 11.21
CA TYR D 316 -19.11 -21.83 10.52
C TYR D 316 -18.43 -20.81 9.58
N SER D 317 -17.12 -20.65 9.76
CA SER D 317 -16.35 -19.69 8.99
C SER D 317 -14.91 -20.17 8.99
N GLU D 318 -14.14 -19.81 7.96
CA GLU D 318 -12.76 -20.26 7.84
C GLU D 318 -11.87 -19.51 8.84
N PRO D 319 -11.15 -20.24 9.72
CA PRO D 319 -10.18 -19.56 10.57
C PRO D 319 -9.22 -18.72 9.72
N LEU D 320 -8.84 -17.53 10.21
CA LEU D 320 -7.93 -16.66 9.45
C LEU D 320 -6.54 -17.23 9.32
N SER D 321 -6.05 -17.94 10.34
CA SER D 321 -4.63 -18.29 10.39
C SER D 321 -4.28 -19.69 9.87
N LEU D 322 -5.19 -20.29 9.11
CA LEU D 322 -4.87 -21.48 8.33
C LEU D 322 -3.77 -21.14 7.34
N ASN D 323 -2.67 -21.91 7.39
CA ASN D 323 -1.53 -21.68 6.50
C ASN D 323 -0.87 -20.31 6.61
N LYS D 324 -1.09 -19.61 7.72
CA LYS D 324 -0.55 -18.24 7.90
C LYS D 324 -0.11 -17.98 9.33
N ARG D 325 0.96 -17.20 9.47
CA ARG D 325 1.32 -16.60 10.73
C ARG D 325 1.05 -15.12 10.56
N ILE D 326 0.02 -14.63 11.27
CA ILE D 326 -0.44 -13.27 11.10
C ILE D 326 0.08 -12.33 12.18
N GLY D 327 0.59 -11.17 11.75
CA GLY D 327 1.06 -10.16 12.66
C GLY D 327 0.21 -8.91 12.58
N ILE D 328 -0.04 -8.31 13.74
CA ILE D 328 -0.76 -7.05 13.82
C ILE D 328 0.15 -6.09 14.58
N TRP D 329 0.54 -5.02 13.88
CA TRP D 329 1.41 -3.98 14.42
C TRP D 329 0.64 -3.05 15.39
N SER D 330 1.35 -2.47 16.35
CA SER D 330 0.75 -1.54 17.29
C SER D 330 1.27 -0.10 17.16
N ASP D 331 2.44 0.08 16.54
CA ASP D 331 2.93 1.45 16.31
C ASP D 331 2.67 2.00 14.91
N GLU D 332 1.97 1.22 14.11
CA GLU D 332 1.41 1.66 12.85
C GLU D 332 0.19 0.80 12.55
N ILE D 333 -0.59 1.20 11.56
CA ILE D 333 -1.78 0.46 11.16
C ILE D 333 -1.39 -0.56 10.11
N LYS D 334 -1.28 -1.82 10.52
CA LYS D 334 -0.72 -2.84 9.65
C LYS D 334 -1.07 -4.23 10.17
N ILE D 335 -1.65 -5.04 9.28
CA ILE D 335 -1.76 -6.47 9.46
C ILE D 335 -1.05 -7.13 8.28
N HIS D 336 -0.21 -8.12 8.59
CA HIS D 336 0.51 -8.84 7.56
C HIS D 336 0.68 -10.32 7.89
N SER D 337 0.60 -11.16 6.87
CA SER D 337 0.72 -12.60 7.05
C SER D 337 1.98 -13.17 6.41
N GLN D 338 2.60 -14.08 7.15
CA GLN D 338 3.72 -14.86 6.64
C GLN D 338 3.13 -16.21 6.22
N ASN D 339 3.46 -16.63 5.01
CA ASN D 339 2.96 -17.87 4.44
C ASN D 339 3.50 -19.12 5.14
N MET D 340 2.58 -19.98 5.56
CA MET D 340 2.93 -21.26 6.18
C MET D 340 2.16 -22.35 5.45
N GLY D 341 2.03 -22.18 4.13
CA GLY D 341 1.32 -23.15 3.29
C GLY D 341 2.13 -24.44 3.20
N ARG D 342 1.46 -25.53 2.83
CA ARG D 342 2.12 -26.83 2.86
C ARG D 342 3.23 -26.95 1.80
N SER D 343 4.34 -27.56 2.21
CA SER D 343 5.50 -27.73 1.36
C SER D 343 5.82 -29.22 1.24
N PRO D 344 5.81 -29.77 0.01
CA PRO D 344 6.01 -31.21 -0.15
C PRO D 344 7.44 -31.68 0.20
N VAL D 345 8.35 -30.74 0.44
CA VAL D 345 9.74 -31.03 0.82
C VAL D 345 9.96 -30.89 2.35
N CYS D 346 8.86 -30.74 3.08
CA CYS D 346 8.95 -30.48 4.52
C CYS D 346 9.60 -31.62 5.31
N SER D 347 10.46 -31.21 6.25
CA SER D 347 11.17 -32.13 7.13
C SER D 347 10.27 -32.85 8.13
N VAL D 348 9.18 -32.20 8.55
CA VAL D 348 8.31 -32.75 9.60
C VAL D 348 7.08 -33.46 9.04
N CYS D 349 6.30 -32.75 8.22
CA CYS D 349 5.09 -33.30 7.64
C CYS D 349 5.38 -33.73 6.21
N GLY D 350 4.54 -34.57 5.63
CA GLY D 350 4.83 -35.16 4.32
C GLY D 350 6.19 -35.87 4.28
ZN ZN E . 25.86 2.51 -41.99
MG MG F . 23.31 -3.65 -16.24
PG ATP G . 21.64 -2.96 -12.89
O1G ATP G . 21.95 -3.91 -11.76
O2G ATP G . 21.00 -1.67 -12.46
O3G ATP G . 22.74 -2.77 -13.92
PB ATP G . 20.65 -5.09 -14.49
O1B ATP G . 19.93 -6.20 -13.75
O2B ATP G . 22.09 -5.30 -14.90
O3B ATP G . 20.44 -3.72 -13.67
PA ATP G . 19.97 -3.60 -16.81
O1A ATP G . 18.84 -2.65 -16.48
O2A ATP G . 21.40 -3.12 -16.88
O3A ATP G . 19.79 -4.86 -15.82
O5' ATP G . 19.64 -4.30 -18.23
C5' ATP G . 20.62 -4.98 -19.00
C4' ATP G . 20.20 -6.44 -19.10
O4' ATP G . 20.78 -6.99 -20.28
C3' ATP G . 20.67 -7.29 -17.92
O3' ATP G . 19.60 -8.18 -17.54
C2' ATP G . 21.86 -8.08 -18.46
O2' ATP G . 21.96 -9.39 -17.90
C1' ATP G . 21.56 -8.15 -19.94
N9 ATP G . 22.79 -8.15 -20.75
C8 ATP G . 23.77 -7.22 -20.72
N7 ATP G . 24.75 -7.53 -21.61
C5 ATP G . 24.39 -8.68 -22.21
C6 ATP G . 24.96 -9.56 -23.25
N6 ATP G . 26.15 -9.24 -23.79
N1 ATP G . 24.27 -10.66 -23.61
C2 ATP G . 23.08 -10.98 -23.05
N3 ATP G . 22.49 -10.23 -22.09
C4 ATP G . 23.09 -9.09 -21.65
S SO4 H . -31.34 21.49 -35.89
O1 SO4 H . -30.70 22.72 -36.33
O2 SO4 H . -32.69 21.49 -36.45
O3 SO4 H . -30.60 20.33 -36.40
O4 SO4 H . -31.41 21.46 -34.43
ZN ZN I . -5.62 29.82 -9.13
MG MG J . -11.17 5.29 -17.33
PG ATP K . -10.86 2.55 -19.15
O1G ATP K . -12.15 1.77 -19.05
O2G ATP K . -9.88 2.06 -20.19
O3G ATP K . -10.95 4.06 -19.09
PB ATP K . -10.30 2.50 -16.29
O1B ATP K . -10.58 1.21 -15.56
O2B ATP K . -11.32 3.62 -16.20
O3B ATP K . -10.02 2.12 -17.83
PA ATP K . -8.13 4.35 -16.25
O1A ATP K . -6.80 4.05 -16.87
O2A ATP K . -9.15 5.20 -16.95
O3A ATP K . -8.86 2.98 -15.78
O5' ATP K . -7.81 5.02 -14.83
C5' ATP K . -8.72 5.86 -14.14
C4' ATP K . -8.91 5.24 -12.75
O4' ATP K . -9.36 6.25 -11.83
C3' ATP K . -9.94 4.11 -12.77
O3' ATP K . -9.40 2.98 -12.05
C2' ATP K . -11.16 4.72 -12.09
O2' ATP K . -11.88 3.78 -11.29
C1' ATP K . -10.57 5.81 -11.22
N9 ATP K . -11.50 6.94 -11.11
C8 ATP K . -12.01 7.70 -12.10
N7 ATP K . -12.83 8.65 -11.59
C5 ATP K . -12.87 8.49 -10.26
C6 ATP K . -13.54 9.14 -9.11
N6 ATP K . -14.37 10.18 -9.29
N1 ATP K . -13.27 8.65 -7.87
C2 ATP K . -12.45 7.60 -7.66
N3 ATP K . -11.82 6.96 -8.65
C4 ATP K . -11.99 7.36 -9.95
ZN ZN L . -14.78 18.95 12.83
MG MG M . -25.58 -2.70 24.18
PG ATP N . -25.95 -5.87 24.68
O1G ATP N . -27.30 -6.00 25.31
O2G ATP N . -25.34 -7.17 24.19
O3G ATP N . -25.83 -4.73 23.70
PB ATP N . -24.89 -4.23 26.78
O1B ATP N . -25.10 -4.73 28.19
O2B ATP N . -25.85 -3.20 26.24
O3B ATP N . -24.90 -5.54 25.86
PA ATP N . -22.63 -3.13 25.46
O1A ATP N . -21.47 -4.05 25.13
O2A ATP N . -23.65 -2.83 24.42
O3A ATP N . -23.38 -3.69 26.77
O5' ATP N . -21.98 -1.75 26.01
C5' ATP N . -22.66 -0.50 25.92
C4' ATP N . -22.69 0.09 27.33
O4' ATP N . -22.87 1.52 27.27
C3' ATP N . -23.84 -0.47 28.15
O3' ATP N . -23.38 -0.80 29.47
C2' ATP N . -24.87 0.63 28.19
O2' ATP N . -25.63 0.62 29.41
C1' ATP N . -24.02 1.89 28.05
N9 ATP N . -24.76 2.99 27.41
C8 ATP N . -25.36 2.97 26.21
N7 ATP N . -25.93 4.16 25.92
C5 ATP N . -25.69 4.98 26.97
C6 ATP N . -26.03 6.39 27.32
N6 ATP N . -26.76 7.16 26.47
N1 ATP N . -25.57 6.87 28.51
C2 ATP N . -24.86 6.11 29.36
N3 ATP N . -24.52 4.82 29.10
C4 ATP N . -24.91 4.21 27.94
ZN ZN O . 5.48 -29.21 7.28
MG MG P . 6.97 -15.21 29.90
PG ATP Q . 6.58 -12.42 32.22
O1G ATP Q . 7.24 -12.63 33.55
O2G ATP Q . 6.13 -11.00 31.95
O3G ATP Q . 7.32 -13.05 31.07
PB ATP Q . 5.03 -14.80 32.44
O1B ATP Q . 4.66 -15.06 33.88
O2B ATP Q . 6.25 -15.52 31.88
O3B ATP Q . 5.16 -13.21 32.31
PA ATP Q . 3.70 -14.95 29.90
O1A ATP Q . 2.75 -13.84 29.58
O2A ATP Q . 5.11 -14.89 29.36
O3A ATP Q . 3.74 -15.13 31.52
O5' ATP Q . 3.01 -16.31 29.38
C5' ATP Q . 3.73 -17.50 29.07
C4' ATP Q . 3.16 -18.61 29.96
O4' ATP Q . 3.55 -19.86 29.41
C3' ATP Q . 3.71 -18.51 31.37
O3' ATP Q . 2.65 -18.65 32.34
C2' ATP Q . 4.69 -19.65 31.49
O2' ATP Q . 4.70 -20.20 32.81
C1' ATP Q . 4.18 -20.63 30.44
N9 ATP Q . 5.28 -21.44 29.86
C8 ATP Q . 6.40 -21.02 29.24
N7 ATP Q . 7.16 -22.07 28.85
C5 ATP Q . 6.52 -23.20 29.22
C6 ATP Q . 6.75 -24.66 29.12
N6 ATP Q . 7.87 -25.17 28.54
N1 ATP Q . 5.82 -25.48 29.65
C2 ATP Q . 4.70 -25.02 30.25
N3 ATP Q . 4.42 -23.71 30.38
C4 ATP Q . 5.28 -22.77 29.89
#